data_2VL8
#
_entry.id   2VL8
#
_cell.length_a   57.689
_cell.length_b   191.332
_cell.length_c   205.384
_cell.angle_alpha   90.00
_cell.angle_beta   90.00
_cell.angle_gamma   90.00
#
_symmetry.space_group_name_H-M   'P 21 21 21'
#
loop_
_entity.id
_entity.type
_entity.pdbx_description
1 polymer 'CYTOTOXIN L'
2 non-polymer "URIDINE-5'-DIPHOSPHATE"
3 non-polymer CASTANOSPERMINE
4 non-polymer 'CALCIUM ION'
5 water water
#
_entity_poly.entity_id   1
_entity_poly.type   'polypeptide(L)'
_entity_poly.pdbx_seq_one_letter_code
;MNLVNKAQLQKMAYVKFRIQEDEYVAILNALEEYHNMSESSVVEKYLKLKDINNLTDNYLNTYKKSGRNKALKKFKEYLT
MEVLELKNNSLTPVEKNLHFIWIGGQINDTAINYINQWKDVNSDYTVKVFYDSNAFLINTLKKTIVESATNNTLESFREN
LNDPEFDYNKFYRKRMEIIYDKQKHFIDYYKSQIEENPEFIIDNIIKTYLSNEYSKDLEALNKYIEESLNKITANNGNDI
RNLEKFADEDLVRLYNQELVERWNLAAASDILRISMLKEDGGVYLDVDMLPGIQPDLFKSINKPDSITNTSWEMIKLEAI
MKYKEYIPGYTSKNFDMLDEEVQRSFESALSSKSDKSEIFLPLDDIKVSPLEVKIAFANNSVINQALISLKDSYCSDLVI
NQIKNRYKILNDNLNPSINEGTDFNTTMKIFSDKLASISNEDNMMFMIKITNYLKVGFAPDVRSTINLSGPGVYTGAYQD
LLMFKDNSTNIHLLEPELRNFEFPKTKISQLTEQEITSLWSFNQARAKSQFEEYKKGYFEGALGED
;
_entity_poly.pdbx_strand_id   A,B,C
#
# COMPACT_ATOMS: atom_id res chain seq x y z
N MET A 1 23.07 -3.72 21.51
CA MET A 1 22.02 -3.53 22.55
C MET A 1 21.10 -4.76 22.77
N ASN A 2 21.49 -5.91 22.20
CA ASN A 2 20.87 -7.22 22.53
C ASN A 2 21.21 -7.63 23.96
N LEU A 3 20.23 -8.18 24.69
CA LEU A 3 20.50 -8.64 26.06
C LEU A 3 21.52 -9.77 26.14
N VAL A 4 22.51 -9.54 26.98
CA VAL A 4 23.50 -10.54 27.37
C VAL A 4 22.91 -11.95 27.65
N ASN A 5 23.61 -12.97 27.16
CA ASN A 5 23.41 -14.39 27.52
C ASN A 5 23.59 -14.69 29.00
N LYS A 6 23.03 -15.83 29.41
CA LYS A 6 23.48 -16.50 30.63
C LYS A 6 25.02 -16.64 30.66
N ALA A 7 25.60 -17.18 29.59
CA ALA A 7 27.05 -17.41 29.49
C ALA A 7 27.87 -16.13 29.56
N GLN A 8 27.42 -15.09 28.86
CA GLN A 8 28.05 -13.77 28.89
C GLN A 8 27.93 -13.13 30.26
N LEU A 9 26.81 -13.37 30.94
CA LEU A 9 26.65 -12.86 32.29
C LEU A 9 27.63 -13.53 33.26
N GLN A 10 27.79 -14.84 33.15
CA GLN A 10 28.84 -15.56 33.89
C GLN A 10 30.26 -14.99 33.72
N LYS A 11 30.59 -14.57 32.50
CA LYS A 11 31.86 -13.89 32.21
C LYS A 11 31.97 -12.55 32.93
N MET A 12 30.89 -11.75 32.90
CA MET A 12 30.93 -10.43 33.51
C MET A 12 31.10 -10.53 35.02
N ALA A 13 30.35 -11.46 35.62
CA ALA A 13 30.21 -11.56 37.06
C ALA A 13 31.18 -12.57 37.70
N TYR A 14 32.12 -13.07 36.91
CA TYR A 14 33.09 -14.05 37.36
C TYR A 14 34.00 -13.55 38.49
N VAL A 15 34.08 -14.34 39.56
CA VAL A 15 35.12 -14.18 40.58
C VAL A 15 35.79 -15.55 40.78
N LYS A 16 37.08 -15.65 40.41
CA LYS A 16 37.84 -16.89 40.57
C LYS A 16 37.66 -17.56 41.96
N PHE A 17 37.39 -18.87 41.92
CA PHE A 17 37.13 -19.72 43.10
C PHE A 17 35.86 -19.42 43.91
N ARG A 18 35.15 -18.34 43.60
CA ARG A 18 33.97 -18.01 44.40
C ARG A 18 32.85 -19.02 44.17
N ILE A 19 32.28 -19.52 45.27
CA ILE A 19 31.08 -20.35 45.25
C ILE A 19 29.90 -19.66 44.51
N GLN A 20 29.22 -20.42 43.66
CA GLN A 20 27.98 -19.99 43.00
C GLN A 20 26.87 -20.02 44.03
N GLU A 21 26.50 -18.84 44.51
CA GLU A 21 25.45 -18.69 45.53
C GLU A 21 24.08 -18.98 44.91
N ASP A 22 23.16 -19.49 45.73
CA ASP A 22 21.76 -19.79 45.30
C ASP A 22 21.11 -18.58 44.59
N GLU A 23 21.29 -17.42 45.20
CA GLU A 23 20.76 -16.17 44.71
C GLU A 23 21.34 -15.79 43.34
N TYR A 24 22.53 -16.32 43.03
CA TYR A 24 23.22 -16.02 41.76
C TYR A 24 22.79 -16.98 40.64
N VAL A 25 22.76 -18.28 40.96
CA VAL A 25 22.11 -19.30 40.13
C VAL A 25 20.71 -18.81 39.71
N ALA A 26 19.92 -18.38 40.67
CA ALA A 26 18.56 -17.90 40.41
C ALA A 26 18.54 -16.87 39.27
N ILE A 27 19.42 -15.86 39.33
CA ILE A 27 19.55 -14.86 38.25
C ILE A 27 19.82 -15.50 36.87
N LEU A 28 20.80 -16.42 36.84
CA LEU A 28 21.26 -17.10 35.63
C LEU A 28 20.19 -18.01 35.02
N ASN A 29 19.52 -18.77 35.87
CA ASN A 29 18.36 -19.55 35.46
C ASN A 29 17.32 -18.66 34.79
N ALA A 30 16.90 -17.62 35.50
CA ALA A 30 15.90 -16.69 35.01
C ALA A 30 16.27 -16.01 33.69
N LEU A 31 17.54 -15.62 33.53
CA LEU A 31 17.99 -14.93 32.33
C LEU A 31 17.97 -15.89 31.14
N GLU A 32 18.30 -17.15 31.40
CA GLU A 32 18.26 -18.19 30.40
C GLU A 32 16.84 -18.36 29.89
N GLU A 33 15.87 -18.44 30.80
CA GLU A 33 14.49 -18.64 30.39
C GLU A 33 13.86 -17.43 29.68
N TYR A 34 14.37 -16.22 29.97
CA TYR A 34 14.03 -15.01 29.20
C TYR A 34 14.41 -15.20 27.72
N HIS A 35 15.64 -15.65 27.47
CA HIS A 35 16.09 -15.85 26.10
C HIS A 35 15.33 -16.99 25.38
N ASN A 36 14.64 -17.82 26.16
CA ASN A 36 13.74 -18.87 25.62
C ASN A 36 12.28 -18.44 25.41
N MET A 37 11.99 -17.14 25.58
CA MET A 37 10.61 -16.62 25.47
C MET A 37 10.30 -15.81 24.21
N SER A 38 11.03 -16.03 23.13
CA SER A 38 10.83 -15.28 21.87
C SER A 38 9.38 -15.26 21.32
N GLU A 39 8.63 -16.33 21.57
CA GLU A 39 7.23 -16.40 21.13
C GLU A 39 6.27 -15.64 22.07
N SER A 40 6.72 -15.38 23.29
CA SER A 40 5.90 -14.68 24.30
C SER A 40 5.53 -13.25 23.90
N SER A 41 4.39 -12.79 24.41
CA SER A 41 3.95 -11.41 24.27
C SER A 41 4.95 -10.43 24.91
N VAL A 42 4.90 -9.17 24.47
CA VAL A 42 5.85 -8.17 24.91
C VAL A 42 5.71 -7.90 26.41
N VAL A 43 4.47 -7.83 26.89
CA VAL A 43 4.20 -7.71 28.32
C VAL A 43 4.79 -8.88 29.11
N GLU A 44 4.56 -10.09 28.65
CA GLU A 44 5.18 -11.24 29.32
C GLU A 44 6.72 -11.13 29.38
N LYS A 45 7.33 -10.74 28.28
CA LYS A 45 8.78 -10.52 28.21
C LYS A 45 9.23 -9.42 29.20
N TYR A 46 8.49 -8.32 29.23
CA TYR A 46 8.77 -7.27 30.17
C TYR A 46 8.70 -7.79 31.62
N LEU A 47 7.67 -8.55 31.94
CA LEU A 47 7.48 -9.09 33.28
C LEU A 47 8.63 -10.04 33.66
N LYS A 48 9.13 -10.81 32.72
CA LYS A 48 10.28 -11.65 32.98
C LYS A 48 11.53 -10.79 33.28
N LEU A 49 11.80 -9.76 32.46
CA LEU A 49 12.90 -8.83 32.76
C LEU A 49 12.76 -8.29 34.17
N LYS A 50 11.53 -7.92 34.53
CA LYS A 50 11.24 -7.37 35.84
C LYS A 50 11.51 -8.33 37.01
N ASP A 51 11.15 -9.62 36.82
CA ASP A 51 11.42 -10.64 37.82
C ASP A 51 12.95 -10.74 37.94
N ILE A 52 13.64 -10.63 36.82
CA ILE A 52 15.13 -10.71 36.79
C ILE A 52 15.83 -9.55 37.54
N ASN A 53 15.25 -8.36 37.49
CA ASN A 53 15.82 -7.19 38.13
C ASN A 53 15.72 -7.33 39.64
N ASN A 54 14.60 -7.90 40.07
CA ASN A 54 14.31 -8.11 41.46
C ASN A 54 15.21 -9.21 42.10
N LEU A 55 15.43 -10.30 41.36
CA LEU A 55 16.42 -11.33 41.73
C LEU A 55 17.84 -10.75 41.87
N THR A 56 18.14 -9.78 41.04
CA THR A 56 19.47 -9.25 40.99
C THR A 56 19.75 -8.44 42.23
N ASP A 57 18.83 -7.57 42.62
CA ASP A 57 19.18 -6.80 43.79
C ASP A 57 18.86 -7.53 45.11
N ASN A 58 18.17 -8.67 45.04
CA ASN A 58 18.16 -9.61 46.16
C ASN A 58 19.57 -10.18 46.42
N TYR A 59 20.30 -10.51 45.36
CA TYR A 59 21.71 -10.86 45.48
C TYR A 59 22.54 -9.69 46.07
N LEU A 60 22.33 -8.50 45.52
CA LEU A 60 23.15 -7.34 45.87
C LEU A 60 22.91 -6.95 47.29
N ASN A 61 21.68 -7.14 47.76
CA ASN A 61 21.33 -6.92 49.16
C ASN A 61 21.88 -8.02 50.09
N THR A 62 21.91 -9.27 49.62
CA THR A 62 22.36 -10.38 50.47
C THR A 62 23.90 -10.44 50.59
N TYR A 63 24.59 -10.14 49.50
CA TYR A 63 26.04 -10.08 49.47
C TYR A 63 26.48 -8.66 49.12
N LYS A 64 26.59 -7.80 50.14
CA LYS A 64 26.93 -6.39 49.88
C LYS A 64 28.40 -6.13 49.56
N LYS A 65 29.29 -7.03 50.02
CA LYS A 65 30.75 -6.93 49.76
C LYS A 65 31.22 -7.80 48.59
N SER A 66 30.31 -8.57 48.01
CA SER A 66 30.66 -9.48 46.91
C SER A 66 31.37 -8.78 45.77
N GLY A 67 32.30 -9.50 45.15
CA GLY A 67 33.02 -8.99 43.99
C GLY A 67 32.21 -9.13 42.71
N ARG A 68 31.01 -9.71 42.81
CA ARG A 68 30.13 -9.86 41.66
C ARG A 68 29.41 -8.56 41.43
N ASN A 69 29.28 -7.77 42.49
CA ASN A 69 28.36 -6.63 42.52
C ASN A 69 28.51 -5.57 41.44
N LYS A 70 29.73 -5.30 41.01
CA LYS A 70 29.97 -4.28 39.97
C LYS A 70 29.36 -4.70 38.63
N ALA A 71 29.53 -5.98 38.30
CA ALA A 71 29.00 -6.58 37.07
C ALA A 71 27.47 -6.65 37.12
N LEU A 72 26.93 -6.95 38.30
CA LEU A 72 25.50 -7.09 38.49
C LEU A 72 24.76 -5.75 38.42
N LYS A 73 25.41 -4.68 38.87
CA LYS A 73 24.91 -3.31 38.70
C LYS A 73 24.88 -2.92 37.21
N LYS A 74 25.93 -3.29 36.46
CA LYS A 74 25.94 -3.09 35.00
C LYS A 74 24.78 -3.82 34.33
N PHE A 75 24.67 -5.12 34.61
CA PHE A 75 23.59 -5.98 34.12
C PHE A 75 22.21 -5.35 34.29
N LYS A 76 21.93 -4.76 35.44
CA LYS A 76 20.69 -4.02 35.71
C LYS A 76 20.43 -2.84 34.74
N GLU A 77 21.51 -2.18 34.31
CA GLU A 77 21.44 -1.14 33.29
C GLU A 77 21.12 -1.74 31.92
N TYR A 78 21.61 -2.96 31.70
CA TYR A 78 21.35 -3.71 30.48
C TYR A 78 19.90 -4.14 30.40
N LEU A 79 19.31 -4.43 31.56
CA LEU A 79 17.92 -4.81 31.62
C LEU A 79 17.07 -3.62 31.22
N THR A 80 17.40 -2.45 31.78
CA THR A 80 16.76 -1.20 31.40
C THR A 80 16.88 -0.88 29.90
N MET A 81 18.08 -1.08 29.33
CA MET A 81 18.25 -0.96 27.89
C MET A 81 17.28 -1.89 27.18
N GLU A 82 17.13 -3.11 27.69
CA GLU A 82 16.30 -4.13 27.03
C GLU A 82 14.80 -3.76 26.97
N VAL A 83 14.32 -2.98 27.93
CA VAL A 83 12.94 -2.48 27.92
C VAL A 83 12.72 -1.62 26.66
N LEU A 84 13.68 -0.75 26.37
CA LEU A 84 13.59 0.12 25.21
C LEU A 84 13.57 -0.69 23.91
N GLU A 85 14.39 -1.73 23.85
CA GLU A 85 14.44 -2.58 22.67
C GLU A 85 13.14 -3.35 22.41
N LEU A 86 12.54 -3.88 23.47
CA LEU A 86 11.22 -4.51 23.41
C LEU A 86 10.20 -3.50 22.91
N LYS A 87 10.21 -2.32 23.52
CA LYS A 87 9.34 -1.22 23.15
C LYS A 87 9.46 -0.83 21.68
N ASN A 88 10.69 -0.70 21.19
CA ASN A 88 10.93 -0.24 19.82
C ASN A 88 10.57 -1.32 18.80
N ASN A 89 10.58 -2.57 19.24
CA ASN A 89 10.37 -3.72 18.38
C ASN A 89 8.98 -4.30 18.45
N SER A 90 8.09 -3.63 19.17
CA SER A 90 6.75 -4.14 19.40
C SER A 90 5.68 -3.15 18.97
N LEU A 91 5.98 -2.34 17.97
CA LEU A 91 5.08 -1.28 17.56
C LEU A 91 3.92 -1.82 16.75
N THR A 92 2.73 -1.22 16.94
CA THR A 92 1.53 -1.57 16.19
C THR A 92 0.51 -0.41 16.17
N PRO A 93 -0.23 -0.24 15.06
CA PRO A 93 -1.05 0.96 14.95
C PRO A 93 -2.13 1.06 16.05
N VAL A 94 -2.24 2.24 16.66
CA VAL A 94 -3.24 2.48 17.66
C VAL A 94 -4.65 2.33 17.03
N GLU A 95 -5.62 1.96 17.87
CA GLU A 95 -7.04 2.07 17.49
C GLU A 95 -7.30 3.51 17.02
N LYS A 96 -8.10 3.66 15.97
CA LYS A 96 -8.33 4.95 15.34
C LYS A 96 -9.50 5.72 15.97
N ASN A 97 -9.28 6.06 17.22
CA ASN A 97 -10.21 6.85 18.00
C ASN A 97 -9.47 8.09 18.35
N LEU A 98 -10.18 9.20 18.26
CA LEU A 98 -9.61 10.49 18.55
C LEU A 98 -10.48 11.05 19.66
N HIS A 99 -9.88 11.33 20.84
CA HIS A 99 -10.62 11.75 22.06
C HIS A 99 -10.37 13.20 22.43
N PHE A 100 -11.43 13.90 22.83
CA PHE A 100 -11.36 15.23 23.41
C PHE A 100 -12.25 15.19 24.63
N ILE A 101 -12.16 16.20 25.50
CA ILE A 101 -12.96 16.22 26.70
C ILE A 101 -13.41 17.65 26.96
N TRP A 102 -14.72 17.86 27.16
CA TRP A 102 -15.17 19.12 27.70
C TRP A 102 -16.23 18.90 28.75
N ILE A 103 -15.86 19.19 30.01
CA ILE A 103 -16.74 18.98 31.15
C ILE A 103 -17.00 20.23 32.00
N GLY A 104 -18.17 20.25 32.63
CA GLY A 104 -18.47 21.22 33.70
C GLY A 104 -19.08 22.53 33.21
N GLY A 105 -19.43 22.58 31.92
CA GLY A 105 -20.02 23.78 31.36
C GLY A 105 -20.17 23.61 29.88
N GLN A 106 -20.78 24.62 29.22
CA GLN A 106 -20.96 24.62 27.78
C GLN A 106 -19.66 24.73 26.98
N ILE A 107 -19.48 23.84 26.00
CA ILE A 107 -18.35 23.90 25.08
C ILE A 107 -18.39 25.23 24.30
N ASN A 108 -17.27 25.94 24.22
CA ASN A 108 -17.15 27.19 23.43
C ASN A 108 -17.05 26.84 21.94
N ASP A 109 -17.33 27.81 21.07
CA ASP A 109 -17.15 27.64 19.63
C ASP A 109 -15.68 27.52 19.24
N THR A 110 -14.80 28.21 19.97
CA THR A 110 -13.36 28.06 19.77
C THR A 110 -12.93 26.60 19.89
N ALA A 111 -13.35 25.90 20.93
CA ALA A 111 -13.08 24.47 21.05
C ALA A 111 -13.62 23.68 19.84
N ILE A 112 -14.87 23.93 19.47
CA ILE A 112 -15.49 23.28 18.30
C ILE A 112 -14.75 23.54 17.00
N ASN A 113 -14.30 24.77 16.79
CA ASN A 113 -13.56 25.11 15.58
C ASN A 113 -12.20 24.43 15.43
N TYR A 114 -11.49 24.23 16.55
CA TYR A 114 -10.23 23.47 16.56
C TYR A 114 -10.47 21.96 16.34
N ILE A 115 -11.42 21.38 17.07
CA ILE A 115 -11.83 20.00 16.92
C ILE A 115 -12.18 19.60 15.48
N ASN A 116 -12.95 20.47 14.81
CA ASN A 116 -13.32 20.30 13.41
C ASN A 116 -12.12 20.15 12.48
N GLN A 117 -11.04 20.87 12.77
CA GLN A 117 -9.83 20.75 11.95
C GLN A 117 -9.30 19.31 11.94
N TRP A 118 -9.27 18.68 13.11
CA TRP A 118 -8.91 17.28 13.25
C TRP A 118 -9.93 16.35 12.62
N LYS A 119 -11.20 16.71 12.72
CA LYS A 119 -12.28 15.92 12.16
C LYS A 119 -12.21 15.87 10.64
N ASP A 120 -11.92 17.02 10.02
CA ASP A 120 -11.94 17.18 8.56
C ASP A 120 -10.85 16.38 7.88
N VAL A 121 -9.75 16.18 8.58
CA VAL A 121 -8.54 15.63 7.98
C VAL A 121 -8.32 14.17 8.43
N ASN A 122 -9.15 13.70 9.34
CA ASN A 122 -9.07 12.32 9.86
C ASN A 122 -10.40 11.54 9.78
N SER A 123 -10.83 11.27 8.55
CA SER A 123 -12.09 10.57 8.28
C SER A 123 -12.06 9.15 8.77
N ASP A 124 -10.88 8.58 8.87
CA ASP A 124 -10.73 7.20 9.32
C ASP A 124 -10.58 7.07 10.85
N TYR A 125 -10.57 8.20 11.56
CA TYR A 125 -10.64 8.23 13.01
C TYR A 125 -12.06 8.52 13.42
N THR A 126 -12.49 7.93 14.55
CA THR A 126 -13.76 8.24 15.22
C THR A 126 -13.51 9.34 16.25
N VAL A 127 -14.12 10.49 16.08
CA VAL A 127 -13.95 11.59 17.00
C VAL A 127 -15.04 11.53 18.08
N LYS A 128 -14.59 11.55 19.33
CA LYS A 128 -15.43 11.42 20.51
C LYS A 128 -15.13 12.59 21.44
N VAL A 129 -16.12 13.45 21.63
CA VAL A 129 -15.96 14.55 22.53
C VAL A 129 -16.75 14.20 23.80
N PHE A 130 -16.00 13.78 24.82
CA PHE A 130 -16.52 13.29 26.08
C PHE A 130 -17.05 14.39 26.98
N TYR A 131 -18.27 14.19 27.49
CA TYR A 131 -18.88 15.17 28.37
C TYR A 131 -19.64 14.43 29.45
N ASP A 132 -20.14 15.18 30.41
CA ASP A 132 -20.81 14.64 31.58
C ASP A 132 -22.14 15.35 31.68
N SER A 133 -23.21 14.62 31.35
CA SER A 133 -24.54 15.18 31.27
C SER A 133 -25.13 15.46 32.64
N ASN A 134 -24.49 14.96 33.70
CA ASN A 134 -24.91 15.28 35.05
C ASN A 134 -24.28 16.57 35.55
N ALA A 135 -23.27 17.10 34.85
CA ALA A 135 -22.45 18.14 35.43
C ALA A 135 -22.16 19.31 34.50
N PHE A 136 -23.23 20.00 34.05
CA PHE A 136 -23.07 21.24 33.26
C PHE A 136 -22.91 22.53 34.07
N LEU A 137 -23.14 22.44 35.38
CA LEU A 137 -23.16 23.61 36.27
C LEU A 137 -21.93 23.76 37.18
N ILE A 138 -20.92 22.92 37.02
CA ILE A 138 -19.68 23.04 37.84
C ILE A 138 -19.04 24.45 37.76
N ASN A 139 -18.84 24.94 36.54
CA ASN A 139 -18.27 26.28 36.35
C ASN A 139 -19.15 27.39 36.89
N THR A 140 -20.47 27.20 36.85
CA THR A 140 -21.45 28.17 37.37
C THR A 140 -21.33 28.22 38.88
N LEU A 141 -21.33 27.06 39.52
CA LEU A 141 -21.14 26.94 40.96
C LEU A 141 -19.83 27.59 41.42
N LYS A 142 -18.71 27.18 40.84
CA LYS A 142 -17.41 27.79 41.15
C LYS A 142 -17.39 29.31 40.99
N LYS A 143 -17.77 29.81 39.81
CA LYS A 143 -17.82 31.24 39.55
C LYS A 143 -18.70 32.00 40.58
N THR A 144 -19.87 31.45 40.92
CA THR A 144 -20.74 32.03 41.97
C THR A 144 -20.07 32.14 43.34
N ILE A 145 -19.44 31.06 43.78
CA ILE A 145 -18.77 31.00 45.07
C ILE A 145 -17.59 31.97 45.09
N VAL A 146 -16.76 31.90 44.06
CA VAL A 146 -15.61 32.79 43.90
C VAL A 146 -16.04 34.27 43.85
N GLU A 147 -17.03 34.59 43.01
CA GLU A 147 -17.58 35.95 42.93
C GLU A 147 -17.97 36.46 44.32
N SER A 148 -18.79 35.67 45.02
CA SER A 148 -19.26 35.96 46.39
C SER A 148 -18.12 36.20 47.39
N ALA A 149 -17.06 35.40 47.26
CA ALA A 149 -15.90 35.48 48.13
C ALA A 149 -15.06 36.74 47.86
N THR A 150 -14.89 37.07 46.58
CA THR A 150 -14.22 38.30 46.13
C THR A 150 -14.90 39.57 46.64
N ASN A 151 -16.21 39.62 46.50
CA ASN A 151 -16.98 40.78 46.93
C ASN A 151 -16.89 41.01 48.43
N ASN A 152 -16.94 39.93 49.21
CA ASN A 152 -16.83 39.99 50.66
C ASN A 152 -15.45 40.46 51.12
N THR A 153 -14.42 40.08 50.38
CA THR A 153 -13.03 40.44 50.69
C THR A 153 -12.76 41.92 50.39
N LEU A 154 -13.42 42.46 49.37
CA LEU A 154 -13.31 43.88 49.07
C LEU A 154 -14.03 44.76 50.11
N GLU A 155 -15.20 44.34 50.56
CA GLU A 155 -15.91 45.00 51.68
C GLU A 155 -15.10 45.11 52.97
N SER A 156 -14.22 44.14 53.22
CA SER A 156 -13.34 44.17 54.38
C SER A 156 -12.09 45.01 54.12
N PHE A 157 -11.90 45.43 52.87
CA PHE A 157 -10.76 46.26 52.47
C PHE A 157 -11.18 47.68 52.14
N ARG A 158 -12.48 47.97 52.27
CA ARG A 158 -13.10 49.23 51.76
C ARG A 158 -12.42 50.53 52.20
N GLU A 159 -11.91 50.57 53.44
CA GLU A 159 -11.32 51.81 53.94
C GLU A 159 -9.79 51.79 53.82
N ASN A 160 -9.22 50.71 53.32
CA ASN A 160 -7.76 50.50 53.30
C ASN A 160 -7.15 50.29 51.90
N LEU A 161 -7.78 50.97 50.90
CA LEU A 161 -7.35 50.87 49.50
C LEU A 161 -6.04 51.59 49.19
N ASN A 162 -6.01 52.90 49.49
CA ASN A 162 -4.93 53.77 48.98
C ASN A 162 -3.54 53.47 49.61
N ASP A 163 -3.56 52.78 50.77
CA ASP A 163 -2.36 52.39 51.50
C ASP A 163 -2.75 51.32 52.53
N PRO A 164 -1.75 50.65 53.17
CA PRO A 164 -0.31 50.61 52.87
C PRO A 164 0.06 49.32 52.14
N GLU A 165 -0.23 48.19 52.78
CA GLU A 165 -0.05 46.87 52.20
C GLU A 165 -1.28 45.97 52.38
N PHE A 166 -2.43 46.52 52.03
CA PHE A 166 -3.59 45.71 51.65
C PHE A 166 -3.41 45.48 50.15
N ASP A 167 -2.52 44.57 49.82
CA ASP A 167 -2.13 44.35 48.44
C ASP A 167 -2.60 42.98 47.92
N TYR A 168 -2.20 42.64 46.70
CA TYR A 168 -2.69 41.45 46.03
C TYR A 168 -2.48 40.15 46.82
N ASN A 169 -1.33 40.04 47.48
CA ASN A 169 -1.03 38.91 48.37
C ASN A 169 -2.08 38.73 49.47
N LYS A 170 -2.36 39.80 50.21
CA LYS A 170 -3.34 39.76 51.32
C LYS A 170 -4.74 39.48 50.82
N PHE A 171 -5.07 40.04 49.66
CA PHE A 171 -6.37 39.80 49.04
C PHE A 171 -6.62 38.29 48.86
N TYR A 172 -5.72 37.63 48.13
CA TYR A 172 -5.85 36.22 47.83
C TYR A 172 -5.84 35.34 49.09
N ARG A 173 -5.05 35.75 50.08
CA ARG A 173 -5.00 35.07 51.38
C ARG A 173 -6.34 35.07 52.06
N LYS A 174 -6.96 36.23 52.12
CA LYS A 174 -8.17 36.41 52.91
C LYS A 174 -9.37 35.87 52.14
N ARG A 175 -9.38 36.10 50.82
CA ARG A 175 -10.44 35.59 49.96
C ARG A 175 -10.49 34.07 50.02
N MET A 176 -9.33 33.43 50.07
CA MET A 176 -9.20 31.96 50.06
C MET A 176 -9.80 31.36 51.31
N GLU A 177 -9.62 32.08 52.42
CA GLU A 177 -10.19 31.71 53.71
C GLU A 177 -11.71 31.71 53.62
N ILE A 178 -12.26 32.62 52.82
CA ILE A 178 -13.72 32.71 52.60
C ILE A 178 -14.19 31.60 51.61
N ILE A 179 -13.50 31.49 50.47
CA ILE A 179 -13.71 30.39 49.53
C ILE A 179 -13.77 29.05 50.25
N TYR A 180 -12.73 28.70 51.00
CA TYR A 180 -12.75 27.44 51.77
C TYR A 180 -14.06 27.19 52.53
N ASP A 181 -14.55 28.19 53.27
CA ASP A 181 -15.79 28.07 54.07
C ASP A 181 -17.04 27.79 53.20
N LYS A 182 -17.11 28.47 52.07
CA LYS A 182 -18.21 28.41 51.16
C LYS A 182 -18.23 27.11 50.37
N GLN A 183 -17.02 26.68 50.01
CA GLN A 183 -16.81 25.45 49.29
C GLN A 183 -17.11 24.24 50.17
N LYS A 184 -16.62 24.25 51.42
CA LYS A 184 -16.93 23.18 52.37
C LYS A 184 -18.42 23.15 52.75
N HIS A 185 -19.08 24.31 52.76
CA HIS A 185 -20.51 24.36 53.01
C HIS A 185 -21.33 23.65 51.92
N PHE A 186 -20.90 23.83 50.67
CA PHE A 186 -21.45 23.08 49.54
C PHE A 186 -21.16 21.57 49.65
N ILE A 187 -19.89 21.21 49.80
CA ILE A 187 -19.49 19.80 49.86
C ILE A 187 -20.28 19.03 50.92
N ASP A 188 -20.44 19.66 52.08
CA ASP A 188 -21.22 19.08 53.17
C ASP A 188 -22.68 18.88 52.76
N TYR A 189 -23.22 19.83 51.99
CA TYR A 189 -24.61 19.76 51.53
C TYR A 189 -24.75 18.65 50.49
N TYR A 190 -23.84 18.67 49.52
CA TYR A 190 -23.78 17.64 48.49
C TYR A 190 -23.64 16.25 49.11
N LYS A 191 -22.75 16.11 50.08
CA LYS A 191 -22.47 14.81 50.67
C LYS A 191 -23.71 14.25 51.37
N SER A 192 -24.41 15.10 52.11
CA SER A 192 -25.58 14.66 52.85
C SER A 192 -26.76 14.27 51.92
N GLN A 193 -26.91 15.03 50.82
CA GLN A 193 -27.89 14.75 49.77
C GLN A 193 -27.65 13.40 49.14
N ILE A 194 -26.39 13.08 48.90
CA ILE A 194 -26.00 11.83 48.25
C ILE A 194 -26.20 10.61 49.17
N GLU A 195 -26.08 10.84 50.47
CA GLU A 195 -26.36 9.84 51.52
C GLU A 195 -27.84 9.53 51.58
N GLU A 196 -28.64 10.60 51.64
CA GLU A 196 -30.09 10.50 51.68
C GLU A 196 -30.61 9.83 50.40
N ASN A 197 -30.19 10.36 49.26
CA ASN A 197 -30.70 9.94 47.96
C ASN A 197 -29.55 9.74 46.96
N PRO A 198 -29.01 8.51 46.86
CA PRO A 198 -27.88 8.16 45.99
C PRO A 198 -28.19 8.13 44.48
N GLU A 199 -29.47 8.14 44.12
CA GLU A 199 -29.86 8.28 42.71
C GLU A 199 -29.75 9.75 42.26
N PHE A 200 -29.59 10.67 43.22
CA PHE A 200 -29.57 12.11 42.93
C PHE A 200 -28.50 12.54 41.93
N ILE A 201 -28.87 13.51 41.10
CA ILE A 201 -28.00 13.98 40.05
C ILE A 201 -27.28 15.26 40.46
N ILE A 202 -25.96 15.30 40.22
CA ILE A 202 -25.14 16.48 40.49
C ILE A 202 -25.77 17.84 40.11
N ASP A 203 -26.13 18.04 38.85
CA ASP A 203 -26.71 19.34 38.43
C ASP A 203 -27.99 19.69 39.20
N ASN A 204 -28.72 18.66 39.61
CA ASN A 204 -29.95 18.89 40.39
C ASN A 204 -29.62 19.30 41.82
N ILE A 205 -28.59 18.71 42.39
CA ILE A 205 -28.13 19.13 43.70
C ILE A 205 -27.66 20.58 43.63
N ILE A 206 -26.96 20.91 42.55
CA ILE A 206 -26.35 22.22 42.39
C ILE A 206 -27.35 23.33 42.16
N LYS A 207 -28.38 23.04 41.36
CA LYS A 207 -29.39 24.09 41.12
C LYS A 207 -30.21 24.39 42.36
N THR A 208 -30.56 23.35 43.12
CA THR A 208 -31.23 23.54 44.42
C THR A 208 -30.40 24.44 45.36
N TYR A 209 -29.10 24.21 45.41
CA TYR A 209 -28.22 24.94 46.30
C TYR A 209 -28.02 26.39 45.85
N LEU A 210 -27.82 26.61 44.56
CA LEU A 210 -27.66 27.97 44.04
C LEU A 210 -28.93 28.77 44.21
N SER A 211 -30.05 28.14 43.86
CA SER A 211 -31.38 28.68 44.09
C SER A 211 -31.60 29.13 45.53
N ASN A 212 -31.25 28.27 46.49
CA ASN A 212 -31.49 28.62 47.89
C ASN A 212 -30.43 29.53 48.53
N GLU A 213 -29.15 29.31 48.22
CA GLU A 213 -28.08 30.08 48.88
C GLU A 213 -27.69 31.37 48.18
N TYR A 214 -27.74 31.36 46.85
CA TYR A 214 -27.26 32.48 46.05
C TYR A 214 -28.33 33.09 45.17
N SER A 215 -29.60 32.85 45.55
CA SER A 215 -30.76 33.47 44.90
C SER A 215 -30.82 33.30 43.36
N LYS A 216 -30.23 32.25 42.84
CA LYS A 216 -30.19 32.02 41.40
C LYS A 216 -31.53 31.56 40.83
N ASP A 217 -31.78 31.88 39.55
CA ASP A 217 -33.04 31.54 38.91
C ASP A 217 -33.03 30.14 38.34
N LEU A 218 -33.93 29.30 38.87
CA LEU A 218 -34.09 27.88 38.46
C LEU A 218 -34.28 27.69 36.98
N GLU A 219 -35.17 28.49 36.41
CA GLU A 219 -35.43 28.52 34.99
C GLU A 219 -34.16 28.78 34.19
N ALA A 220 -33.41 29.82 34.54
CA ALA A 220 -32.18 30.14 33.81
C ALA A 220 -31.18 28.98 33.83
N LEU A 221 -31.08 28.31 34.96
CA LEU A 221 -30.13 27.21 35.11
C LEU A 221 -30.57 26.01 34.29
N ASN A 222 -31.86 25.68 34.34
CA ASN A 222 -32.47 24.66 33.47
C ASN A 222 -32.24 24.95 32.00
N LYS A 223 -32.47 26.19 31.60
CA LYS A 223 -32.19 26.62 30.22
C LYS A 223 -30.73 26.42 29.80
N TYR A 224 -29.80 26.85 30.66
CA TYR A 224 -28.37 26.64 30.41
C TYR A 224 -28.01 25.19 30.18
N ILE A 225 -28.55 24.30 31.01
CA ILE A 225 -28.35 22.85 30.88
C ILE A 225 -28.82 22.34 29.51
N GLU A 226 -29.98 22.83 29.05
CA GLU A 226 -30.57 22.37 27.80
C GLU A 226 -29.70 22.78 26.62
N GLU A 227 -29.28 24.05 26.62
CA GLU A 227 -28.38 24.57 25.59
C GLU A 227 -27.07 23.83 25.53
N SER A 228 -26.53 23.48 26.71
CA SER A 228 -25.24 22.80 26.79
C SER A 228 -25.39 21.43 26.24
N LEU A 229 -26.44 20.73 26.69
CA LEU A 229 -26.73 19.39 26.17
C LEU A 229 -26.94 19.38 24.65
N ASN A 230 -27.77 20.29 24.13
CA ASN A 230 -28.01 20.38 22.68
C ASN A 230 -26.73 20.65 21.91
N LYS A 231 -25.89 21.53 22.44
CA LYS A 231 -24.68 21.91 21.72
C LYS A 231 -23.64 20.76 21.56
N ILE A 232 -23.38 20.02 22.63
CA ILE A 232 -22.39 18.94 22.57
C ILE A 232 -22.92 17.75 21.74
N THR A 233 -24.24 17.55 21.80
CA THR A 233 -24.95 16.52 21.05
C THR A 233 -24.74 16.68 19.53
N ALA A 234 -24.97 17.89 19.02
CA ALA A 234 -24.67 18.22 17.63
C ALA A 234 -23.17 18.17 17.24
N ASN A 235 -22.29 17.92 18.21
CA ASN A 235 -20.84 17.96 17.99
C ASN A 235 -20.04 16.72 18.44
N ASN A 236 -20.51 15.54 18.03
CA ASN A 236 -19.92 14.23 18.42
C ASN A 236 -19.81 14.03 19.93
N GLY A 237 -20.74 14.60 20.69
CA GLY A 237 -20.70 14.41 22.15
C GLY A 237 -20.84 12.96 22.52
N ASN A 238 -20.01 12.50 23.45
CA ASN A 238 -20.12 11.16 24.01
C ASN A 238 -20.34 11.30 25.49
N ASP A 239 -21.52 10.91 25.97
CA ASP A 239 -21.84 11.04 27.38
C ASP A 239 -21.13 9.94 28.15
N ILE A 240 -20.30 10.31 29.12
CA ILE A 240 -19.65 9.31 29.97
C ILE A 240 -20.66 8.55 30.84
N ARG A 241 -21.83 9.17 31.04
CA ARG A 241 -22.90 8.58 31.86
C ARG A 241 -23.70 7.49 31.14
N ASN A 242 -23.44 7.27 29.85
CA ASN A 242 -23.92 6.09 29.13
C ASN A 242 -22.94 4.93 29.30
N LEU A 243 -21.68 5.16 29.05
CA LEU A 243 -20.62 4.15 29.03
C LEU A 243 -20.54 3.41 30.35
N GLU A 244 -20.45 2.04 30.20
CA GLU A 244 -20.57 1.08 31.31
C GLU A 244 -19.25 0.57 31.93
N LYS A 245 -18.40 -0.04 31.08
CA LYS A 245 -17.30 -0.96 31.53
C LYS A 245 -15.99 -0.26 31.93
N PHE A 246 -15.77 0.92 31.34
CA PHE A 246 -14.59 1.75 31.58
C PHE A 246 -14.31 2.04 33.08
N ALA A 247 -15.34 1.91 33.91
CA ALA A 247 -15.36 2.53 35.23
C ALA A 247 -14.64 1.71 36.28
N ASP A 248 -13.37 2.02 36.47
CA ASP A 248 -12.65 1.56 37.64
C ASP A 248 -13.23 2.36 38.81
N GLU A 249 -13.73 1.66 39.83
CA GLU A 249 -14.52 2.33 40.87
C GLU A 249 -13.72 3.36 41.67
N ASP A 250 -12.46 3.06 41.94
CA ASP A 250 -11.55 4.01 42.58
C ASP A 250 -11.36 5.26 41.75
N LEU A 251 -11.11 5.09 40.45
CA LEU A 251 -10.93 6.24 39.53
C LEU A 251 -12.18 7.10 39.42
N VAL A 252 -13.34 6.45 39.39
CA VAL A 252 -14.65 7.12 39.40
C VAL A 252 -14.76 8.04 40.60
N ARG A 253 -14.34 7.55 41.76
CA ARG A 253 -14.40 8.30 43.01
C ARG A 253 -13.48 9.53 42.98
N LEU A 254 -12.29 9.37 42.38
CA LEU A 254 -11.34 10.49 42.18
C LEU A 254 -11.86 11.52 41.17
N TYR A 255 -12.46 11.05 40.08
CA TYR A 255 -13.14 11.91 39.10
C TYR A 255 -14.19 12.82 39.73
N ASN A 256 -15.10 12.26 40.54
CA ASN A 256 -16.15 13.05 41.19
C ASN A 256 -15.63 13.97 42.29
N GLN A 257 -14.56 13.55 43.00
CA GLN A 257 -13.85 14.44 43.93
C GLN A 257 -13.42 15.70 43.21
N GLU A 258 -12.66 15.54 42.13
CA GLU A 258 -12.18 16.67 41.36
C GLU A 258 -13.30 17.48 40.73
N LEU A 259 -14.32 16.81 40.19
CA LEU A 259 -15.47 17.47 39.51
C LEU A 259 -16.34 18.24 40.50
N VAL A 260 -16.88 17.52 41.48
CA VAL A 260 -17.97 18.07 42.34
C VAL A 260 -17.46 18.80 43.58
N GLU A 261 -16.38 18.31 44.16
CA GLU A 261 -15.87 18.89 45.40
C GLU A 261 -14.87 20.03 45.18
N ARG A 262 -13.95 19.83 44.27
CA ARG A 262 -12.80 20.71 44.09
C ARG A 262 -13.00 21.64 42.94
N TRP A 263 -13.95 21.28 42.07
CA TRP A 263 -14.34 22.07 40.90
C TRP A 263 -13.20 22.27 39.93
N ASN A 264 -12.35 21.25 39.82
CA ASN A 264 -11.12 21.35 39.03
C ASN A 264 -11.33 20.51 37.80
N LEU A 265 -11.67 21.19 36.71
CA LEU A 265 -12.13 20.49 35.53
C LEU A 265 -10.93 19.95 34.77
N ALA A 266 -9.78 20.63 34.91
CA ALA A 266 -8.51 20.12 34.38
C ALA A 266 -8.12 18.80 35.01
N ALA A 267 -8.17 18.72 36.34
CA ALA A 267 -7.81 17.49 37.06
C ALA A 267 -8.81 16.38 36.75
N ALA A 268 -10.09 16.73 36.70
CA ALA A 268 -11.10 15.72 36.39
C ALA A 268 -10.88 15.21 34.96
N SER A 269 -10.54 16.11 34.05
CA SER A 269 -10.17 15.68 32.71
C SER A 269 -8.84 14.89 32.63
N ASP A 270 -7.87 15.21 33.49
CA ASP A 270 -6.67 14.39 33.63
C ASP A 270 -7.03 12.94 33.94
N ILE A 271 -7.90 12.77 34.94
CA ILE A 271 -8.31 11.43 35.38
C ILE A 271 -9.08 10.71 34.27
N LEU A 272 -10.04 11.41 33.65
CA LEU A 272 -10.90 10.86 32.64
C LEU A 272 -10.13 10.41 31.40
N ARG A 273 -9.20 11.23 30.91
CA ARG A 273 -8.49 10.92 29.67
C ARG A 273 -7.72 9.60 29.69
N ILE A 274 -7.01 9.31 30.77
CA ILE A 274 -6.21 8.11 30.77
C ILE A 274 -7.12 6.89 30.89
N SER A 275 -8.22 7.07 31.61
CA SER A 275 -9.22 6.04 31.80
C SER A 275 -9.87 5.66 30.45
N MET A 276 -10.32 6.68 29.69
CA MET A 276 -10.80 6.44 28.32
C MET A 276 -9.74 5.86 27.37
N LEU A 277 -8.48 6.29 27.47
CA LEU A 277 -7.46 5.67 26.60
C LEU A 277 -7.24 4.21 26.92
N LYS A 278 -7.20 3.85 28.20
CA LYS A 278 -7.07 2.46 28.56
C LYS A 278 -8.28 1.65 28.04
N GLU A 279 -9.47 2.21 28.19
CA GLU A 279 -10.66 1.50 27.81
C GLU A 279 -10.84 1.44 26.27
N ASP A 280 -10.45 2.51 25.57
CA ASP A 280 -10.81 2.66 24.14
C ASP A 280 -9.61 2.53 23.19
N GLY A 281 -8.43 3.01 23.61
CA GLY A 281 -7.24 3.07 22.78
C GLY A 281 -7.36 4.27 21.87
N GLY A 282 -6.24 4.83 21.43
CA GLY A 282 -6.26 5.96 20.51
C GLY A 282 -5.34 7.13 20.86
N VAL A 283 -5.80 8.32 20.50
CA VAL A 283 -5.04 9.56 20.56
C VAL A 283 -5.93 10.49 21.37
N TYR A 284 -5.42 10.99 22.51
CA TYR A 284 -6.14 11.99 23.29
C TYR A 284 -5.54 13.36 22.98
N LEU A 285 -6.40 14.38 22.85
CA LEU A 285 -5.95 15.78 22.65
C LEU A 285 -6.76 16.80 23.41
N ASP A 286 -6.08 17.79 23.98
CA ASP A 286 -6.77 18.97 24.57
C ASP A 286 -7.41 19.77 23.44
N VAL A 287 -8.53 20.43 23.72
CA VAL A 287 -9.27 21.17 22.69
C VAL A 287 -8.52 22.41 22.13
N ASP A 288 -7.34 22.69 22.65
CA ASP A 288 -6.55 23.83 22.15
C ASP A 288 -5.39 23.41 21.23
N MET A 289 -5.34 22.14 20.87
CA MET A 289 -4.34 21.63 19.94
C MET A 289 -4.86 21.60 18.51
N LEU A 290 -3.96 21.79 17.55
CA LEU A 290 -4.32 21.70 16.15
C LEU A 290 -3.48 20.63 15.44
N PRO A 291 -3.95 20.17 14.25
CA PRO A 291 -3.16 19.21 13.51
C PRO A 291 -1.80 19.75 13.17
N GLY A 292 -0.85 18.84 12.96
CA GLY A 292 0.43 19.20 12.39
C GLY A 292 0.22 19.79 11.00
N ILE A 293 1.26 20.43 10.48
CA ILE A 293 1.24 20.99 9.14
C ILE A 293 2.02 20.05 8.18
N GLN A 294 1.56 19.91 6.94
CA GLN A 294 2.30 19.13 5.95
C GLN A 294 3.73 19.70 5.86
N PRO A 295 4.75 18.84 6.01
CA PRO A 295 6.16 19.28 6.05
C PRO A 295 6.58 20.07 4.82
N ASP A 296 6.04 19.66 3.68
CA ASP A 296 6.43 20.20 2.38
C ASP A 296 5.73 21.52 2.02
N LEU A 297 4.75 21.91 2.83
CA LEU A 297 3.88 23.01 2.48
C LEU A 297 4.65 24.32 2.36
N PHE A 298 5.43 24.60 3.40
CA PHE A 298 6.13 25.86 3.57
C PHE A 298 7.63 25.56 3.55
N LYS A 299 7.98 24.35 3.11
CA LYS A 299 9.37 23.86 3.09
C LYS A 299 10.36 24.77 2.37
N SER A 300 9.87 25.56 1.41
CA SER A 300 10.73 26.40 0.56
C SER A 300 10.72 27.90 0.91
N ILE A 301 10.09 28.24 2.03
CA ILE A 301 10.18 29.59 2.56
C ILE A 301 11.24 29.52 3.66
N ASN A 302 12.38 30.18 3.44
CA ASN A 302 13.45 30.20 4.43
C ASN A 302 13.10 31.15 5.56
N LYS A 303 13.24 30.70 6.79
CA LYS A 303 13.06 31.57 7.95
C LYS A 303 14.07 32.73 7.96
N PRO A 304 13.57 33.98 8.02
CA PRO A 304 14.45 35.11 8.39
C PRO A 304 15.32 34.76 9.61
N ASP A 305 16.62 35.05 9.52
CA ASP A 305 17.57 34.59 10.55
C ASP A 305 17.25 35.13 11.96
N SER A 306 16.70 36.34 12.04
CA SER A 306 16.37 36.97 13.32
C SER A 306 15.21 36.33 14.10
N ILE A 307 14.30 35.65 13.43
CA ILE A 307 13.10 35.13 14.08
C ILE A 307 13.35 33.75 14.73
N THR A 308 12.74 33.51 15.90
CA THR A 308 12.94 32.22 16.60
C THR A 308 12.16 31.08 15.94
N ASN A 309 12.65 29.85 16.12
CA ASN A 309 11.97 28.64 15.65
C ASN A 309 10.52 28.59 16.11
N THR A 310 10.30 29.02 17.35
CA THR A 310 8.99 29.01 18.01
C THR A 310 8.03 30.01 17.36
N SER A 311 8.50 31.24 17.16
CA SER A 311 7.72 32.25 16.42
C SER A 311 7.37 31.81 15.00
N TRP A 312 8.34 31.21 14.30
CA TRP A 312 8.14 30.71 12.94
C TRP A 312 7.04 29.62 12.87
N GLU A 313 7.00 28.69 13.83
CA GLU A 313 5.94 27.67 13.92
C GLU A 313 4.56 28.34 14.13
N MET A 314 4.54 29.31 15.03
CA MET A 314 3.42 30.18 15.31
C MET A 314 2.95 30.96 14.04
N ILE A 315 3.89 31.48 13.26
CA ILE A 315 3.59 32.27 12.05
C ILE A 315 2.93 31.42 10.97
N LYS A 316 3.37 30.16 10.86
CA LYS A 316 2.87 29.20 9.86
C LYS A 316 1.39 28.86 10.01
N LEU A 317 0.94 28.64 11.24
CA LEU A 317 -0.49 28.45 11.51
C LEU A 317 -1.29 29.71 11.20
N GLU A 318 -0.75 30.87 11.58
CA GLU A 318 -1.37 32.17 11.28
C GLU A 318 -1.49 32.47 9.76
N ALA A 319 -0.49 32.06 9.00
CA ALA A 319 -0.54 32.16 7.55
C ALA A 319 -1.70 31.31 7.00
N ILE A 320 -1.81 30.09 7.52
CA ILE A 320 -2.88 29.18 7.10
C ILE A 320 -4.26 29.80 7.37
N MET A 321 -4.42 30.37 8.55
CA MET A 321 -5.71 30.96 8.96
C MET A 321 -6.03 32.30 8.27
N LYS A 322 -4.99 33.07 7.92
CA LYS A 322 -5.20 34.30 7.18
C LYS A 322 -5.77 34.02 5.78
N TYR A 323 -5.22 33.01 5.10
CA TYR A 323 -5.52 32.82 3.69
C TYR A 323 -6.55 31.75 3.40
N LYS A 324 -6.75 30.85 4.35
CA LYS A 324 -7.74 29.78 4.22
C LYS A 324 -8.96 30.06 5.08
N GLU A 325 -8.75 30.81 6.17
CA GLU A 325 -9.81 31.23 7.08
C GLU A 325 -10.63 30.06 7.67
N TYR A 326 -9.94 28.97 8.02
CA TYR A 326 -10.61 27.80 8.58
C TYR A 326 -11.19 28.04 9.97
N ILE A 327 -10.48 28.86 10.74
CA ILE A 327 -10.95 29.32 12.05
C ILE A 327 -11.07 30.84 12.02
N PRO A 328 -12.31 31.34 11.99
CA PRO A 328 -12.48 32.76 11.78
C PRO A 328 -12.17 33.51 13.08
N GLY A 329 -11.53 34.67 12.97
CA GLY A 329 -11.08 35.37 14.16
C GLY A 329 -9.63 35.05 14.55
N TYR A 330 -9.06 34.01 13.96
CA TYR A 330 -7.70 33.62 14.32
C TYR A 330 -6.72 34.75 14.10
N THR A 331 -5.87 34.97 15.11
CA THR A 331 -4.93 36.07 15.11
C THR A 331 -4.01 36.05 13.89
N SER A 332 -3.51 37.23 13.52
CA SER A 332 -2.45 37.34 12.53
C SER A 332 -1.40 38.38 12.95
N LYS A 333 -1.39 38.72 14.23
CA LYS A 333 -0.48 39.74 14.78
C LYS A 333 1.00 39.49 14.45
N ASN A 334 1.45 38.24 14.57
CA ASN A 334 2.83 37.89 14.26
C ASN A 334 3.12 37.89 12.77
N PHE A 335 2.21 37.31 12.01
CA PHE A 335 2.34 37.18 10.57
C PHE A 335 2.44 38.54 9.90
N ASP A 336 1.64 39.48 10.37
CA ASP A 336 1.61 40.82 9.81
C ASP A 336 2.89 41.64 10.05
N MET A 337 3.77 41.21 10.97
CA MET A 337 5.07 41.90 11.18
C MET A 337 6.17 41.54 10.15
N LEU A 338 5.99 40.46 9.39
CA LEU A 338 6.94 40.04 8.35
C LEU A 338 7.00 41.05 7.18
N ASP A 339 8.12 41.11 6.44
CA ASP A 339 8.20 41.99 5.25
C ASP A 339 7.19 41.53 4.20
N GLU A 340 6.66 42.47 3.43
CA GLU A 340 5.62 42.21 2.42
C GLU A 340 5.93 40.99 1.57
N GLU A 341 7.22 40.84 1.22
CA GLU A 341 7.69 39.79 0.31
C GLU A 341 7.51 38.38 0.91
N VAL A 342 7.74 38.26 2.21
CA VAL A 342 7.63 36.99 2.88
C VAL A 342 6.16 36.59 3.05
N GLN A 343 5.31 37.58 3.36
CA GLN A 343 3.86 37.36 3.42
C GLN A 343 3.36 36.73 2.10
N ARG A 344 3.94 37.16 0.97
CA ARG A 344 3.49 36.71 -0.34
C ARG A 344 4.02 35.33 -0.68
N SER A 345 5.22 35.03 -0.19
CA SER A 345 5.73 33.66 -0.15
C SER A 345 4.75 32.71 0.48
N PHE A 346 4.16 33.09 1.62
CA PHE A 346 3.17 32.25 2.32
C PHE A 346 1.87 32.17 1.51
N GLU A 347 1.38 33.34 1.08
CA GLU A 347 0.15 33.44 0.29
C GLU A 347 0.18 32.56 -0.96
N SER A 348 1.32 32.53 -1.64
CA SER A 348 1.50 31.76 -2.88
C SER A 348 1.48 30.25 -2.66
N ALA A 349 2.20 29.79 -1.64
CA ALA A 349 2.23 28.39 -1.28
C ALA A 349 0.83 27.85 -0.90
N LEU A 350 0.03 28.72 -0.30
CA LEU A 350 -1.36 28.42 0.10
C LEU A 350 -2.36 28.55 -1.07
N SER A 351 -1.91 29.11 -2.18
CA SER A 351 -2.74 29.30 -3.36
C SER A 351 -3.05 28.01 -4.10
N SER A 352 -2.03 27.18 -4.26
CA SER A 352 -2.08 26.01 -5.14
C SER A 352 -2.65 24.75 -4.46
N LYS A 353 -3.14 24.94 -3.25
CA LYS A 353 -3.60 23.85 -2.41
C LYS A 353 -5.12 23.87 -2.28
N SER A 354 -5.75 22.79 -2.73
CA SER A 354 -7.21 22.69 -2.76
C SER A 354 -7.80 22.24 -1.42
N ASP A 355 -7.49 21.02 -0.98
CA ASP A 355 -8.14 20.50 0.22
C ASP A 355 -7.29 20.57 1.49
N LYS A 356 -7.99 20.41 2.62
CA LYS A 356 -7.41 20.66 3.93
C LYS A 356 -6.29 19.67 4.27
N SER A 357 -6.37 18.45 3.69
CA SER A 357 -5.36 17.40 3.92
C SER A 357 -4.03 17.63 3.19
N GLU A 358 -3.97 18.71 2.41
CA GLU A 358 -2.75 19.14 1.75
C GLU A 358 -2.09 20.22 2.58
N ILE A 359 -2.82 20.66 3.61
CA ILE A 359 -2.38 21.72 4.52
C ILE A 359 -2.01 21.10 5.88
N PHE A 360 -2.97 20.41 6.49
CA PHE A 360 -2.75 19.69 7.73
C PHE A 360 -2.31 18.27 7.44
N LEU A 361 -1.56 17.68 8.37
CA LEU A 361 -1.09 16.34 8.19
C LEU A 361 -2.02 15.37 8.95
N PRO A 362 -2.70 14.47 8.21
CA PRO A 362 -3.55 13.45 8.82
C PRO A 362 -2.78 12.47 9.68
N LEU A 363 -3.43 11.93 10.69
CA LEU A 363 -2.77 11.02 11.60
C LEU A 363 -2.41 9.73 10.92
N ASP A 364 -3.32 9.20 10.09
CA ASP A 364 -3.12 7.90 9.42
C ASP A 364 -2.76 6.81 10.43
N ASP A 365 -1.85 5.91 10.06
CA ASP A 365 -1.41 4.87 10.99
C ASP A 365 -0.36 5.39 11.98
N ILE A 366 -0.72 5.34 13.26
CA ILE A 366 0.24 5.68 14.29
C ILE A 366 0.60 4.39 15.00
N LYS A 367 1.89 4.13 15.13
CA LYS A 367 2.34 2.87 15.69
C LYS A 367 2.88 3.13 17.07
N VAL A 368 2.58 2.21 17.97
CA VAL A 368 2.89 2.43 19.37
C VAL A 368 3.05 1.02 20.01
N SER A 369 3.81 0.94 21.10
CA SER A 369 4.04 -0.34 21.76
C SER A 369 3.06 -0.54 22.93
N PRO A 370 2.60 -1.78 23.17
CA PRO A 370 1.78 -2.05 24.39
C PRO A 370 2.45 -1.60 25.70
N LEU A 371 3.74 -1.32 25.64
CA LEU A 371 4.50 -0.95 26.83
C LEU A 371 4.50 0.54 27.10
N GLU A 372 3.93 1.35 26.20
CA GLU A 372 4.05 2.79 26.34
C GLU A 372 2.75 3.59 26.26
N VAL A 373 2.83 4.82 26.76
CA VAL A 373 1.93 5.90 26.44
C VAL A 373 2.81 7.01 25.88
N LYS A 374 2.57 7.41 24.64
CA LYS A 374 3.27 8.57 24.05
C LYS A 374 2.69 9.87 24.59
N ILE A 375 3.56 10.89 24.70
CA ILE A 375 3.21 12.13 25.34
C ILE A 375 3.85 13.33 24.62
N ALA A 376 3.14 14.44 24.56
CA ALA A 376 3.72 15.68 24.09
C ALA A 376 4.80 16.27 25.04
N PHE A 377 5.68 17.07 24.46
CA PHE A 377 6.75 17.79 25.15
C PHE A 377 6.57 19.29 24.96
N ALA A 378 6.74 20.04 26.03
CA ALA A 378 6.88 21.50 25.94
C ALA A 378 8.05 21.89 26.82
N ASN A 379 9.01 22.64 26.27
CA ASN A 379 10.16 23.13 27.05
C ASN A 379 10.97 22.00 27.71
N ASN A 380 11.31 20.97 26.95
CA ASN A 380 12.13 19.87 27.47
C ASN A 380 11.48 18.98 28.53
N SER A 381 10.18 19.22 28.77
CA SER A 381 9.38 18.47 29.73
C SER A 381 8.10 17.93 29.11
N VAL A 382 7.72 16.74 29.55
CA VAL A 382 6.47 16.15 29.11
C VAL A 382 5.25 16.98 29.50
N ILE A 383 4.21 16.91 28.68
CA ILE A 383 2.95 17.59 28.97
C ILE A 383 1.81 16.76 28.38
N ASN A 384 0.76 16.54 29.18
CA ASN A 384 -0.26 15.50 28.85
C ASN A 384 -1.40 16.05 28.00
N GLN A 385 -1.09 17.12 27.26
CA GLN A 385 -2.05 17.82 26.41
C GLN A 385 -2.33 17.02 25.14
N ALA A 386 -1.49 16.01 24.91
CA ALA A 386 -1.67 15.06 23.80
C ALA A 386 -1.07 13.75 24.26
N LEU A 387 -1.79 12.67 24.01
CA LEU A 387 -1.37 11.29 24.40
C LEU A 387 -1.73 10.23 23.38
N ILE A 388 -0.93 9.18 23.32
CA ILE A 388 -1.25 8.01 22.49
C ILE A 388 -1.04 6.71 23.31
N SER A 389 -2.04 5.82 23.24
CA SER A 389 -2.02 4.55 23.93
C SER A 389 -2.90 3.56 23.22
N LEU A 390 -2.39 2.36 23.03
CA LEU A 390 -3.22 1.19 22.73
C LEU A 390 -4.18 0.94 23.89
N LYS A 391 -5.33 0.37 23.55
CA LYS A 391 -6.30 -0.12 24.50
C LYS A 391 -5.60 -1.07 25.48
N ASP A 392 -5.82 -0.85 26.77
CA ASP A 392 -5.38 -1.79 27.80
C ASP A 392 -3.86 -1.97 27.83
N SER A 393 -3.11 -0.95 27.38
CA SER A 393 -1.63 -0.97 27.46
C SER A 393 -1.05 -1.05 28.88
N TYR A 394 0.14 -1.64 28.98
CA TYR A 394 0.81 -1.81 30.25
C TYR A 394 1.09 -0.46 30.93
N CYS A 395 1.48 0.51 30.14
CA CYS A 395 1.82 1.82 30.65
C CYS A 395 0.59 2.64 31.05
N SER A 396 -0.55 2.45 30.37
CA SER A 396 -1.78 3.10 30.86
C SER A 396 -2.10 2.67 32.30
N ASP A 397 -1.86 1.41 32.63
CA ASP A 397 -2.04 0.86 34.01
C ASP A 397 -1.03 1.44 35.01
N LEU A 398 0.23 1.61 34.57
CA LEU A 398 1.24 2.37 35.36
C LEU A 398 0.80 3.82 35.68
N VAL A 399 0.25 4.53 34.71
CA VAL A 399 -0.23 5.90 34.95
C VAL A 399 -1.40 5.93 35.94
N ILE A 400 -2.38 5.08 35.69
CA ILE A 400 -3.55 4.97 36.56
C ILE A 400 -3.13 4.58 37.99
N ASN A 401 -2.20 3.63 38.13
CA ASN A 401 -1.68 3.28 39.46
C ASN A 401 -0.99 4.42 40.20
N GLN A 402 -0.26 5.23 39.46
CA GLN A 402 0.42 6.41 39.98
C GLN A 402 -0.63 7.40 40.49
N ILE A 403 -1.68 7.63 39.70
CA ILE A 403 -2.76 8.53 40.13
C ILE A 403 -3.38 8.08 41.45
N LYS A 404 -3.69 6.79 41.55
CA LYS A 404 -4.34 6.23 42.74
C LYS A 404 -3.45 6.28 43.98
N ASN A 405 -2.16 5.99 43.80
CA ASN A 405 -1.23 5.93 44.92
C ASN A 405 -0.94 7.31 45.52
N ARG A 406 -0.83 8.29 44.63
CA ARG A 406 -0.71 9.69 44.99
C ARG A 406 -1.95 10.23 45.72
N TYR A 407 -3.14 10.04 45.13
CA TYR A 407 -4.40 10.49 45.75
C TYR A 407 -4.67 9.81 47.08
N LYS A 408 -4.30 8.55 47.19
CA LYS A 408 -4.42 7.86 48.46
C LYS A 408 -3.70 8.64 49.57
N ILE A 409 -2.45 9.01 49.31
CA ILE A 409 -1.66 9.78 50.26
C ILE A 409 -2.30 11.12 50.54
N LEU A 410 -2.76 11.79 49.49
CA LEU A 410 -3.44 13.07 49.60
C LEU A 410 -4.65 12.91 50.51
N ASN A 411 -5.55 12.00 50.16
CA ASN A 411 -6.85 11.84 50.87
C ASN A 411 -6.73 11.36 52.31
N ASP A 412 -5.87 10.36 52.55
CA ASP A 412 -5.69 9.78 53.87
C ASP A 412 -5.21 10.81 54.87
N ASN A 413 -4.48 11.81 54.39
CA ASN A 413 -4.01 12.89 55.24
C ASN A 413 -4.89 14.15 55.18
N LEU A 414 -5.52 14.41 54.04
CA LEU A 414 -6.33 15.60 53.90
C LEU A 414 -7.72 15.45 54.53
N ASN A 415 -8.35 14.28 54.37
CA ASN A 415 -9.67 14.03 54.95
C ASN A 415 -9.75 14.16 56.48
N PRO A 416 -8.82 13.53 57.23
CA PRO A 416 -8.78 13.84 58.67
C PRO A 416 -8.50 15.31 58.99
N SER A 417 -7.70 15.99 58.17
CA SER A 417 -7.39 17.41 58.41
C SER A 417 -8.61 18.31 58.21
N ILE A 418 -9.41 18.01 57.20
CA ILE A 418 -10.64 18.73 56.96
C ILE A 418 -11.59 18.59 58.16
N ASN A 419 -11.71 17.37 58.69
CA ASN A 419 -12.59 17.04 59.83
C ASN A 419 -12.22 17.72 61.13
N GLU A 420 -10.92 17.84 61.38
CA GLU A 420 -10.42 18.64 62.49
C GLU A 420 -9.92 19.96 61.97
N GLY A 421 -10.77 20.96 61.94
CA GLY A 421 -10.36 22.28 61.50
C GLY A 421 -11.58 23.16 61.47
N THR A 422 -11.55 24.20 62.30
CA THR A 422 -12.61 25.18 62.36
C THR A 422 -12.62 26.12 61.14
N ASP A 423 -11.55 26.05 60.32
CA ASP A 423 -11.36 27.00 59.22
C ASP A 423 -10.22 26.62 58.27
N PHE A 424 -10.03 27.42 57.23
CA PHE A 424 -8.97 27.17 56.25
C PHE A 424 -7.59 27.05 56.88
N ASN A 425 -7.21 28.07 57.66
CA ASN A 425 -5.89 28.13 58.25
C ASN A 425 -5.58 26.96 59.17
N THR A 426 -6.52 26.58 60.05
CA THR A 426 -6.28 25.45 60.95
C THR A 426 -6.18 24.11 60.22
N THR A 427 -6.97 23.96 59.16
CA THR A 427 -6.97 22.76 58.32
C THR A 427 -5.63 22.63 57.60
N MET A 428 -5.17 23.73 57.02
CA MET A 428 -3.89 23.77 56.32
C MET A 428 -2.70 23.41 57.21
N LYS A 429 -2.67 23.95 58.42
CA LYS A 429 -1.55 23.70 59.34
C LYS A 429 -1.55 22.24 59.75
N ILE A 430 -2.75 21.74 60.08
CA ILE A 430 -2.95 20.33 60.39
C ILE A 430 -2.50 19.41 59.25
N PHE A 431 -2.94 19.74 58.02
CA PHE A 431 -2.58 18.98 56.81
C PHE A 431 -1.06 18.98 56.60
N SER A 432 -0.47 20.18 56.60
CA SER A 432 0.97 20.32 56.45
C SER A 432 1.76 19.51 57.48
N ASP A 433 1.39 19.64 58.76
CA ASP A 433 2.06 18.89 59.79
C ASP A 433 1.94 17.38 59.59
N LYS A 434 0.76 16.89 59.22
CA LYS A 434 0.60 15.47 58.89
C LYS A 434 1.51 15.03 57.74
N LEU A 435 1.65 15.89 56.74
CA LEU A 435 2.53 15.57 55.60
C LEU A 435 4.00 15.55 56.03
N ALA A 436 4.38 16.54 56.83
CA ALA A 436 5.74 16.61 57.39
C ALA A 436 6.09 15.33 58.16
N SER A 437 5.14 14.80 58.94
CA SER A 437 5.43 13.66 59.80
C SER A 437 5.71 12.36 59.05
N ILE A 438 5.20 12.23 57.83
CA ILE A 438 5.44 11.01 57.06
C ILE A 438 6.38 11.24 55.88
N SER A 439 6.92 12.45 55.77
CA SER A 439 7.79 12.77 54.63
C SER A 439 9.19 12.22 54.81
N ASN A 440 9.81 11.90 53.68
CA ASN A 440 11.18 11.40 53.61
C ASN A 440 11.82 11.87 52.31
N GLU A 441 13.04 11.41 52.04
CA GLU A 441 13.81 11.86 50.89
C GLU A 441 13.08 11.63 49.58
N ASP A 442 12.47 10.45 49.45
CA ASP A 442 11.83 10.07 48.20
C ASP A 442 10.55 10.83 47.92
N ASN A 443 9.76 11.11 48.95
CA ASN A 443 8.45 11.76 48.74
C ASN A 443 8.39 13.24 49.13
N MET A 444 9.53 13.82 49.52
CA MET A 444 9.59 15.19 50.06
C MET A 444 9.09 16.24 49.08
N MET A 445 9.55 16.18 47.83
CA MET A 445 9.10 17.11 46.79
C MET A 445 7.60 16.97 46.49
N PHE A 446 7.14 15.72 46.37
CA PHE A 446 5.71 15.43 46.19
C PHE A 446 4.90 16.06 47.31
N MET A 447 5.31 15.79 48.55
CA MET A 447 4.65 16.34 49.76
C MET A 447 4.58 17.87 49.77
N ILE A 448 5.65 18.50 49.28
CA ILE A 448 5.74 19.95 49.21
C ILE A 448 4.72 20.47 48.20
N LYS A 449 4.71 19.85 47.03
CA LYS A 449 3.84 20.26 45.92
C LYS A 449 2.35 20.01 46.13
N ILE A 450 2.00 19.01 46.94
CA ILE A 450 0.58 18.79 47.24
C ILE A 450 0.06 19.52 48.47
N THR A 451 0.94 20.14 49.27
CA THR A 451 0.52 20.91 50.47
C THR A 451 -0.54 21.99 50.14
N ASN A 452 -0.45 22.64 49.00
CA ASN A 452 -1.40 23.71 48.69
C ASN A 452 -2.61 23.26 47.83
N TYR A 453 -2.87 21.96 47.78
CA TYR A 453 -4.07 21.39 47.08
C TYR A 453 -5.38 22.21 47.22
N LEU A 454 -5.75 22.56 48.45
CA LEU A 454 -6.97 23.34 48.71
C LEU A 454 -7.01 24.72 48.04
N LYS A 455 -5.87 25.20 47.56
CA LYS A 455 -5.80 26.52 46.97
C LYS A 455 -5.89 26.46 45.44
N VAL A 456 -5.84 25.26 44.88
CA VAL A 456 -5.84 25.06 43.42
C VAL A 456 -7.08 25.65 42.74
N GLY A 457 -6.86 26.54 41.78
CA GLY A 457 -7.94 27.24 41.06
C GLY A 457 -8.25 28.61 41.65
N PHE A 458 -7.83 28.83 42.89
CA PHE A 458 -8.24 30.01 43.66
C PHE A 458 -7.07 30.94 43.98
N ALA A 459 -5.87 30.48 43.68
CA ALA A 459 -4.68 31.25 44.00
C ALA A 459 -3.65 31.02 42.90
N PRO A 460 -2.66 31.94 42.77
CA PRO A 460 -1.66 31.72 41.74
C PRO A 460 -0.48 30.85 42.20
N ASP A 461 0.16 30.21 41.22
CA ASP A 461 1.42 29.47 41.40
C ASP A 461 1.30 28.09 42.10
N VAL A 462 0.11 27.51 42.06
CA VAL A 462 -0.11 26.21 42.69
C VAL A 462 0.15 25.06 41.71
N ARG A 463 0.91 24.07 42.18
CA ARG A 463 1.35 22.96 41.32
C ARG A 463 0.89 21.59 41.81
N SER A 464 -0.09 21.56 42.69
CA SER A 464 -0.61 20.28 43.17
C SER A 464 -1.08 19.41 42.00
N THR A 465 -1.83 20.00 41.06
CA THR A 465 -2.46 19.23 40.00
C THR A 465 -1.48 18.42 39.16
N ILE A 466 -0.38 19.06 38.82
CA ILE A 466 0.67 18.47 37.98
C ILE A 466 1.24 17.18 38.59
N ASN A 467 1.26 17.13 39.91
CA ASN A 467 1.88 16.07 40.67
C ASN A 467 0.86 15.07 41.19
N LEU A 468 -0.42 15.27 40.88
CA LEU A 468 -1.48 14.30 41.18
C LEU A 468 -2.10 13.59 39.96
N SER A 469 -2.33 14.31 38.89
CA SER A 469 -3.10 13.78 37.74
C SER A 469 -2.45 14.18 36.42
N GLY A 470 -1.50 15.10 36.49
CA GLY A 470 -0.87 15.64 35.31
C GLY A 470 0.48 15.04 34.95
N PRO A 471 1.34 15.85 34.28
CA PRO A 471 2.67 15.48 33.78
C PRO A 471 3.54 14.62 34.75
N GLY A 472 3.51 14.89 36.05
CA GLY A 472 4.29 14.12 37.01
C GLY A 472 3.93 12.64 37.10
N VAL A 473 2.66 12.32 36.90
CA VAL A 473 2.23 10.94 36.98
C VAL A 473 2.78 10.11 35.81
N TYR A 474 3.01 10.78 34.67
CA TYR A 474 3.61 10.19 33.46
C TYR A 474 5.09 9.93 33.60
N THR A 475 5.86 10.89 34.12
CA THR A 475 7.30 10.65 34.34
C THR A 475 7.48 9.57 35.41
N GLY A 476 6.59 9.54 36.39
CA GLY A 476 6.61 8.45 37.39
C GLY A 476 6.36 7.12 36.76
N ALA A 477 5.39 7.04 35.83
CA ALA A 477 5.09 5.78 35.11
C ALA A 477 6.22 5.31 34.22
N TYR A 478 6.86 6.25 33.52
CA TYR A 478 7.99 5.91 32.68
C TYR A 478 9.21 5.43 33.50
N GLN A 479 9.41 6.02 34.67
CA GLN A 479 10.48 5.57 35.57
C GLN A 479 10.14 4.17 36.13
N ASP A 480 8.88 3.99 36.52
CA ASP A 480 8.35 2.65 36.87
C ASP A 480 8.67 1.63 35.80
N LEU A 481 8.28 1.92 34.56
CA LEU A 481 8.65 1.10 33.40
C LEU A 481 10.15 0.78 33.25
N LEU A 482 10.97 1.83 33.10
CA LEU A 482 12.41 1.63 32.84
C LEU A 482 13.17 0.99 34.00
N MET A 483 12.72 1.29 35.21
CA MET A 483 13.46 0.88 36.42
C MET A 483 12.81 -0.28 37.16
N PHE A 484 11.69 -0.79 36.62
CA PHE A 484 11.00 -2.00 37.08
C PHE A 484 10.44 -1.78 38.48
N LYS A 485 9.88 -0.61 38.69
CA LYS A 485 9.31 -0.21 39.97
C LYS A 485 7.80 0.01 39.76
N ASP A 486 7.12 0.31 40.87
CA ASP A 486 5.68 0.53 40.88
C ASP A 486 5.38 1.71 41.80
N ASN A 487 6.42 2.41 42.26
CA ASN A 487 6.22 3.47 43.23
C ASN A 487 6.96 4.79 42.98
N SER A 488 7.50 4.98 41.77
CA SER A 488 8.35 6.15 41.46
C SER A 488 7.73 7.51 41.78
N THR A 489 8.43 8.28 42.59
CA THR A 489 8.01 9.62 42.97
C THR A 489 9.19 10.60 42.90
N ASN A 490 10.40 10.08 43.02
CA ASN A 490 11.62 10.90 43.02
C ASN A 490 12.29 10.62 41.70
N ILE A 491 12.21 11.57 40.78
CA ILE A 491 12.57 11.33 39.37
C ILE A 491 14.01 11.63 38.98
N HIS A 492 14.68 10.64 38.42
CA HIS A 492 16.08 10.77 37.96
C HIS A 492 16.21 10.61 36.45
N LEU A 493 15.11 10.28 35.79
CA LEU A 493 15.08 10.28 34.33
C LEU A 493 15.36 11.65 33.74
N LEU A 494 16.25 11.67 32.74
CA LEU A 494 16.58 12.89 32.01
C LEU A 494 15.77 13.00 30.72
N GLU A 495 15.76 14.19 30.13
CA GLU A 495 15.01 14.45 28.90
C GLU A 495 15.23 13.43 27.79
N PRO A 496 16.51 13.14 27.42
CA PRO A 496 16.75 12.11 26.41
C PRO A 496 16.16 10.72 26.69
N GLU A 497 16.06 10.32 27.95
CA GLU A 497 15.41 9.07 28.27
C GLU A 497 13.90 9.23 28.09
N LEU A 498 13.38 10.34 28.60
CA LEU A 498 11.96 10.63 28.47
C LEU A 498 11.52 10.82 27.02
N ARG A 499 12.46 11.20 26.14
CA ARG A 499 12.12 11.42 24.74
C ARG A 499 11.72 10.14 24.01
N ASN A 500 12.09 9.00 24.59
CA ASN A 500 11.70 7.70 24.02
C ASN A 500 10.17 7.53 23.90
N PHE A 501 9.43 8.41 24.58
CA PHE A 501 7.97 8.36 24.68
C PHE A 501 7.29 9.57 24.04
N GLU A 502 8.03 10.37 23.26
CA GLU A 502 7.40 11.56 22.68
C GLU A 502 6.39 11.28 21.55
N PHE A 503 5.27 11.99 21.62
CA PHE A 503 4.27 12.09 20.57
C PHE A 503 5.00 12.48 19.28
N PRO A 504 4.72 11.79 18.15
CA PRO A 504 5.28 12.15 16.84
C PRO A 504 5.15 13.65 16.50
N LYS A 505 6.30 14.29 16.32
CA LYS A 505 6.39 15.76 16.27
C LYS A 505 5.65 16.38 15.08
N THR A 506 5.74 15.78 13.92
CA THR A 506 5.03 16.29 12.77
C THR A 506 3.49 16.23 12.89
N LYS A 507 2.97 15.43 13.80
CA LYS A 507 1.52 15.18 13.86
C LYS A 507 0.71 16.01 14.85
N ILE A 508 1.31 17.08 15.38
CA ILE A 508 0.61 18.01 16.23
C ILE A 508 1.18 19.42 16.11
N SER A 509 0.30 20.43 16.19
CA SER A 509 0.72 21.83 16.35
C SER A 509 0.28 22.30 17.74
N GLN A 510 1.25 22.54 18.63
CA GLN A 510 0.91 22.89 19.99
C GLN A 510 0.83 24.42 20.15
N LEU A 511 1.50 25.15 19.26
CA LEU A 511 1.68 26.59 19.34
C LEU A 511 0.54 27.39 18.67
N THR A 512 -0.67 27.15 19.18
CA THR A 512 -1.91 27.73 18.66
C THR A 512 -2.26 28.98 19.48
N GLU A 513 -3.17 29.79 18.96
CA GLU A 513 -3.59 31.02 19.65
C GLU A 513 -4.14 30.70 21.04
N GLN A 514 -5.11 29.80 21.08
CA GLN A 514 -5.79 29.38 22.29
C GLN A 514 -4.83 28.81 23.33
N GLU A 515 -3.87 27.97 22.92
CA GLU A 515 -2.94 27.40 23.89
C GLU A 515 -2.02 28.48 24.48
N ILE A 516 -1.48 29.34 23.62
CA ILE A 516 -0.57 30.41 24.04
C ILE A 516 -1.28 31.37 25.00
N THR A 517 -2.51 31.74 24.63
CA THR A 517 -3.46 32.43 25.52
C THR A 517 -3.66 31.70 26.86
N SER A 518 -3.85 30.37 26.81
CA SER A 518 -4.02 29.54 28.01
C SER A 518 -2.73 29.32 28.81
N LEU A 519 -1.60 29.69 28.24
CA LEU A 519 -0.37 29.55 28.98
C LEU A 519 -0.25 30.69 29.97
N TRP A 520 -1.21 31.61 29.92
CA TRP A 520 -1.24 32.78 30.79
C TRP A 520 -2.49 32.71 31.69
N SER A 521 -2.42 31.88 32.74
CA SER A 521 -3.54 31.79 33.70
C SER A 521 -3.28 32.63 34.96
N ALA A 525 4.87 34.12 36.63
CA ALA A 525 3.93 35.16 36.21
C ALA A 525 2.75 35.30 37.19
N ARG A 526 2.46 36.54 37.55
CA ARG A 526 1.44 36.85 38.54
C ARG A 526 0.48 37.96 38.09
N ALA A 527 -0.81 37.69 38.27
CA ALA A 527 -1.86 38.65 38.02
C ALA A 527 -2.06 39.56 39.23
N LYS A 528 -1.30 40.66 39.25
CA LYS A 528 -1.58 41.80 40.11
C LYS A 528 -2.81 42.48 39.53
N SER A 529 -2.90 42.44 38.21
CA SER A 529 -3.98 43.05 37.42
C SER A 529 -5.39 42.68 37.88
N GLN A 530 -5.57 41.41 38.24
CA GLN A 530 -6.87 40.91 38.69
C GLN A 530 -7.33 41.63 39.96
N PHE A 531 -6.44 41.71 40.95
CA PHE A 531 -6.72 42.42 42.20
C PHE A 531 -6.97 43.90 41.94
N GLU A 532 -6.38 44.41 40.87
CA GLU A 532 -6.58 45.80 40.47
C GLU A 532 -7.86 45.99 39.64
N GLU A 533 -8.19 45.00 38.82
CA GLU A 533 -9.43 45.03 38.03
C GLU A 533 -10.67 44.77 38.89
N TYR A 534 -10.55 43.88 39.89
CA TYR A 534 -11.59 43.69 40.89
C TYR A 534 -11.82 44.98 41.67
N LYS A 535 -10.72 45.62 42.03
CA LYS A 535 -10.68 46.94 42.68
C LYS A 535 -11.44 47.99 41.87
N LYS A 536 -11.13 48.05 40.57
CA LYS A 536 -11.76 49.01 39.64
C LYS A 536 -13.25 48.79 39.43
N GLY A 537 -13.71 47.53 39.56
CA GLY A 537 -15.12 47.20 39.42
C GLY A 537 -15.97 47.58 40.62
N TYR A 538 -15.47 48.54 41.41
CA TYR A 538 -16.18 49.08 42.58
C TYR A 538 -16.39 50.60 42.51
N PHE A 539 -15.79 51.22 41.48
CA PHE A 539 -16.10 52.61 41.15
C PHE A 539 -16.81 52.70 39.80
N GLU A 540 -16.67 51.65 38.99
CA GLU A 540 -17.24 51.61 37.65
C GLU A 540 -18.60 50.88 37.60
N GLY A 541 -19.66 51.61 37.96
CA GLY A 541 -21.01 51.05 37.96
C GLY A 541 -22.09 52.13 37.84
N ALA A 542 -23.13 51.99 38.67
CA ALA A 542 -24.25 52.96 38.69
C ALA A 542 -24.05 53.96 39.89
N LEU B 3 -21.69 -3.82 -50.81
CA LEU B 3 -22.97 -3.07 -50.90
C LEU B 3 -23.51 -3.13 -52.34
N VAL B 4 -23.61 -2.01 -53.03
CA VAL B 4 -24.16 -1.93 -54.37
C VAL B 4 -23.59 -0.60 -54.81
N ASN B 5 -23.04 -0.54 -55.99
CA ASN B 5 -22.50 0.73 -56.49
C ASN B 5 -23.64 1.55 -57.10
N LYS B 6 -23.36 2.81 -57.46
CA LYS B 6 -24.44 3.68 -57.94
C LYS B 6 -25.13 3.17 -59.22
N ALA B 7 -24.35 2.57 -60.11
CA ALA B 7 -24.89 2.00 -61.36
C ALA B 7 -25.89 0.88 -61.07
N GLN B 8 -25.53 -0.01 -60.14
CA GLN B 8 -26.41 -1.08 -59.68
C GLN B 8 -27.68 -0.53 -59.03
N LEU B 9 -27.54 0.53 -58.26
CA LEU B 9 -28.70 1.21 -57.69
C LEU B 9 -29.62 1.83 -58.75
N GLN B 10 -29.06 2.62 -59.67
CA GLN B 10 -29.81 3.12 -60.82
C GLN B 10 -30.62 2.05 -61.56
N LYS B 11 -30.06 0.85 -61.72
CA LYS B 11 -30.80 -0.26 -62.34
C LYS B 11 -31.93 -0.82 -61.47
N MET B 12 -31.72 -0.82 -60.15
CA MET B 12 -32.73 -1.26 -59.19
C MET B 12 -33.95 -0.34 -59.22
N ALA B 13 -33.69 0.96 -59.03
CA ALA B 13 -34.69 2.01 -58.95
C ALA B 13 -35.11 2.62 -60.30
N TYR B 14 -34.67 2.02 -61.41
CA TYR B 14 -35.05 2.49 -62.74
C TYR B 14 -36.56 2.58 -62.94
N VAL B 15 -37.03 3.76 -63.33
CA VAL B 15 -38.42 3.97 -63.79
C VAL B 15 -38.42 4.69 -65.16
N LYS B 16 -38.86 3.99 -66.19
CA LYS B 16 -38.85 4.51 -67.57
C LYS B 16 -39.36 5.93 -67.71
N PHE B 17 -38.56 6.78 -68.36
CA PHE B 17 -38.87 8.19 -68.62
C PHE B 17 -38.99 9.11 -67.38
N ARG B 18 -39.01 8.52 -66.19
CA ARG B 18 -39.12 9.33 -65.00
C ARG B 18 -37.89 10.21 -64.79
N ILE B 19 -38.14 11.50 -64.60
CA ILE B 19 -37.12 12.47 -64.24
C ILE B 19 -36.37 12.03 -62.96
N GLN B 20 -35.06 12.22 -62.97
CA GLN B 20 -34.24 11.98 -61.77
C GLN B 20 -34.34 13.18 -60.84
N GLU B 21 -35.02 12.99 -59.73
CA GLU B 21 -35.29 14.04 -58.79
C GLU B 21 -34.00 14.41 -58.01
N ASP B 22 -33.92 15.66 -57.54
CA ASP B 22 -32.78 16.15 -56.74
C ASP B 22 -32.51 15.20 -55.58
N GLU B 23 -33.58 14.72 -54.94
CA GLU B 23 -33.49 13.83 -53.79
C GLU B 23 -32.89 12.48 -54.15
N TYR B 24 -33.15 12.07 -55.39
CA TYR B 24 -32.69 10.78 -55.90
C TYR B 24 -31.23 10.89 -56.28
N VAL B 25 -30.88 11.97 -56.98
CA VAL B 25 -29.49 12.24 -57.36
C VAL B 25 -28.56 12.30 -56.13
N ALA B 26 -29.00 13.05 -55.11
CA ALA B 26 -28.31 13.12 -53.82
C ALA B 26 -27.96 11.74 -53.21
N ILE B 27 -28.89 10.78 -53.28
CA ILE B 27 -28.65 9.39 -52.84
C ILE B 27 -27.54 8.79 -53.67
N LEU B 28 -27.64 8.96 -54.98
CA LEU B 28 -26.65 8.38 -55.92
C LEU B 28 -25.22 8.92 -55.75
N ASN B 29 -25.10 10.25 -55.58
CA ASN B 29 -23.82 10.89 -55.24
C ASN B 29 -23.25 10.38 -53.91
N ALA B 30 -24.07 10.32 -52.86
CA ALA B 30 -23.63 9.82 -51.57
C ALA B 30 -23.13 8.38 -51.63
N LEU B 31 -23.81 7.58 -52.44
CA LEU B 31 -23.44 6.18 -52.61
C LEU B 31 -22.11 6.08 -53.34
N GLU B 32 -21.89 6.97 -54.30
CA GLU B 32 -20.63 7.05 -55.04
C GLU B 32 -19.44 7.39 -54.12
N GLU B 33 -19.59 8.44 -53.32
CA GLU B 33 -18.56 8.80 -52.32
C GLU B 33 -18.29 7.71 -51.30
N TYR B 34 -19.32 7.00 -50.87
CA TYR B 34 -19.10 5.82 -50.04
C TYR B 34 -18.10 4.84 -50.68
N HIS B 35 -18.24 4.63 -51.98
CA HIS B 35 -17.46 3.64 -52.69
C HIS B 35 -16.04 4.13 -52.95
N ASN B 36 -15.85 5.45 -52.85
CA ASN B 36 -14.54 6.10 -52.87
C ASN B 36 -13.89 6.29 -51.48
N MET B 37 -14.43 5.64 -50.46
CA MET B 37 -13.87 5.73 -49.10
C MET B 37 -13.20 4.46 -48.58
N SER B 38 -12.80 3.54 -49.44
CA SER B 38 -12.22 2.26 -48.97
C SER B 38 -11.09 2.45 -47.95
N GLU B 39 -10.41 3.58 -48.00
CA GLU B 39 -9.32 3.88 -47.05
C GLU B 39 -9.73 4.69 -45.81
N SER B 40 -11.01 5.00 -45.66
CA SER B 40 -11.50 5.69 -44.46
C SER B 40 -11.53 4.72 -43.29
N SER B 41 -11.62 5.29 -42.09
CA SER B 41 -11.79 4.50 -40.88
C SER B 41 -13.20 3.89 -40.86
N VAL B 42 -13.34 2.78 -40.13
CA VAL B 42 -14.57 2.01 -40.14
C VAL B 42 -15.76 2.85 -39.69
N VAL B 43 -15.53 3.71 -38.71
CA VAL B 43 -16.52 4.64 -38.16
C VAL B 43 -16.96 5.71 -39.15
N GLU B 44 -16.00 6.30 -39.89
CA GLU B 44 -16.36 7.20 -41.01
C GLU B 44 -17.18 6.52 -42.13
N LYS B 45 -16.84 5.27 -42.44
CA LYS B 45 -17.58 4.47 -43.42
C LYS B 45 -18.99 4.29 -42.94
N TYR B 46 -19.15 4.07 -41.64
CA TYR B 46 -20.45 3.90 -41.03
C TYR B 46 -21.34 5.17 -40.99
N LEU B 47 -20.72 6.31 -40.72
CA LEU B 47 -21.44 7.58 -40.63
C LEU B 47 -21.95 7.95 -42.00
N LYS B 48 -21.20 7.56 -43.02
CA LYS B 48 -21.59 7.76 -44.41
C LYS B 48 -22.84 6.93 -44.74
N LEU B 49 -22.84 5.65 -44.36
CA LEU B 49 -24.00 4.79 -44.60
C LEU B 49 -25.21 5.37 -43.97
N LYS B 50 -25.04 5.88 -42.75
CA LYS B 50 -26.08 6.54 -41.99
C LYS B 50 -26.70 7.76 -42.72
N ASP B 51 -25.85 8.61 -43.32
CA ASP B 51 -26.31 9.71 -44.16
C ASP B 51 -27.04 9.21 -45.42
N ILE B 52 -26.51 8.17 -46.04
CA ILE B 52 -27.17 7.57 -47.20
C ILE B 52 -28.57 7.06 -46.86
N ASN B 53 -28.72 6.45 -45.67
CA ASN B 53 -30.02 5.98 -45.17
C ASN B 53 -31.02 7.13 -44.98
N ASN B 54 -30.53 8.21 -44.43
CA ASN B 54 -31.32 9.38 -44.14
C ASN B 54 -31.75 10.12 -45.42
N LEU B 55 -30.86 10.19 -46.42
CA LEU B 55 -31.19 10.69 -47.76
C LEU B 55 -32.25 9.82 -48.49
N THR B 56 -32.22 8.51 -48.23
CA THR B 56 -33.16 7.58 -48.85
C THR B 56 -34.53 7.75 -48.24
N ASP B 57 -34.59 7.89 -46.90
CA ASP B 57 -35.82 8.27 -46.20
C ASP B 57 -36.39 9.61 -46.65
N ASN B 58 -35.52 10.56 -46.97
CA ASN B 58 -35.95 11.86 -47.49
C ASN B 58 -36.63 11.70 -48.87
N TYR B 59 -36.05 10.91 -49.76
CA TYR B 59 -36.73 10.57 -51.01
C TYR B 59 -38.14 9.97 -50.76
N LEU B 60 -38.18 8.92 -49.92
CA LEU B 60 -39.38 8.11 -49.69
C LEU B 60 -40.54 8.89 -49.15
N ASN B 61 -40.23 9.84 -48.27
CA ASN B 61 -41.26 10.72 -47.73
C ASN B 61 -41.66 11.87 -48.67
N THR B 62 -40.83 12.19 -49.67
CA THR B 62 -41.12 13.31 -50.60
C THR B 62 -41.96 12.81 -51.79
N TYR B 63 -41.70 11.58 -52.22
CA TYR B 63 -42.39 10.94 -53.35
C TYR B 63 -43.08 9.64 -52.91
N LYS B 64 -44.10 9.74 -52.06
CA LYS B 64 -44.70 8.55 -51.48
C LYS B 64 -45.30 7.53 -52.46
N LYS B 65 -45.69 7.97 -53.66
CA LYS B 65 -46.33 7.11 -54.67
C LYS B 65 -45.40 6.75 -55.83
N SER B 66 -44.12 7.05 -55.64
CA SER B 66 -43.11 6.82 -56.65
C SER B 66 -42.79 5.34 -56.88
N GLY B 67 -42.60 4.99 -58.14
CA GLY B 67 -42.20 3.64 -58.50
C GLY B 67 -40.79 3.28 -58.09
N ARG B 68 -40.03 4.25 -57.57
CA ARG B 68 -38.66 4.00 -57.14
C ARG B 68 -38.63 3.35 -55.76
N ASN B 69 -39.75 3.44 -55.03
CA ASN B 69 -39.83 3.09 -53.59
C ASN B 69 -39.58 1.64 -53.20
N LYS B 70 -39.96 0.70 -54.05
CA LYS B 70 -39.81 -0.71 -53.71
C LYS B 70 -38.32 -1.01 -53.64
N ALA B 71 -37.62 -0.55 -54.67
CA ALA B 71 -36.20 -0.70 -54.82
C ALA B 71 -35.43 0.08 -53.77
N LEU B 72 -35.91 1.27 -53.39
CA LEU B 72 -35.22 2.07 -52.39
C LEU B 72 -35.35 1.53 -50.97
N LYS B 73 -36.44 0.84 -50.68
CA LYS B 73 -36.57 0.14 -49.39
C LYS B 73 -35.68 -1.11 -49.32
N LYS B 74 -35.51 -1.82 -50.45
CA LYS B 74 -34.56 -2.92 -50.55
C LYS B 74 -33.12 -2.44 -50.34
N PHE B 75 -32.79 -1.32 -50.96
CA PHE B 75 -31.51 -0.65 -50.77
C PHE B 75 -31.21 -0.37 -49.28
N LYS B 76 -32.18 0.20 -48.56
CA LYS B 76 -32.06 0.38 -47.12
C LYS B 76 -31.69 -0.92 -46.39
N GLU B 77 -32.28 -2.05 -46.80
CA GLU B 77 -31.89 -3.38 -46.31
C GLU B 77 -30.43 -3.75 -46.63
N TYR B 78 -29.95 -3.30 -47.79
CA TYR B 78 -28.57 -3.52 -48.21
C TYR B 78 -27.59 -2.71 -47.40
N LEU B 79 -28.00 -1.50 -47.00
CA LEU B 79 -27.21 -0.64 -46.12
C LEU B 79 -27.03 -1.30 -44.75
N THR B 80 -28.13 -1.82 -44.20
CA THR B 80 -28.08 -2.49 -42.91
C THR B 80 -27.14 -3.71 -42.96
N MET B 81 -27.26 -4.51 -44.03
CA MET B 81 -26.32 -5.61 -44.31
C MET B 81 -24.88 -5.10 -44.39
N GLU B 82 -24.69 -3.93 -44.98
CA GLU B 82 -23.35 -3.40 -45.16
C GLU B 82 -22.67 -3.08 -43.80
N VAL B 83 -23.45 -2.69 -42.81
CA VAL B 83 -22.92 -2.43 -41.47
C VAL B 83 -22.23 -3.68 -40.88
N LEU B 84 -22.86 -4.84 -41.09
CA LEU B 84 -22.38 -6.11 -40.58
C LEU B 84 -21.11 -6.56 -41.26
N GLU B 85 -21.02 -6.30 -42.56
CA GLU B 85 -19.80 -6.54 -43.31
C GLU B 85 -18.67 -5.61 -42.85
N LEU B 86 -19.01 -4.34 -42.60
CA LEU B 86 -18.08 -3.39 -41.97
C LEU B 86 -17.56 -3.92 -40.61
N LYS B 87 -18.47 -4.39 -39.76
CA LYS B 87 -18.09 -4.91 -38.45
C LYS B 87 -17.18 -6.14 -38.60
N ASN B 88 -17.57 -7.07 -39.47
CA ASN B 88 -16.80 -8.31 -39.61
C ASN B 88 -15.39 -8.13 -40.22
N ASN B 89 -15.19 -7.02 -40.92
CA ASN B 89 -13.92 -6.77 -41.60
C ASN B 89 -13.05 -5.74 -40.87
N SER B 90 -13.47 -5.36 -39.68
CA SER B 90 -12.79 -4.34 -38.90
C SER B 90 -12.36 -4.86 -37.54
N LEU B 91 -12.30 -6.19 -37.41
CA LEU B 91 -11.89 -6.84 -36.15
C LEU B 91 -10.45 -6.56 -35.81
N THR B 92 -10.23 -6.26 -34.53
CA THR B 92 -8.89 -6.13 -33.97
C THR B 92 -8.88 -6.43 -32.48
N PRO B 93 -7.79 -7.04 -31.97
CA PRO B 93 -7.77 -7.38 -30.55
C PRO B 93 -7.99 -6.17 -29.62
N VAL B 94 -8.80 -6.41 -28.61
CA VAL B 94 -9.12 -5.49 -27.56
C VAL B 94 -7.88 -5.25 -26.70
N GLU B 95 -7.82 -4.08 -26.07
CA GLU B 95 -6.92 -3.83 -24.98
C GLU B 95 -7.07 -4.95 -23.95
N LYS B 96 -5.94 -5.47 -23.46
CA LYS B 96 -5.95 -6.59 -22.52
C LYS B 96 -6.16 -6.20 -21.06
N ASN B 97 -7.36 -5.69 -20.80
CA ASN B 97 -7.84 -5.37 -19.46
C ASN B 97 -9.03 -6.27 -19.14
N LEU B 98 -9.02 -6.78 -17.91
CA LEU B 98 -10.11 -7.55 -17.35
C LEU B 98 -10.68 -6.68 -16.26
N HIS B 99 -11.93 -6.25 -16.42
CA HIS B 99 -12.67 -5.38 -15.51
C HIS B 99 -13.67 -6.19 -14.66
N PHE B 100 -13.63 -5.96 -13.35
CA PHE B 100 -14.67 -6.46 -12.43
C PHE B 100 -15.07 -5.26 -11.59
N ILE B 101 -16.24 -5.31 -10.96
CA ILE B 101 -16.72 -4.22 -10.12
C ILE B 101 -17.28 -4.74 -8.82
N TRP B 102 -16.91 -4.14 -7.69
CA TRP B 102 -17.64 -4.37 -6.42
C TRP B 102 -17.76 -3.10 -5.57
N ILE B 103 -18.97 -2.55 -5.52
CA ILE B 103 -19.23 -1.27 -4.88
C ILE B 103 -20.30 -1.48 -3.80
N GLY B 104 -20.30 -0.62 -2.79
CA GLY B 104 -21.40 -0.59 -1.81
C GLY B 104 -21.22 -1.35 -0.51
N GLY B 105 -20.15 -2.15 -0.44
CA GLY B 105 -19.83 -2.96 0.73
C GLY B 105 -18.58 -3.77 0.49
N GLN B 106 -18.25 -4.64 1.45
CA GLN B 106 -17.04 -5.44 1.40
C GLN B 106 -17.13 -6.55 0.35
N ILE B 107 -16.12 -6.64 -0.51
CA ILE B 107 -16.01 -7.75 -1.43
C ILE B 107 -15.93 -9.09 -0.66
N ASN B 108 -16.78 -10.06 -1.02
CA ASN B 108 -16.80 -11.43 -0.41
C ASN B 108 -15.64 -12.25 -0.95
N ASP B 109 -15.24 -13.28 -0.19
CA ASP B 109 -14.18 -14.21 -0.63
C ASP B 109 -14.52 -15.01 -1.89
N THR B 110 -15.80 -15.33 -2.03
CA THR B 110 -16.35 -16.00 -3.21
C THR B 110 -16.05 -15.22 -4.51
N ALA B 111 -16.31 -13.92 -4.49
CA ALA B 111 -15.93 -13.03 -5.60
C ALA B 111 -14.41 -13.05 -5.89
N ILE B 112 -13.57 -12.97 -4.84
CA ILE B 112 -12.10 -13.05 -4.97
C ILE B 112 -11.71 -14.34 -5.68
N ASN B 113 -12.30 -15.44 -5.24
CA ASN B 113 -11.92 -16.76 -5.74
C ASN B 113 -12.26 -17.01 -7.20
N TYR B 114 -13.37 -16.42 -7.66
CA TYR B 114 -13.74 -16.47 -9.08
C TYR B 114 -12.80 -15.58 -9.91
N ILE B 115 -12.57 -14.36 -9.45
CA ILE B 115 -11.60 -13.42 -10.07
C ILE B 115 -10.23 -14.01 -10.28
N ASN B 116 -9.72 -14.68 -9.25
CA ASN B 116 -8.43 -15.33 -9.32
C ASN B 116 -8.27 -16.35 -10.45
N GLN B 117 -9.33 -17.08 -10.79
CA GLN B 117 -9.25 -18.07 -11.88
C GLN B 117 -8.93 -17.37 -13.19
N TRP B 118 -9.66 -16.29 -13.48
CA TRP B 118 -9.35 -15.41 -14.61
C TRP B 118 -7.92 -14.85 -14.55
N LYS B 119 -7.56 -14.33 -13.38
CA LYS B 119 -6.23 -13.76 -13.14
C LYS B 119 -5.15 -14.79 -13.48
N ASP B 120 -5.30 -16.01 -12.97
CA ASP B 120 -4.28 -17.04 -13.11
C ASP B 120 -4.00 -17.42 -14.57
N VAL B 121 -5.04 -17.48 -15.42
CA VAL B 121 -4.80 -18.02 -16.77
C VAL B 121 -4.65 -16.94 -17.86
N ASN B 122 -4.69 -15.68 -17.44
CA ASN B 122 -4.51 -14.56 -18.34
C ASN B 122 -3.43 -13.62 -17.90
N SER B 123 -2.19 -14.14 -17.82
CA SER B 123 -1.07 -13.36 -17.27
C SER B 123 -0.70 -12.15 -18.12
N ASP B 124 -1.19 -12.13 -19.36
CA ASP B 124 -0.99 -10.99 -20.23
C ASP B 124 -2.09 -9.92 -20.14
N TYR B 125 -3.10 -10.16 -19.29
CA TYR B 125 -4.18 -9.20 -19.03
C TYR B 125 -4.02 -8.51 -17.69
N THR B 126 -4.46 -7.25 -17.62
CA THR B 126 -4.39 -6.48 -16.38
C THR B 126 -5.73 -6.52 -15.71
N VAL B 127 -5.77 -7.10 -14.52
CA VAL B 127 -7.02 -7.18 -13.77
C VAL B 127 -7.22 -5.94 -12.93
N LYS B 128 -8.39 -5.32 -13.09
CA LYS B 128 -8.80 -4.15 -12.32
C LYS B 128 -10.13 -4.49 -11.66
N VAL B 129 -10.16 -4.41 -10.33
CA VAL B 129 -11.44 -4.59 -9.62
C VAL B 129 -11.89 -3.22 -9.15
N PHE B 130 -12.77 -2.58 -9.92
CA PHE B 130 -13.23 -1.23 -9.60
C PHE B 130 -14.09 -1.19 -8.35
N TYR B 131 -13.86 -0.20 -7.50
CA TYR B 131 -14.57 -0.06 -6.23
C TYR B 131 -14.72 1.43 -5.95
N ASP B 132 -15.57 1.78 -4.98
CA ASP B 132 -15.83 3.19 -4.64
C ASP B 132 -15.45 3.41 -3.18
N SER B 133 -14.35 4.12 -2.97
CA SER B 133 -13.86 4.32 -1.60
C SER B 133 -14.71 5.31 -0.79
N ASN B 134 -15.63 6.04 -1.45
CA ASN B 134 -16.55 6.92 -0.72
C ASN B 134 -17.86 6.28 -0.30
N ALA B 135 -18.09 5.03 -0.67
CA ALA B 135 -19.38 4.38 -0.44
C ALA B 135 -19.16 2.90 -0.16
N PHE B 136 -18.72 2.59 1.05
CA PHE B 136 -18.63 1.19 1.47
C PHE B 136 -19.87 0.85 2.28
N LEU B 137 -20.61 1.89 2.66
CA LEU B 137 -21.74 1.76 3.59
C LEU B 137 -23.14 1.67 2.97
N ILE B 138 -23.22 1.60 1.64
CA ILE B 138 -24.50 1.58 0.96
C ILE B 138 -25.42 0.41 1.38
N ASN B 139 -24.88 -0.83 1.41
CA ASN B 139 -25.66 -2.01 1.80
C ASN B 139 -26.05 -1.98 3.30
N THR B 140 -25.23 -1.30 4.11
CA THR B 140 -25.49 -1.12 5.54
C THR B 140 -26.69 -0.19 5.69
N LEU B 141 -26.68 0.92 4.94
CA LEU B 141 -27.78 1.88 5.00
C LEU B 141 -29.08 1.21 4.60
N LYS B 142 -29.06 0.56 3.45
CA LYS B 142 -30.22 -0.13 2.93
C LYS B 142 -30.74 -1.20 3.89
N LYS B 143 -29.89 -2.15 4.28
CA LYS B 143 -30.26 -3.18 5.26
C LYS B 143 -30.84 -2.56 6.53
N THR B 144 -30.26 -1.44 6.98
CA THR B 144 -30.80 -0.76 8.17
C THR B 144 -32.25 -0.30 7.98
N ILE B 145 -32.47 0.50 6.94
CA ILE B 145 -33.77 1.07 6.60
C ILE B 145 -34.84 0.00 6.36
N VAL B 146 -34.47 -1.06 5.66
CA VAL B 146 -35.40 -2.12 5.31
C VAL B 146 -35.86 -2.91 6.53
N GLU B 147 -34.94 -3.21 7.43
CA GLU B 147 -35.32 -3.95 8.63
C GLU B 147 -36.17 -3.09 9.55
N SER B 148 -35.74 -1.86 9.77
CA SER B 148 -36.57 -0.88 10.47
C SER B 148 -37.98 -0.82 9.86
N ALA B 149 -38.09 -0.84 8.54
CA ALA B 149 -39.40 -0.80 7.87
C ALA B 149 -40.16 -2.09 8.09
N THR B 150 -39.46 -3.21 8.02
CA THR B 150 -40.02 -4.53 8.35
C THR B 150 -40.61 -4.56 9.76
N ASN B 151 -39.79 -4.21 10.75
CA ASN B 151 -40.26 -4.10 12.13
C ASN B 151 -41.49 -3.20 12.29
N ASN B 152 -41.46 -1.99 11.75
CA ASN B 152 -42.58 -1.05 11.88
C ASN B 152 -43.89 -1.54 11.25
N THR B 153 -43.78 -2.43 10.28
CA THR B 153 -44.93 -3.01 9.58
C THR B 153 -45.55 -4.14 10.39
N LEU B 154 -44.73 -4.89 11.11
CA LEU B 154 -45.21 -5.99 11.95
C LEU B 154 -45.93 -5.50 13.19
N GLU B 155 -45.52 -4.34 13.72
CA GLU B 155 -46.25 -3.68 14.82
C GLU B 155 -47.67 -3.26 14.40
N SER B 156 -47.89 -3.17 13.09
CA SER B 156 -49.21 -2.92 12.51
C SER B 156 -50.00 -4.20 12.27
N PHE B 157 -49.29 -5.32 12.23
CA PHE B 157 -49.89 -6.63 12.01
C PHE B 157 -50.00 -7.37 13.35
N ARG B 158 -49.84 -6.59 14.43
CA ARG B 158 -49.59 -7.11 15.77
C ARG B 158 -50.42 -8.32 16.21
N GLU B 159 -51.75 -8.14 16.30
CA GLU B 159 -52.61 -9.21 16.79
C GLU B 159 -53.28 -9.98 15.64
N ASN B 160 -53.17 -9.42 14.44
CA ASN B 160 -53.75 -10.01 13.24
C ASN B 160 -52.68 -10.79 12.47
N LEU B 161 -52.59 -12.08 12.77
CA LEU B 161 -51.58 -12.98 12.21
C LEU B 161 -52.26 -14.21 11.62
N ASN B 162 -53.22 -14.76 12.38
CA ASN B 162 -54.10 -15.83 11.91
C ASN B 162 -55.05 -15.33 10.81
N ASP B 163 -55.50 -14.08 10.99
CA ASP B 163 -56.57 -13.47 10.20
C ASP B 163 -56.12 -12.21 9.46
N PRO B 164 -56.91 -11.77 8.45
CA PRO B 164 -57.89 -12.51 7.63
C PRO B 164 -57.30 -12.88 6.27
N GLU B 165 -56.94 -11.85 5.51
CA GLU B 165 -56.06 -11.96 4.35
C GLU B 165 -54.96 -10.87 4.40
N PHE B 166 -54.19 -10.91 5.48
CA PHE B 166 -52.89 -10.25 5.55
C PHE B 166 -51.94 -11.30 5.03
N ASP B 167 -51.52 -11.16 3.77
CA ASP B 167 -50.62 -12.14 3.17
C ASP B 167 -49.37 -11.47 2.62
N TYR B 168 -48.55 -12.26 1.92
CA TYR B 168 -47.38 -11.74 1.22
C TYR B 168 -47.70 -10.44 0.47
N ASN B 169 -48.92 -10.33 -0.07
CA ASN B 169 -49.36 -9.12 -0.77
C ASN B 169 -49.47 -7.87 0.13
N LYS B 170 -50.20 -7.99 1.25
CA LYS B 170 -50.44 -6.85 2.15
C LYS B 170 -49.19 -6.32 2.85
N PHE B 171 -48.32 -7.25 3.28
CA PHE B 171 -47.11 -6.91 4.02
C PHE B 171 -46.22 -6.00 3.19
N TYR B 172 -45.82 -6.49 2.03
CA TYR B 172 -44.97 -5.76 1.10
C TYR B 172 -45.52 -4.39 0.72
N ARG B 173 -46.83 -4.30 0.48
CA ARG B 173 -47.45 -3.02 0.13
C ARG B 173 -47.22 -1.99 1.23
N LYS B 174 -47.53 -2.39 2.46
CA LYS B 174 -47.43 -1.50 3.60
C LYS B 174 -45.99 -1.26 4.01
N ARG B 175 -45.13 -2.27 3.84
CA ARG B 175 -43.71 -2.13 4.13
C ARG B 175 -43.08 -1.12 3.20
N MET B 176 -43.40 -1.22 1.91
CA MET B 176 -42.89 -0.33 0.88
C MET B 176 -43.23 1.14 1.17
N GLU B 177 -44.42 1.38 1.71
CA GLU B 177 -44.83 2.73 2.09
C GLU B 177 -43.91 3.31 3.15
N ILE B 178 -43.54 2.49 4.14
CA ILE B 178 -42.61 2.88 5.23
C ILE B 178 -41.20 3.05 4.66
N ILE B 179 -40.75 2.07 3.89
CA ILE B 179 -39.52 2.16 3.12
C ILE B 179 -39.41 3.49 2.36
N TYR B 180 -40.37 3.79 1.51
CA TYR B 180 -40.35 5.03 0.77
C TYR B 180 -40.17 6.25 1.71
N ASP B 181 -40.96 6.31 2.78
CA ASP B 181 -40.86 7.39 3.77
C ASP B 181 -39.45 7.55 4.35
N LYS B 182 -38.81 6.41 4.66
CA LYS B 182 -37.51 6.39 5.32
C LYS B 182 -36.35 6.75 4.38
N GLN B 183 -36.47 6.23 3.15
CA GLN B 183 -35.55 6.48 2.05
C GLN B 183 -35.61 7.91 1.60
N LYS B 184 -36.81 8.47 1.51
CA LYS B 184 -36.94 9.88 1.21
C LYS B 184 -36.32 10.74 2.33
N HIS B 185 -36.51 10.32 3.58
CA HIS B 185 -35.90 11.00 4.73
C HIS B 185 -34.37 11.06 4.67
N PHE B 186 -33.73 9.96 4.27
CA PHE B 186 -32.30 9.97 4.07
C PHE B 186 -31.89 10.86 2.90
N ILE B 187 -32.54 10.65 1.75
CA ILE B 187 -32.21 11.38 0.54
C ILE B 187 -32.30 12.87 0.85
N ASP B 188 -33.36 13.29 1.54
CA ASP B 188 -33.52 14.71 1.89
C ASP B 188 -32.35 15.26 2.73
N TYR B 189 -31.85 14.44 3.64
CA TYR B 189 -30.69 14.77 4.46
C TYR B 189 -29.44 14.84 3.58
N TYR B 190 -29.19 13.78 2.82
CA TYR B 190 -28.04 13.73 1.93
C TYR B 190 -27.96 14.98 1.05
N LYS B 191 -29.08 15.37 0.44
CA LYS B 191 -29.13 16.53 -0.43
C LYS B 191 -28.82 17.82 0.36
N SER B 192 -29.33 17.88 1.58
CA SER B 192 -29.17 19.05 2.43
C SER B 192 -27.71 19.22 2.81
N GLN B 193 -27.06 18.10 3.12
CA GLN B 193 -25.64 18.05 3.43
C GLN B 193 -24.76 18.39 2.22
N ILE B 194 -25.19 17.97 1.05
CA ILE B 194 -24.38 18.14 -0.16
C ILE B 194 -24.55 19.56 -0.73
N GLU B 195 -25.70 20.17 -0.47
CA GLU B 195 -25.91 21.60 -0.77
C GLU B 195 -24.94 22.43 0.06
N GLU B 196 -24.83 22.09 1.36
CA GLU B 196 -24.01 22.85 2.29
C GLU B 196 -22.50 22.70 2.09
N ASN B 197 -22.05 21.48 1.78
CA ASN B 197 -20.65 21.22 1.44
C ASN B 197 -20.51 20.15 0.35
N PRO B 198 -20.17 20.56 -0.87
CA PRO B 198 -20.03 19.61 -1.96
C PRO B 198 -18.76 18.77 -1.82
N GLU B 199 -17.88 19.17 -0.89
CA GLU B 199 -16.67 18.40 -0.57
C GLU B 199 -16.99 17.12 0.25
N PHE B 200 -18.06 17.16 1.03
CA PHE B 200 -18.50 15.98 1.83
C PHE B 200 -18.52 14.67 1.07
N ILE B 201 -18.14 13.63 1.78
CA ILE B 201 -18.00 12.29 1.25
C ILE B 201 -19.21 11.48 1.67
N ILE B 202 -19.78 10.72 0.72
CA ILE B 202 -20.95 9.87 0.93
C ILE B 202 -20.93 9.06 2.25
N ASP B 203 -19.87 8.27 2.48
CA ASP B 203 -19.75 7.44 3.69
C ASP B 203 -19.83 8.26 5.00
N ASN B 204 -19.34 9.50 4.97
CA ASN B 204 -19.37 10.36 6.16
C ASN B 204 -20.80 10.82 6.41
N ILE B 205 -21.52 11.13 5.33
CA ILE B 205 -22.93 11.54 5.41
C ILE B 205 -23.72 10.37 5.96
N ILE B 206 -23.52 9.17 5.41
CA ILE B 206 -24.21 7.95 5.84
C ILE B 206 -23.90 7.60 7.28
N LYS B 207 -22.63 7.71 7.70
CA LYS B 207 -22.29 7.24 9.04
C LYS B 207 -22.85 8.19 10.11
N THR B 208 -22.85 9.49 9.81
CA THR B 208 -23.49 10.49 10.67
C THR B 208 -25.02 10.23 10.81
N TYR B 209 -25.69 10.02 9.67
CA TYR B 209 -27.13 9.69 9.62
C TYR B 209 -27.48 8.41 10.40
N LEU B 210 -26.76 7.32 10.17
CA LEU B 210 -27.00 6.05 10.84
C LEU B 210 -26.82 6.12 12.35
N SER B 211 -25.81 6.88 12.76
CA SER B 211 -25.48 7.11 14.16
C SER B 211 -26.56 7.98 14.85
N ASN B 212 -27.12 8.93 14.10
CA ASN B 212 -28.15 9.83 14.65
C ASN B 212 -29.55 9.22 14.66
N GLU B 213 -30.00 8.68 13.52
CA GLU B 213 -31.38 8.20 13.37
C GLU B 213 -31.62 6.75 13.76
N TYR B 214 -30.58 5.92 13.66
CA TYR B 214 -30.71 4.49 13.91
C TYR B 214 -29.73 4.02 14.98
N SER B 215 -29.08 5.00 15.61
CA SER B 215 -28.20 4.79 16.74
C SER B 215 -27.17 3.68 16.47
N LYS B 216 -26.59 3.68 15.28
CA LYS B 216 -25.48 2.78 14.99
C LYS B 216 -24.16 3.33 15.60
N ASP B 217 -23.25 2.43 15.96
CA ASP B 217 -21.93 2.76 16.52
C ASP B 217 -20.96 3.26 15.42
N LEU B 218 -20.47 4.49 15.59
CA LEU B 218 -19.52 5.10 14.63
C LEU B 218 -18.25 4.30 14.42
N GLU B 219 -17.65 3.88 15.52
CA GLU B 219 -16.45 3.04 15.53
C GLU B 219 -16.52 1.80 14.66
N ALA B 220 -17.63 1.08 14.77
CA ALA B 220 -17.85 -0.16 14.02
C ALA B 220 -18.01 0.13 12.54
N LEU B 221 -18.61 1.28 12.22
CA LEU B 221 -18.71 1.72 10.82
C LEU B 221 -17.34 2.06 10.23
N ASN B 222 -16.53 2.82 10.96
CA ASN B 222 -15.17 3.05 10.51
C ASN B 222 -14.33 1.77 10.36
N LYS B 223 -14.50 0.81 11.28
CA LYS B 223 -13.78 -0.49 11.19
C LYS B 223 -14.15 -1.24 9.92
N TYR B 224 -15.44 -1.32 9.63
CA TYR B 224 -15.91 -1.94 8.39
C TYR B 224 -15.26 -1.27 7.19
N ILE B 225 -15.26 0.06 7.17
CA ILE B 225 -14.67 0.82 6.05
C ILE B 225 -13.22 0.46 5.84
N GLU B 226 -12.45 0.46 6.92
CA GLU B 226 -11.03 0.16 6.83
C GLU B 226 -10.82 -1.26 6.35
N GLU B 227 -11.60 -2.20 6.87
CA GLU B 227 -11.50 -3.62 6.48
C GLU B 227 -11.84 -3.87 5.00
N SER B 228 -12.94 -3.26 4.55
CA SER B 228 -13.31 -3.28 3.14
C SER B 228 -12.22 -2.65 2.28
N LEU B 229 -11.72 -1.50 2.70
CA LEU B 229 -10.70 -0.79 1.96
C LEU B 229 -9.45 -1.65 1.79
N ASN B 230 -8.97 -2.23 2.88
CA ASN B 230 -7.73 -3.02 2.87
C ASN B 230 -7.85 -4.30 2.04
N LYS B 231 -9.03 -4.92 2.08
CA LYS B 231 -9.28 -6.17 1.34
C LYS B 231 -9.26 -5.96 -0.19
N ILE B 232 -9.92 -4.91 -0.69
CA ILE B 232 -9.96 -4.64 -2.12
C ILE B 232 -8.58 -4.16 -2.68
N THR B 233 -7.87 -3.40 -1.85
CA THR B 233 -6.52 -2.95 -2.10
C THR B 233 -5.56 -4.14 -2.29
N ALA B 234 -5.70 -5.18 -1.45
CA ALA B 234 -4.87 -6.39 -1.55
C ALA B 234 -5.20 -7.27 -2.77
N ASN B 235 -6.26 -6.86 -3.51
CA ASN B 235 -6.83 -7.67 -4.57
C ASN B 235 -7.07 -6.87 -5.83
N ASN B 236 -6.09 -6.06 -6.22
CA ASN B 236 -6.14 -5.23 -7.44
C ASN B 236 -7.25 -4.16 -7.47
N GLY B 237 -7.65 -3.70 -6.30
CA GLY B 237 -8.62 -2.60 -6.23
C GLY B 237 -8.19 -1.42 -7.10
N ASN B 238 -9.17 -0.86 -7.81
CA ASN B 238 -8.94 0.35 -8.56
C ASN B 238 -10.04 1.34 -8.19
N ASP B 239 -9.66 2.38 -7.44
CA ASP B 239 -10.60 3.36 -6.94
C ASP B 239 -11.06 4.35 -8.00
N ILE B 240 -12.36 4.31 -8.28
CA ILE B 240 -12.96 5.20 -9.27
C ILE B 240 -12.89 6.69 -8.84
N ARG B 241 -12.76 6.94 -7.54
CA ARG B 241 -12.61 8.30 -7.04
C ARG B 241 -11.21 8.87 -7.30
N ASN B 242 -10.35 8.04 -7.89
CA ASN B 242 -9.00 8.41 -8.32
C ASN B 242 -8.75 8.37 -9.84
N LEU B 243 -9.80 8.45 -10.65
CA LEU B 243 -9.67 8.35 -12.11
C LEU B 243 -10.14 9.64 -12.80
N GLU B 244 -9.21 10.29 -13.52
CA GLU B 244 -9.35 11.71 -13.93
C GLU B 244 -10.54 12.13 -14.84
N LYS B 245 -10.53 11.68 -16.10
CA LYS B 245 -11.52 12.17 -17.10
C LYS B 245 -12.50 11.06 -17.54
N PHE B 246 -12.36 9.90 -16.88
CA PHE B 246 -13.30 8.79 -17.02
C PHE B 246 -14.72 9.29 -16.75
N ALA B 247 -14.79 10.44 -16.08
CA ALA B 247 -16.02 10.99 -15.57
C ALA B 247 -16.74 11.86 -16.59
N ASP B 248 -17.68 11.26 -17.34
CA ASP B 248 -18.69 12.02 -18.10
C ASP B 248 -19.71 12.53 -17.07
N GLU B 249 -19.91 13.85 -17.04
CA GLU B 249 -20.62 14.51 -15.94
C GLU B 249 -22.07 14.02 -15.73
N ASP B 250 -22.84 13.88 -16.80
CA ASP B 250 -24.20 13.33 -16.69
C ASP B 250 -24.19 11.88 -16.24
N LEU B 251 -23.26 11.12 -16.78
CA LEU B 251 -23.14 9.71 -16.39
C LEU B 251 -22.79 9.57 -14.91
N VAL B 252 -21.89 10.43 -14.42
CA VAL B 252 -21.52 10.47 -13.01
C VAL B 252 -22.71 10.73 -12.10
N ARG B 253 -23.53 11.69 -12.51
CA ARG B 253 -24.78 12.03 -11.83
C ARG B 253 -25.72 10.82 -11.72
N LEU B 254 -25.82 10.05 -12.79
CA LEU B 254 -26.71 8.88 -12.81
C LEU B 254 -26.15 7.74 -11.96
N TYR B 255 -24.81 7.61 -11.94
CA TYR B 255 -24.12 6.61 -11.14
C TYR B 255 -24.39 6.84 -9.67
N ASN B 256 -24.25 8.11 -9.24
CA ASN B 256 -24.45 8.54 -7.86
C ASN B 256 -25.93 8.48 -7.40
N GLN B 257 -26.86 8.83 -8.30
CA GLN B 257 -28.29 8.61 -8.06
C GLN B 257 -28.61 7.14 -7.70
N GLU B 258 -28.18 6.21 -8.54
CA GLU B 258 -28.41 4.80 -8.27
C GLU B 258 -27.70 4.34 -7.00
N LEU B 259 -26.48 4.81 -6.82
CA LEU B 259 -25.62 4.43 -5.68
C LEU B 259 -26.17 4.93 -4.35
N VAL B 260 -26.32 6.26 -4.23
CA VAL B 260 -26.68 6.90 -2.93
C VAL B 260 -28.16 7.14 -2.64
N GLU B 261 -28.95 7.38 -3.68
CA GLU B 261 -30.37 7.64 -3.47
C GLU B 261 -31.19 6.34 -3.45
N ARG B 262 -30.88 5.45 -4.38
CA ARG B 262 -31.72 4.29 -4.72
C ARG B 262 -31.12 3.01 -4.15
N TRP B 263 -29.81 3.06 -3.88
CA TRP B 263 -29.07 1.95 -3.26
C TRP B 263 -29.11 0.73 -4.15
N ASN B 264 -29.20 0.95 -5.47
CA ASN B 264 -29.23 -0.11 -6.47
C ASN B 264 -27.83 -0.25 -7.04
N LEU B 265 -27.10 -1.23 -6.49
CA LEU B 265 -25.69 -1.43 -6.81
C LEU B 265 -25.50 -2.16 -8.14
N ALA B 266 -26.51 -2.95 -8.51
CA ALA B 266 -26.50 -3.58 -9.84
C ALA B 266 -26.63 -2.51 -10.90
N ALA B 267 -27.53 -1.54 -10.69
CA ALA B 267 -27.71 -0.43 -11.64
C ALA B 267 -26.51 0.52 -11.63
N ALA B 268 -25.96 0.80 -10.45
CA ALA B 268 -24.75 1.62 -10.37
C ALA B 268 -23.62 0.92 -11.13
N SER B 269 -23.49 -0.37 -10.94
CA SER B 269 -22.48 -1.17 -11.65
C SER B 269 -22.73 -1.26 -13.15
N ASP B 270 -24.02 -1.28 -13.52
CA ASP B 270 -24.47 -1.20 -14.92
C ASP B 270 -23.92 0.07 -15.59
N ILE B 271 -24.13 1.21 -14.94
CA ILE B 271 -23.66 2.49 -15.49
C ILE B 271 -22.11 2.52 -15.50
N LEU B 272 -21.50 2.12 -14.39
CA LEU B 272 -20.03 2.16 -14.24
C LEU B 272 -19.30 1.33 -15.30
N ARG B 273 -19.82 0.14 -15.58
CA ARG B 273 -19.14 -0.84 -16.42
C ARG B 273 -18.97 -0.37 -17.86
N ILE B 274 -19.99 0.29 -18.40
CA ILE B 274 -19.90 0.66 -19.79
C ILE B 274 -19.02 1.90 -19.88
N SER B 275 -18.97 2.68 -18.81
CA SER B 275 -18.13 3.87 -18.76
C SER B 275 -16.63 3.52 -18.73
N MET B 276 -16.26 2.52 -17.93
CA MET B 276 -14.87 2.06 -17.90
C MET B 276 -14.44 1.35 -19.19
N LEU B 277 -15.34 0.62 -19.80
CA LEU B 277 -15.05 0.02 -21.09
C LEU B 277 -14.73 1.05 -22.12
N LYS B 278 -15.48 2.12 -22.12
CA LYS B 278 -15.31 3.19 -23.08
C LYS B 278 -13.97 3.89 -22.87
N GLU B 279 -13.63 4.14 -21.62
CA GLU B 279 -12.42 4.88 -21.27
C GLU B 279 -11.16 4.03 -21.46
N ASP B 280 -11.28 2.75 -21.10
CA ASP B 280 -10.11 1.87 -20.97
C ASP B 280 -10.01 0.79 -22.03
N GLY B 281 -11.15 0.24 -22.45
CA GLY B 281 -11.19 -0.91 -23.34
C GLY B 281 -10.99 -2.15 -22.51
N GLY B 282 -11.56 -3.25 -22.94
CA GLY B 282 -11.22 -4.55 -22.39
C GLY B 282 -12.39 -5.50 -22.37
N VAL B 283 -12.37 -6.36 -21.35
CA VAL B 283 -13.40 -7.35 -21.11
C VAL B 283 -14.01 -7.09 -19.73
N TYR B 284 -15.31 -6.81 -19.69
CA TYR B 284 -15.96 -6.69 -18.41
C TYR B 284 -16.64 -8.00 -18.00
N LEU B 285 -16.46 -8.35 -16.72
CA LEU B 285 -17.03 -9.57 -16.15
C LEU B 285 -17.65 -9.38 -14.78
N ASP B 286 -18.93 -9.80 -14.62
CA ASP B 286 -19.56 -9.97 -13.29
C ASP B 286 -18.73 -10.98 -12.49
N VAL B 287 -18.64 -10.75 -11.17
CA VAL B 287 -17.77 -11.55 -10.31
C VAL B 287 -18.21 -13.00 -10.13
N ASP B 288 -19.38 -13.36 -10.69
CA ASP B 288 -19.86 -14.74 -10.55
C ASP B 288 -19.70 -15.53 -11.85
N MET B 289 -18.88 -14.98 -12.76
CA MET B 289 -18.53 -15.62 -14.01
C MET B 289 -17.18 -16.34 -13.88
N LEU B 290 -17.04 -17.46 -14.57
CA LEU B 290 -15.78 -18.18 -14.63
C LEU B 290 -15.29 -18.34 -16.08
N PRO B 291 -13.97 -18.61 -16.26
CA PRO B 291 -13.38 -18.88 -17.56
C PRO B 291 -13.97 -20.08 -18.32
N GLY B 292 -13.90 -20.02 -19.64
CA GLY B 292 -14.25 -21.20 -20.44
C GLY B 292 -13.34 -22.37 -20.08
N ILE B 293 -13.85 -23.58 -20.30
CA ILE B 293 -13.09 -24.81 -20.13
C ILE B 293 -12.46 -25.12 -21.48
N GLN B 294 -11.18 -25.51 -21.47
CA GLN B 294 -10.51 -25.93 -22.69
C GLN B 294 -11.42 -26.93 -23.41
N PRO B 295 -11.72 -26.68 -24.71
CA PRO B 295 -12.60 -27.56 -25.51
C PRO B 295 -12.16 -29.02 -25.47
N ASP B 296 -10.86 -29.22 -25.63
CA ASP B 296 -10.20 -30.53 -25.69
C ASP B 296 -10.23 -31.30 -24.35
N LEU B 297 -10.39 -30.60 -23.22
CA LEU B 297 -10.34 -31.26 -21.89
C LEU B 297 -11.30 -32.45 -21.72
N PHE B 298 -12.60 -32.18 -21.86
CA PHE B 298 -13.62 -33.17 -21.61
C PHE B 298 -14.29 -33.73 -22.88
N LYS B 299 -13.70 -33.51 -24.05
CA LYS B 299 -14.36 -33.88 -25.31
C LYS B 299 -14.53 -35.40 -25.48
N SER B 300 -13.92 -36.16 -24.57
CA SER B 300 -13.85 -37.62 -24.66
C SER B 300 -14.96 -38.30 -23.85
N ILE B 301 -15.57 -37.55 -22.93
CA ILE B 301 -16.66 -38.02 -22.11
C ILE B 301 -18.00 -37.71 -22.81
N ASN B 302 -18.74 -38.76 -23.15
CA ASN B 302 -20.07 -38.61 -23.75
C ASN B 302 -21.06 -38.24 -22.65
N LYS B 303 -21.79 -37.13 -22.81
CA LYS B 303 -22.91 -36.80 -21.94
C LYS B 303 -23.96 -37.94 -21.98
N PRO B 304 -24.40 -38.40 -20.79
CA PRO B 304 -25.56 -39.30 -20.66
C PRO B 304 -26.81 -38.62 -21.22
N ASP B 305 -27.48 -39.31 -22.14
CA ASP B 305 -28.64 -38.80 -22.88
C ASP B 305 -29.65 -38.12 -22.01
N SER B 306 -29.99 -38.79 -20.92
CA SER B 306 -30.81 -38.29 -19.83
C SER B 306 -30.55 -36.82 -19.43
N ILE B 307 -29.29 -36.40 -19.39
CA ILE B 307 -28.92 -35.11 -18.79
C ILE B 307 -28.96 -33.98 -19.82
N THR B 308 -29.46 -32.80 -19.42
CA THR B 308 -29.56 -31.66 -20.36
C THR B 308 -28.20 -30.98 -20.54
N ASN B 309 -28.08 -30.19 -21.61
CA ASN B 309 -26.86 -29.47 -21.93
C ASN B 309 -26.43 -28.51 -20.84
N THR B 310 -27.41 -27.88 -20.22
CA THR B 310 -27.20 -26.95 -19.13
C THR B 310 -26.54 -27.65 -17.94
N SER B 311 -27.12 -28.77 -17.51
CA SER B 311 -26.58 -29.53 -16.39
C SER B 311 -25.17 -30.04 -16.71
N TRP B 312 -24.96 -30.53 -17.93
CA TRP B 312 -23.64 -31.02 -18.32
C TRP B 312 -22.56 -29.97 -18.12
N GLU B 313 -22.78 -28.76 -18.66
CA GLU B 313 -21.86 -27.65 -18.44
C GLU B 313 -21.65 -27.37 -16.94
N MET B 314 -22.74 -27.43 -16.20
CA MET B 314 -22.76 -27.22 -14.77
C MET B 314 -21.92 -28.31 -14.06
N ILE B 315 -22.08 -29.58 -14.43
CA ILE B 315 -21.27 -30.61 -13.75
C ILE B 315 -19.78 -30.59 -14.15
N LYS B 316 -19.48 -30.12 -15.35
CA LYS B 316 -18.08 -29.96 -15.77
C LYS B 316 -17.29 -29.00 -14.86
N LEU B 317 -17.93 -27.95 -14.37
CA LEU B 317 -17.27 -27.04 -13.44
C LEU B 317 -17.12 -27.71 -12.07
N GLU B 318 -18.17 -28.39 -11.62
CA GLU B 318 -18.13 -29.10 -10.33
C GLU B 318 -17.02 -30.14 -10.28
N ALA B 319 -16.82 -30.85 -11.40
CA ALA B 319 -15.73 -31.80 -11.57
C ALA B 319 -14.36 -31.16 -11.39
N ILE B 320 -14.14 -30.02 -12.07
CA ILE B 320 -12.91 -29.25 -11.92
C ILE B 320 -12.66 -28.98 -10.44
N MET B 321 -13.62 -28.32 -9.80
CA MET B 321 -13.55 -27.95 -8.40
C MET B 321 -13.46 -29.15 -7.44
N LYS B 322 -13.87 -30.32 -7.91
CA LYS B 322 -13.80 -31.53 -7.11
C LYS B 322 -12.36 -32.02 -6.99
N TYR B 323 -11.63 -32.07 -8.09
CA TYR B 323 -10.33 -32.73 -8.10
C TYR B 323 -9.15 -31.78 -8.09
N LYS B 324 -9.39 -30.56 -8.54
CA LYS B 324 -8.41 -29.50 -8.54
C LYS B 324 -8.56 -28.58 -7.33
N GLU B 325 -9.79 -28.45 -6.83
CA GLU B 325 -10.07 -27.71 -5.60
C GLU B 325 -9.68 -26.24 -5.69
N TYR B 326 -9.88 -25.63 -6.85
CA TYR B 326 -9.47 -24.24 -7.05
C TYR B 326 -10.30 -23.26 -6.23
N ILE B 327 -11.57 -23.58 -6.02
CA ILE B 327 -12.46 -22.74 -5.20
C ILE B 327 -13.03 -23.59 -4.06
N PRO B 328 -12.57 -23.33 -2.82
CA PRO B 328 -13.02 -24.11 -1.66
C PRO B 328 -14.52 -23.96 -1.39
N GLY B 329 -15.18 -25.05 -1.06
CA GLY B 329 -16.63 -25.03 -0.83
C GLY B 329 -17.52 -25.13 -2.06
N TYR B 330 -16.94 -25.11 -3.26
CA TYR B 330 -17.73 -25.23 -4.49
C TYR B 330 -18.59 -26.51 -4.43
N THR B 331 -19.88 -26.36 -4.74
CA THR B 331 -20.82 -27.48 -4.73
C THR B 331 -20.34 -28.67 -5.57
N SER B 332 -20.73 -29.87 -5.13
CA SER B 332 -20.49 -31.08 -5.93
C SER B 332 -21.77 -31.88 -6.04
N LYS B 333 -22.91 -31.23 -5.74
CA LYS B 333 -24.20 -31.91 -5.66
C LYS B 333 -24.53 -32.69 -6.91
N ASN B 334 -24.55 -32.01 -8.05
CA ASN B 334 -24.95 -32.64 -9.31
C ASN B 334 -23.90 -33.62 -9.81
N PHE B 335 -22.62 -33.28 -9.64
CA PHE B 335 -21.54 -34.18 -10.01
C PHE B 335 -21.66 -35.50 -9.24
N ASP B 336 -22.08 -35.43 -7.98
CA ASP B 336 -22.13 -36.59 -7.12
C ASP B 336 -23.28 -37.54 -7.50
N MET B 337 -24.24 -37.03 -8.27
CA MET B 337 -25.37 -37.82 -8.78
C MET B 337 -24.94 -38.68 -9.97
N LEU B 338 -23.80 -38.37 -10.57
CA LEU B 338 -23.35 -39.13 -11.74
C LEU B 338 -23.05 -40.56 -11.37
N ASP B 339 -23.06 -41.45 -12.38
CA ASP B 339 -22.55 -42.81 -12.21
C ASP B 339 -21.09 -42.76 -11.82
N GLU B 340 -20.67 -43.74 -11.02
CA GLU B 340 -19.29 -43.81 -10.56
C GLU B 340 -18.32 -43.98 -11.72
N GLU B 341 -18.74 -44.76 -12.73
CA GLU B 341 -17.99 -44.89 -13.98
C GLU B 341 -17.77 -43.54 -14.66
N VAL B 342 -18.83 -42.72 -14.69
CA VAL B 342 -18.75 -41.37 -15.26
C VAL B 342 -17.94 -40.42 -14.37
N GLN B 343 -18.17 -40.48 -13.06
CA GLN B 343 -17.37 -39.73 -12.10
C GLN B 343 -15.87 -40.00 -12.29
N ARG B 344 -15.54 -41.26 -12.59
CA ARG B 344 -14.16 -41.66 -12.84
C ARG B 344 -13.60 -41.16 -14.17
N SER B 345 -14.46 -40.98 -15.18
CA SER B 345 -14.02 -40.41 -16.47
C SER B 345 -13.47 -38.99 -16.31
N PHE B 346 -14.14 -38.23 -15.45
CA PHE B 346 -13.76 -36.88 -15.12
C PHE B 346 -12.42 -36.85 -14.41
N GLU B 347 -12.32 -37.59 -13.29
CA GLU B 347 -11.08 -37.68 -12.52
C GLU B 347 -9.89 -38.04 -13.42
N SER B 348 -10.11 -39.03 -14.28
CA SER B 348 -9.11 -39.55 -15.21
C SER B 348 -8.54 -38.44 -16.08
N ALA B 349 -9.47 -37.67 -16.68
CA ALA B 349 -9.15 -36.60 -17.60
C ALA B 349 -8.43 -35.43 -16.92
N LEU B 350 -8.73 -35.23 -15.63
CA LEU B 350 -8.12 -34.17 -14.84
C LEU B 350 -6.77 -34.56 -14.19
N SER B 351 -6.46 -35.86 -14.19
CA SER B 351 -5.22 -36.40 -13.60
C SER B 351 -3.94 -36.04 -14.35
N SER B 352 -4.03 -36.04 -15.67
CA SER B 352 -2.90 -35.80 -16.55
C SER B 352 -2.59 -34.31 -16.72
N LYS B 353 -3.48 -33.46 -16.22
CA LYS B 353 -3.39 -32.02 -16.45
C LYS B 353 -2.82 -31.27 -15.23
N SER B 354 -1.70 -30.59 -15.44
CA SER B 354 -0.94 -29.94 -14.36
C SER B 354 -1.22 -28.44 -14.24
N ASP B 355 -1.06 -27.71 -15.36
CA ASP B 355 -1.21 -26.25 -15.37
C ASP B 355 -2.68 -25.90 -15.51
N LYS B 356 -3.13 -24.92 -14.72
CA LYS B 356 -4.51 -24.46 -14.76
C LYS B 356 -4.94 -23.99 -16.16
N SER B 357 -3.95 -23.61 -16.98
CA SER B 357 -4.25 -23.17 -18.34
C SER B 357 -4.43 -24.32 -19.35
N GLU B 358 -4.42 -25.56 -18.85
CA GLU B 358 -4.82 -26.76 -19.61
C GLU B 358 -6.25 -27.15 -19.20
N ILE B 359 -6.79 -26.44 -18.22
CA ILE B 359 -8.16 -26.67 -17.75
C ILE B 359 -9.08 -25.56 -18.25
N PHE B 360 -8.72 -24.33 -17.87
CA PHE B 360 -9.38 -23.13 -18.30
C PHE B 360 -8.73 -22.57 -19.55
N LEU B 361 -9.55 -21.92 -20.37
CA LEU B 361 -9.13 -21.39 -21.65
C LEU B 361 -8.72 -19.92 -21.51
N PRO B 362 -7.42 -19.62 -21.64
CA PRO B 362 -6.87 -18.25 -21.68
C PRO B 362 -7.57 -17.42 -22.74
N LEU B 363 -7.75 -16.12 -22.48
CA LEU B 363 -8.46 -15.27 -23.46
C LEU B 363 -7.65 -15.00 -24.73
N ASP B 364 -6.33 -14.89 -24.57
CA ASP B 364 -5.41 -14.61 -25.68
C ASP B 364 -5.82 -13.31 -26.40
N ASP B 365 -5.72 -13.30 -27.73
CA ASP B 365 -6.26 -12.18 -28.52
C ASP B 365 -7.76 -12.38 -28.74
N ILE B 366 -8.55 -11.42 -28.26
CA ILE B 366 -9.97 -11.40 -28.61
C ILE B 366 -10.22 -10.27 -29.63
N LYS B 367 -10.81 -10.64 -30.77
CA LYS B 367 -10.99 -9.68 -31.87
C LYS B 367 -12.37 -9.06 -31.76
N VAL B 368 -12.44 -7.74 -31.99
CA VAL B 368 -13.69 -7.01 -31.89
C VAL B 368 -13.58 -5.80 -32.81
N SER B 369 -14.73 -5.33 -33.29
CA SER B 369 -14.80 -4.18 -34.19
C SER B 369 -15.03 -2.89 -33.42
N PRO B 370 -14.44 -1.77 -33.88
CA PRO B 370 -14.73 -0.41 -33.37
C PRO B 370 -16.22 -0.04 -33.33
N LEU B 371 -17.03 -0.76 -34.11
CA LEU B 371 -18.44 -0.48 -34.22
C LEU B 371 -19.27 -1.18 -33.18
N GLU B 372 -18.69 -2.10 -32.39
CA GLU B 372 -19.51 -2.95 -31.53
C GLU B 372 -19.11 -3.02 -30.06
N VAL B 373 -20.01 -3.62 -29.29
CA VAL B 373 -19.75 -4.10 -27.97
C VAL B 373 -20.28 -5.53 -28.02
N LYS B 374 -19.42 -6.51 -27.74
CA LYS B 374 -19.90 -7.88 -27.68
C LYS B 374 -20.54 -8.12 -26.30
N ILE B 375 -21.46 -9.09 -26.21
CA ILE B 375 -22.33 -9.29 -25.02
C ILE B 375 -22.69 -10.76 -24.88
N ALA B 376 -22.79 -11.24 -23.64
CA ALA B 376 -23.22 -12.61 -23.38
C ALA B 376 -24.74 -12.81 -23.65
N PHE B 377 -25.13 -14.08 -23.80
CA PHE B 377 -26.53 -14.49 -24.02
C PHE B 377 -26.88 -15.49 -22.95
N ALA B 378 -28.06 -15.32 -22.36
CA ALA B 378 -28.72 -16.38 -21.60
C ALA B 378 -30.15 -16.48 -22.12
N ASN B 379 -30.58 -17.72 -22.38
CA ASN B 379 -31.97 -17.99 -22.81
C ASN B 379 -32.36 -17.30 -24.10
N ASN B 380 -31.41 -17.16 -25.03
CA ASN B 380 -31.64 -16.45 -26.29
C ASN B 380 -31.95 -14.95 -26.18
N SER B 381 -31.71 -14.37 -25.00
CA SER B 381 -31.61 -12.91 -24.83
C SER B 381 -30.21 -12.48 -24.42
N VAL B 382 -29.80 -11.28 -24.83
CA VAL B 382 -28.54 -10.71 -24.37
C VAL B 382 -28.60 -10.49 -22.85
N ILE B 383 -27.43 -10.54 -22.22
CA ILE B 383 -27.32 -10.32 -20.80
C ILE B 383 -25.97 -9.63 -20.52
N ASN B 384 -25.99 -8.47 -19.85
CA ASN B 384 -24.75 -7.67 -19.74
C ASN B 384 -23.71 -8.11 -18.67
N GLN B 385 -23.69 -9.40 -18.34
CA GLN B 385 -22.81 -9.90 -17.30
C GLN B 385 -21.39 -10.17 -17.80
N ALA B 386 -21.22 -10.10 -19.11
CA ALA B 386 -19.92 -10.15 -19.75
C ALA B 386 -20.04 -9.27 -20.99
N LEU B 387 -19.05 -8.40 -21.18
CA LEU B 387 -19.02 -7.40 -22.24
C LEU B 387 -17.60 -7.31 -22.81
N ILE B 388 -17.50 -6.97 -24.09
CA ILE B 388 -16.20 -6.65 -24.71
C ILE B 388 -16.29 -5.42 -25.57
N SER B 389 -15.36 -4.49 -25.36
CA SER B 389 -15.30 -3.27 -26.16
C SER B 389 -13.87 -2.77 -26.31
N LEU B 390 -13.54 -2.33 -27.51
CA LEU B 390 -12.38 -1.46 -27.70
C LEU B 390 -12.62 -0.15 -26.95
N LYS B 391 -11.53 0.46 -26.52
CA LYS B 391 -11.61 1.83 -25.97
C LYS B 391 -12.29 2.72 -26.99
N ASP B 392 -13.20 3.58 -26.52
CA ASP B 392 -13.89 4.54 -27.37
C ASP B 392 -14.65 3.93 -28.55
N SER B 393 -15.12 2.69 -28.44
CA SER B 393 -15.91 2.13 -29.54
C SER B 393 -17.16 2.97 -29.85
N TYR B 394 -17.67 2.85 -31.07
CA TYR B 394 -18.87 3.57 -31.52
C TYR B 394 -20.09 3.09 -30.75
N CYS B 395 -20.11 1.80 -30.45
CA CYS B 395 -21.24 1.20 -29.79
C CYS B 395 -21.31 1.49 -28.26
N SER B 396 -20.16 1.67 -27.61
CA SER B 396 -20.17 2.11 -26.20
C SER B 396 -20.82 3.49 -26.01
N ASP B 397 -20.60 4.40 -26.94
CA ASP B 397 -21.30 5.70 -27.02
C ASP B 397 -22.82 5.56 -27.29
N LEU B 398 -23.22 4.69 -28.21
CA LEU B 398 -24.66 4.32 -28.41
C LEU B 398 -25.34 3.80 -27.14
N VAL B 399 -24.68 2.90 -26.42
CA VAL B 399 -25.13 2.41 -25.12
C VAL B 399 -25.22 3.53 -24.06
N ILE B 400 -24.17 4.33 -23.93
CA ILE B 400 -24.21 5.46 -23.02
C ILE B 400 -25.37 6.41 -23.39
N ASN B 401 -25.54 6.71 -24.67
CA ASN B 401 -26.63 7.61 -25.08
C ASN B 401 -28.03 7.04 -24.79
N GLN B 402 -28.20 5.73 -24.91
CA GLN B 402 -29.46 5.08 -24.49
C GLN B 402 -29.75 5.30 -23.01
N ILE B 403 -28.73 5.05 -22.17
CA ILE B 403 -28.83 5.28 -20.74
C ILE B 403 -29.25 6.71 -20.41
N LYS B 404 -28.52 7.69 -20.92
CA LYS B 404 -28.84 9.12 -20.70
C LYS B 404 -30.25 9.48 -21.16
N ASN B 405 -30.61 9.09 -22.37
CA ASN B 405 -31.96 9.32 -22.90
C ASN B 405 -33.07 8.68 -22.09
N ARG B 406 -32.88 7.44 -21.67
CA ARG B 406 -33.85 6.75 -20.83
C ARG B 406 -34.00 7.42 -19.45
N TYR B 407 -32.87 7.72 -18.81
CA TYR B 407 -32.86 8.39 -17.50
C TYR B 407 -33.43 9.78 -17.57
N LYS B 408 -33.23 10.49 -18.68
CA LYS B 408 -33.82 11.80 -18.83
C LYS B 408 -35.35 11.77 -18.71
N ILE B 409 -36.00 10.83 -19.39
CA ILE B 409 -37.45 10.65 -19.30
C ILE B 409 -37.87 10.29 -17.89
N LEU B 410 -37.15 9.33 -17.30
CA LEU B 410 -37.43 8.91 -15.95
C LEU B 410 -37.35 10.10 -15.02
N ASN B 411 -36.19 10.78 -15.01
CA ASN B 411 -35.97 11.83 -14.04
C ASN B 411 -36.87 13.03 -14.26
N ASP B 412 -37.01 13.47 -15.51
CA ASP B 412 -37.93 14.59 -15.80
C ASP B 412 -39.36 14.41 -15.25
N ASN B 413 -39.85 13.18 -15.26
CA ASN B 413 -41.20 12.90 -14.75
C ASN B 413 -41.22 12.46 -13.29
N LEU B 414 -40.13 11.85 -12.83
CA LEU B 414 -40.10 11.31 -11.46
C LEU B 414 -39.74 12.36 -10.41
N ASN B 415 -38.81 13.26 -10.72
CA ASN B 415 -38.45 14.30 -9.73
C ASN B 415 -39.62 15.21 -9.35
N PRO B 416 -40.35 15.81 -10.33
CA PRO B 416 -41.58 16.55 -9.96
C PRO B 416 -42.63 15.74 -9.19
N SER B 417 -42.79 14.46 -9.50
CA SER B 417 -43.72 13.59 -8.79
C SER B 417 -43.32 13.46 -7.34
N ILE B 418 -42.01 13.34 -7.09
CA ILE B 418 -41.49 13.17 -5.74
C ILE B 418 -41.76 14.44 -4.92
N ASN B 419 -41.65 15.60 -5.57
CA ASN B 419 -41.91 16.90 -4.93
C ASN B 419 -43.39 17.19 -4.58
N GLU B 420 -44.35 16.51 -5.21
CA GLU B 420 -45.71 16.42 -4.66
C GLU B 420 -45.98 15.02 -4.15
N GLY B 421 -45.79 14.83 -2.85
CA GLY B 421 -45.99 13.54 -2.28
C GLY B 421 -46.36 13.80 -0.86
N THR B 422 -47.33 13.06 -0.37
CA THR B 422 -47.51 12.99 1.06
C THR B 422 -46.72 11.72 1.44
N ASP B 423 -46.78 10.74 0.53
CA ASP B 423 -46.23 9.41 0.73
C ASP B 423 -45.98 8.65 -0.59
N PHE B 424 -45.74 7.35 -0.46
CA PHE B 424 -45.52 6.46 -1.59
C PHE B 424 -46.66 6.48 -2.63
N ASN B 425 -47.90 6.34 -2.16
CA ASN B 425 -49.04 6.12 -3.04
C ASN B 425 -49.36 7.33 -3.92
N THR B 426 -49.32 8.52 -3.33
CA THR B 426 -49.58 9.74 -4.08
C THR B 426 -48.48 9.99 -5.11
N THR B 427 -47.23 9.75 -4.73
CA THR B 427 -46.08 9.94 -5.64
C THR B 427 -46.16 8.95 -6.79
N MET B 428 -46.50 7.71 -6.46
CA MET B 428 -46.70 6.66 -7.48
C MET B 428 -47.77 7.01 -8.51
N LYS B 429 -48.93 7.50 -8.05
CA LYS B 429 -50.07 7.84 -8.92
C LYS B 429 -49.80 9.07 -9.78
N ILE B 430 -49.13 10.06 -9.19
CA ILE B 430 -48.71 11.26 -9.91
C ILE B 430 -47.72 10.91 -11.02
N PHE B 431 -46.78 10.02 -10.71
CA PHE B 431 -45.73 9.57 -11.63
C PHE B 431 -46.31 8.78 -12.79
N SER B 432 -47.24 7.88 -12.46
CA SER B 432 -47.89 7.03 -13.45
C SER B 432 -48.72 7.87 -14.42
N ASP B 433 -49.51 8.80 -13.91
CA ASP B 433 -50.28 9.70 -14.77
C ASP B 433 -49.38 10.49 -15.71
N LYS B 434 -48.24 10.96 -15.19
CA LYS B 434 -47.32 11.74 -16.02
C LYS B 434 -46.80 10.92 -17.20
N LEU B 435 -46.44 9.66 -16.94
CA LEU B 435 -45.95 8.77 -17.98
C LEU B 435 -47.04 8.48 -18.96
N ALA B 436 -48.26 8.27 -18.48
CA ALA B 436 -49.42 8.02 -19.35
C ALA B 436 -49.59 9.17 -20.35
N SER B 437 -49.53 10.39 -19.82
CA SER B 437 -49.68 11.67 -20.53
C SER B 437 -48.81 11.88 -21.74
N ILE B 438 -47.64 11.24 -21.74
CA ILE B 438 -46.70 11.42 -22.84
C ILE B 438 -46.40 10.09 -23.50
N SER B 439 -47.20 9.07 -23.19
CA SER B 439 -47.02 7.77 -23.81
C SER B 439 -47.55 7.76 -25.23
N ASN B 440 -46.96 6.87 -26.02
CA ASN B 440 -47.38 6.60 -27.39
C ASN B 440 -46.91 5.20 -27.74
N GLU B 441 -47.20 4.76 -28.96
CA GLU B 441 -46.90 3.41 -29.41
C GLU B 441 -45.41 3.10 -29.36
N ASP B 442 -44.59 4.10 -29.65
CA ASP B 442 -43.16 3.90 -29.68
C ASP B 442 -42.57 3.64 -28.32
N ASN B 443 -43.14 4.25 -27.26
CA ASN B 443 -42.54 4.15 -25.91
C ASN B 443 -43.35 3.44 -24.83
N MET B 444 -44.56 2.97 -25.19
CA MET B 444 -45.51 2.41 -24.23
C MET B 444 -44.88 1.33 -23.33
N MET B 445 -44.22 0.34 -23.93
CA MET B 445 -43.61 -0.73 -23.13
C MET B 445 -42.54 -0.22 -22.16
N PHE B 446 -41.74 0.74 -22.63
CA PHE B 446 -40.72 1.38 -21.79
C PHE B 446 -41.38 2.07 -20.62
N MET B 447 -42.44 2.83 -20.89
CA MET B 447 -43.13 3.61 -19.86
C MET B 447 -43.71 2.68 -18.80
N ILE B 448 -44.26 1.56 -19.27
CA ILE B 448 -44.82 0.54 -18.42
C ILE B 448 -43.73 -0.07 -17.55
N LYS B 449 -42.62 -0.42 -18.18
CA LYS B 449 -41.49 -1.03 -17.46
C LYS B 449 -40.77 -0.12 -16.44
N ILE B 450 -40.78 1.19 -16.63
CA ILE B 450 -40.17 2.10 -15.65
C ILE B 450 -41.16 2.64 -14.59
N THR B 451 -42.45 2.33 -14.73
CA THR B 451 -43.50 2.82 -13.85
C THR B 451 -43.18 2.53 -12.38
N ASN B 452 -42.68 1.32 -12.09
CA ASN B 452 -42.40 0.90 -10.71
C ASN B 452 -40.95 1.06 -10.23
N TYR B 453 -40.17 1.92 -10.88
CA TYR B 453 -38.81 2.27 -10.44
C TYR B 453 -38.59 2.42 -8.92
N LEU B 454 -39.51 3.10 -8.24
CA LEU B 454 -39.40 3.29 -6.77
C LEU B 454 -39.44 1.98 -5.98
N LYS B 455 -39.98 0.91 -6.57
CA LYS B 455 -40.11 -0.37 -5.88
C LYS B 455 -38.85 -1.24 -6.01
N VAL B 456 -38.04 -0.96 -7.04
CA VAL B 456 -36.84 -1.75 -7.36
C VAL B 456 -35.99 -2.14 -6.14
N GLY B 457 -35.85 -3.44 -5.91
CA GLY B 457 -34.98 -3.94 -4.83
C GLY B 457 -35.71 -4.13 -3.51
N PHE B 458 -36.94 -3.64 -3.44
CA PHE B 458 -37.76 -3.73 -2.24
C PHE B 458 -39.01 -4.62 -2.48
N ALA B 459 -39.32 -4.85 -3.75
CA ALA B 459 -40.39 -5.77 -4.16
C ALA B 459 -39.87 -6.65 -5.31
N PRO B 460 -40.37 -7.89 -5.43
CA PRO B 460 -40.01 -8.70 -6.61
C PRO B 460 -40.89 -8.46 -7.86
N ASP B 461 -40.41 -8.97 -9.00
CA ASP B 461 -41.02 -8.82 -10.33
C ASP B 461 -40.86 -7.42 -10.96
N VAL B 462 -40.04 -6.57 -10.34
CA VAL B 462 -39.82 -5.20 -10.82
C VAL B 462 -38.71 -5.15 -11.88
N ARG B 463 -39.04 -4.68 -13.10
CA ARG B 463 -38.14 -4.78 -14.27
C ARG B 463 -37.56 -3.46 -14.82
N SER B 464 -37.52 -2.42 -13.98
CA SER B 464 -37.03 -1.11 -14.38
C SER B 464 -35.56 -1.13 -14.79
N THR B 465 -34.75 -1.88 -14.06
CA THR B 465 -33.29 -1.83 -14.23
C THR B 465 -32.86 -2.30 -15.61
N ILE B 466 -33.45 -3.40 -16.05
CA ILE B 466 -33.21 -3.98 -17.37
C ILE B 466 -33.43 -2.95 -18.50
N ASN B 467 -34.34 -2.01 -18.27
CA ASN B 467 -34.79 -1.11 -19.31
C ASN B 467 -34.20 0.27 -19.18
N LEU B 468 -33.38 0.46 -18.15
CA LEU B 468 -32.69 1.72 -17.91
C LEU B 468 -31.18 1.64 -18.07
N SER B 469 -30.56 0.57 -17.57
CA SER B 469 -29.09 0.46 -17.53
C SER B 469 -28.58 -0.95 -17.92
N GLY B 470 -29.50 -1.90 -17.97
CA GLY B 470 -29.21 -3.31 -18.25
C GLY B 470 -29.46 -3.69 -19.71
N PRO B 471 -29.73 -4.99 -19.96
CA PRO B 471 -29.83 -5.59 -21.29
C PRO B 471 -30.61 -4.82 -22.37
N GLY B 472 -31.73 -4.17 -22.07
CA GLY B 472 -32.49 -3.41 -23.08
C GLY B 472 -31.80 -2.17 -23.64
N VAL B 473 -30.93 -1.58 -22.84
CA VAL B 473 -30.05 -0.53 -23.32
C VAL B 473 -29.13 -1.02 -24.48
N TYR B 474 -28.67 -2.28 -24.39
CA TYR B 474 -27.80 -2.91 -25.38
C TYR B 474 -28.50 -3.30 -26.68
N THR B 475 -29.65 -3.96 -26.57
CA THR B 475 -30.50 -4.24 -27.74
C THR B 475 -30.92 -2.95 -28.39
N GLY B 476 -31.18 -1.92 -27.60
CA GLY B 476 -31.50 -0.59 -28.11
C GLY B 476 -30.38 -0.04 -28.95
N ALA B 477 -29.14 -0.21 -28.48
CA ALA B 477 -27.91 0.27 -29.18
C ALA B 477 -27.60 -0.45 -30.46
N TYR B 478 -27.79 -1.77 -30.47
CA TYR B 478 -27.63 -2.58 -31.67
C TYR B 478 -28.63 -2.23 -32.79
N GLN B 479 -29.90 -2.00 -32.41
CA GLN B 479 -30.94 -1.52 -33.34
C GLN B 479 -30.57 -0.11 -33.79
N ASP B 480 -29.98 0.68 -32.90
CA ASP B 480 -29.49 2.02 -33.29
C ASP B 480 -28.48 1.90 -34.38
N LEU B 481 -27.47 1.06 -34.16
CA LEU B 481 -26.43 0.77 -35.12
C LEU B 481 -26.93 0.22 -36.47
N LEU B 482 -27.67 -0.88 -36.43
CA LEU B 482 -28.09 -1.58 -37.64
C LEU B 482 -29.06 -0.78 -38.49
N MET B 483 -29.87 0.05 -37.84
CA MET B 483 -30.97 0.81 -38.46
C MET B 483 -30.66 2.31 -38.59
N PHE B 484 -29.48 2.72 -38.10
CA PHE B 484 -28.98 4.10 -38.31
C PHE B 484 -29.88 5.06 -37.56
N LYS B 485 -30.19 4.70 -36.32
CA LYS B 485 -31.04 5.49 -35.43
C LYS B 485 -30.24 5.89 -34.21
N ASP B 486 -30.82 6.83 -33.47
CA ASP B 486 -30.25 7.22 -32.19
C ASP B 486 -31.22 7.06 -31.04
N ASN B 487 -32.42 6.55 -31.31
CA ASN B 487 -33.52 6.52 -30.32
C ASN B 487 -34.28 5.19 -30.14
N SER B 488 -33.72 4.08 -30.58
CA SER B 488 -34.44 2.81 -30.56
C SER B 488 -34.98 2.45 -29.19
N THR B 489 -36.29 2.25 -29.14
CA THR B 489 -37.00 1.96 -27.91
C THR B 489 -38.06 0.84 -28.07
N ASN B 490 -38.43 0.56 -29.32
CA ASN B 490 -39.41 -0.47 -29.66
C ASN B 490 -38.66 -1.47 -30.53
N ILE B 491 -38.27 -2.60 -29.93
CA ILE B 491 -37.27 -3.51 -30.53
C ILE B 491 -37.84 -4.61 -31.44
N HIS B 492 -37.37 -4.62 -32.69
CA HIS B 492 -37.85 -5.54 -33.73
C HIS B 492 -36.73 -6.48 -34.16
N LEU B 493 -35.50 -6.23 -33.72
CA LEU B 493 -34.41 -7.16 -34.01
C LEU B 493 -34.69 -8.51 -33.39
N LEU B 494 -34.42 -9.55 -34.15
CA LEU B 494 -34.62 -10.91 -33.67
C LEU B 494 -33.28 -11.52 -33.22
N GLU B 495 -33.35 -12.55 -32.39
CA GLU B 495 -32.15 -13.26 -31.90
C GLU B 495 -31.03 -13.48 -32.95
N PRO B 496 -31.36 -14.01 -34.17
CA PRO B 496 -30.29 -14.20 -35.15
C PRO B 496 -29.50 -12.93 -35.53
N GLU B 497 -30.18 -11.80 -35.63
CA GLU B 497 -29.53 -10.50 -35.83
C GLU B 497 -28.69 -10.11 -34.59
N LEU B 498 -29.21 -10.38 -33.40
CA LEU B 498 -28.54 -10.01 -32.16
C LEU B 498 -27.30 -10.85 -31.90
N ARG B 499 -27.24 -12.04 -32.49
CA ARG B 499 -26.11 -12.97 -32.27
C ARG B 499 -24.85 -12.56 -33.00
N ASN B 500 -24.99 -11.57 -33.89
CA ASN B 500 -23.82 -10.93 -34.48
C ASN B 500 -22.88 -10.27 -33.45
N PHE B 501 -23.42 -10.02 -32.26
CA PHE B 501 -22.68 -9.32 -31.21
C PHE B 501 -22.39 -10.18 -29.99
N GLU B 502 -22.48 -11.49 -30.11
CA GLU B 502 -22.36 -12.32 -28.95
C GLU B 502 -20.92 -12.55 -28.47
N PHE B 503 -20.74 -12.64 -27.17
CA PHE B 503 -19.44 -12.95 -26.56
C PHE B 503 -18.96 -14.32 -27.08
N PRO B 504 -17.66 -14.45 -27.45
CA PRO B 504 -17.15 -15.77 -27.88
C PRO B 504 -17.49 -16.91 -26.91
N LYS B 505 -18.20 -17.88 -27.43
CA LYS B 505 -18.81 -18.93 -26.59
C LYS B 505 -17.81 -19.77 -25.81
N THR B 506 -16.65 -20.05 -26.40
CA THR B 506 -15.65 -20.91 -25.73
C THR B 506 -14.93 -20.21 -24.57
N LYS B 507 -14.99 -18.88 -24.56
CA LYS B 507 -14.16 -18.09 -23.65
C LYS B 507 -14.82 -17.63 -22.36
N ILE B 508 -15.98 -18.20 -22.05
CA ILE B 508 -16.68 -17.92 -20.81
C ILE B 508 -17.54 -19.08 -20.37
N SER B 509 -17.71 -19.17 -19.05
CA SER B 509 -18.49 -20.22 -18.46
C SER B 509 -19.41 -19.55 -17.45
N GLN B 510 -20.69 -19.50 -17.79
CA GLN B 510 -21.69 -18.70 -17.07
C GLN B 510 -22.44 -19.50 -16.02
N LEU B 511 -22.52 -20.81 -16.20
CA LEU B 511 -23.33 -21.68 -15.37
C LEU B 511 -22.48 -22.12 -14.14
N THR B 512 -22.16 -21.12 -13.32
CA THR B 512 -21.38 -21.28 -12.10
C THR B 512 -22.34 -21.40 -10.92
N GLU B 513 -21.86 -21.90 -9.80
CA GLU B 513 -22.68 -22.07 -8.60
C GLU B 513 -23.28 -20.73 -8.16
N GLN B 514 -22.43 -19.71 -8.12
CA GLN B 514 -22.82 -18.38 -7.65
C GLN B 514 -23.86 -17.69 -8.54
N GLU B 515 -23.76 -17.83 -9.85
CA GLU B 515 -24.75 -17.25 -10.76
C GLU B 515 -26.11 -17.93 -10.65
N ILE B 516 -26.10 -19.25 -10.49
CA ILE B 516 -27.36 -20.01 -10.39
C ILE B 516 -28.11 -19.68 -9.13
N THR B 517 -27.35 -19.46 -8.04
CA THR B 517 -27.84 -18.90 -6.79
C THR B 517 -28.37 -17.46 -6.95
N SER B 518 -27.74 -16.67 -7.82
CA SER B 518 -28.22 -15.30 -8.12
C SER B 518 -29.40 -15.26 -9.14
N LEU B 519 -30.03 -16.41 -9.36
CA LEU B 519 -31.20 -16.52 -10.24
C LEU B 519 -32.44 -17.01 -9.45
N ALA B 525 -40.33 -14.67 -10.67
CA ALA B 525 -40.86 -15.50 -9.58
C ALA B 525 -40.64 -14.86 -8.21
N ARG B 526 -41.43 -15.29 -7.23
CA ARG B 526 -41.44 -14.67 -5.92
C ARG B 526 -41.34 -15.68 -4.77
N ALA B 527 -40.51 -15.32 -3.79
CA ALA B 527 -40.45 -16.04 -2.52
C ALA B 527 -41.50 -15.46 -1.57
N LYS B 528 -42.66 -16.12 -1.55
CA LYS B 528 -43.70 -15.85 -0.56
C LYS B 528 -43.17 -16.22 0.83
N SER B 529 -42.12 -17.04 0.83
CA SER B 529 -41.50 -17.59 2.04
C SER B 529 -40.64 -16.59 2.85
N GLN B 530 -40.31 -15.44 2.25
CA GLN B 530 -39.58 -14.39 2.96
C GLN B 530 -40.44 -13.75 4.05
N PHE B 531 -41.71 -13.51 3.72
CA PHE B 531 -42.72 -13.02 4.67
C PHE B 531 -42.99 -14.05 5.75
N GLU B 532 -42.83 -15.32 5.41
CA GLU B 532 -43.00 -16.43 6.34
C GLU B 532 -41.81 -16.54 7.31
N GLU B 533 -40.65 -16.03 6.88
CA GLU B 533 -39.46 -15.97 7.74
C GLU B 533 -39.61 -14.87 8.81
N TYR B 534 -40.02 -13.67 8.39
CA TYR B 534 -40.28 -12.57 9.31
C TYR B 534 -41.43 -12.91 10.26
N LYS B 535 -42.28 -13.83 9.83
CA LYS B 535 -43.38 -14.36 10.62
C LYS B 535 -42.86 -15.21 11.78
N LYS B 536 -41.79 -15.96 11.53
CA LYS B 536 -41.13 -16.77 12.57
C LYS B 536 -40.37 -15.92 13.58
N GLY B 537 -39.57 -14.97 13.10
CA GLY B 537 -38.74 -14.12 13.95
C GLY B 537 -39.50 -13.16 14.84
N TYR B 538 -40.84 -13.27 14.81
CA TYR B 538 -41.69 -12.42 15.64
C TYR B 538 -42.35 -13.22 16.78
N PHE B 539 -42.09 -14.52 16.83
CA PHE B 539 -42.53 -15.38 17.93
C PHE B 539 -41.36 -15.90 18.77
N GLU B 540 -40.28 -16.28 18.09
CA GLU B 540 -39.09 -16.86 18.72
C GLU B 540 -38.28 -15.79 19.45
N MET C 1 51.57 -34.38 -29.92
CA MET C 1 50.63 -33.35 -29.34
C MET C 1 49.66 -33.89 -28.27
N ASN C 2 49.56 -35.22 -28.16
CA ASN C 2 48.73 -35.84 -27.13
C ASN C 2 49.44 -35.91 -25.77
N LEU C 3 48.70 -36.35 -24.75
CA LEU C 3 49.27 -36.49 -23.43
C LEU C 3 50.23 -37.68 -23.41
N VAL C 4 51.33 -37.49 -22.69
CA VAL C 4 52.27 -38.55 -22.37
C VAL C 4 51.54 -39.88 -22.02
N ASN C 5 52.02 -41.01 -22.57
CA ASN C 5 51.48 -42.32 -22.18
C ASN C 5 52.22 -42.92 -20.97
N LYS C 6 51.77 -44.10 -20.51
CA LYS C 6 52.36 -44.75 -19.33
C LYS C 6 53.87 -44.97 -19.47
N ALA C 7 54.30 -45.50 -20.61
CA ALA C 7 55.71 -45.74 -20.92
C ALA C 7 56.52 -44.44 -20.84
N GLN C 8 55.96 -43.36 -21.38
CA GLN C 8 56.59 -42.04 -21.36
C GLN C 8 56.69 -41.45 -19.96
N LEU C 9 55.66 -41.62 -19.15
CA LEU C 9 55.72 -41.09 -17.78
C LEU C 9 56.70 -41.92 -16.92
N GLN C 10 56.78 -43.22 -17.21
CA GLN C 10 57.76 -44.08 -16.55
C GLN C 10 59.19 -43.58 -16.73
N LYS C 11 59.53 -43.15 -17.94
CA LYS C 11 60.87 -42.60 -18.23
C LYS C 11 61.09 -41.23 -17.59
N MET C 12 60.06 -40.38 -17.64
CA MET C 12 60.05 -39.08 -16.99
C MET C 12 60.41 -39.21 -15.50
N ALA C 13 59.68 -40.08 -14.79
CA ALA C 13 59.71 -40.12 -13.33
C ALA C 13 60.64 -41.21 -12.78
N TYR C 14 61.55 -41.66 -13.62
CA TYR C 14 62.48 -42.75 -13.30
C TYR C 14 63.52 -42.38 -12.26
N VAL C 15 63.63 -43.22 -11.24
CA VAL C 15 64.74 -43.22 -10.28
C VAL C 15 65.36 -44.63 -10.22
N LYS C 16 66.58 -44.79 -10.71
CA LYS C 16 67.30 -46.08 -10.68
C LYS C 16 67.26 -46.74 -9.30
N PHE C 17 66.83 -47.99 -9.27
CA PHE C 17 66.75 -48.86 -8.05
C PHE C 17 65.62 -48.55 -7.10
N ARG C 18 64.95 -47.41 -7.28
CA ARG C 18 63.87 -47.01 -6.38
C ARG C 18 62.66 -47.91 -6.55
N ILE C 19 62.14 -48.37 -5.41
CA ILE C 19 60.90 -49.13 -5.33
C ILE C 19 59.74 -48.36 -5.98
N GLN C 20 58.98 -49.06 -6.81
CA GLN C 20 57.75 -48.51 -7.37
C GLN C 20 56.67 -48.54 -6.30
N GLU C 21 56.33 -47.36 -5.80
CA GLU C 21 55.42 -47.25 -4.65
C GLU C 21 53.96 -47.45 -5.12
N ASP C 22 53.09 -47.98 -4.25
CA ASP C 22 51.66 -48.18 -4.60
C ASP C 22 51.02 -46.91 -5.19
N GLU C 23 51.31 -45.77 -4.56
CA GLU C 23 50.82 -44.46 -4.99
C GLU C 23 51.31 -44.07 -6.38
N TYR C 24 52.46 -44.62 -6.81
CA TYR C 24 53.03 -44.29 -8.10
C TYR C 24 52.42 -45.19 -9.18
N VAL C 25 52.17 -46.44 -8.81
CA VAL C 25 51.50 -47.42 -9.67
C VAL C 25 50.04 -47.01 -9.93
N ALA C 26 49.41 -46.44 -8.89
CA ALA C 26 48.10 -45.77 -9.00
C ALA C 26 48.05 -44.73 -10.13
N ILE C 27 49.01 -43.78 -10.15
CA ILE C 27 49.14 -42.85 -11.30
C ILE C 27 49.22 -43.61 -12.62
N LEU C 28 50.22 -44.48 -12.76
CA LEU C 28 50.51 -45.14 -14.03
C LEU C 28 49.33 -45.93 -14.58
N ASN C 29 48.67 -46.71 -13.71
CA ASN C 29 47.44 -47.44 -14.07
C ASN C 29 46.30 -46.52 -14.54
N ALA C 30 46.13 -45.38 -13.88
CA ALA C 30 45.13 -44.39 -14.26
C ALA C 30 45.45 -43.73 -15.63
N LEU C 31 46.72 -43.37 -15.85
CA LEU C 31 47.12 -42.79 -17.12
C LEU C 31 46.83 -43.78 -18.25
N GLU C 32 47.15 -45.04 -18.01
CA GLU C 32 46.89 -46.08 -18.96
C GLU C 32 45.40 -46.21 -19.29
N GLU C 33 44.55 -46.24 -18.27
CA GLU C 33 43.11 -46.32 -18.54
C GLU C 33 42.57 -45.07 -19.23
N TYR C 34 43.17 -43.90 -18.96
CA TYR C 34 42.85 -42.70 -19.72
C TYR C 34 43.09 -42.92 -21.22
N HIS C 35 44.20 -43.55 -21.57
CA HIS C 35 44.54 -43.70 -22.99
C HIS C 35 43.68 -44.73 -23.74
N ASN C 36 42.91 -45.52 -22.98
CA ASN C 36 41.97 -46.49 -23.53
C ASN C 36 40.55 -45.94 -23.55
N MET C 37 40.40 -44.67 -23.22
CA MET C 37 39.10 -43.99 -23.12
C MET C 37 38.76 -43.11 -24.32
N SER C 38 39.48 -43.27 -25.43
CA SER C 38 39.30 -42.41 -26.60
C SER C 38 37.84 -42.22 -27.07
N GLU C 39 37.02 -43.24 -26.83
CA GLU C 39 35.62 -43.26 -27.27
C GLU C 39 34.66 -42.75 -26.19
N SER C 40 35.22 -42.23 -25.10
CA SER C 40 34.41 -41.68 -24.02
C SER C 40 34.02 -40.26 -24.36
N SER C 41 33.00 -39.76 -23.66
CA SER C 41 32.60 -38.38 -23.78
C SER C 41 33.74 -37.50 -23.28
N VAL C 42 33.70 -36.23 -23.64
CA VAL C 42 34.71 -35.29 -23.23
C VAL C 42 34.68 -35.01 -21.73
N VAL C 43 33.49 -34.98 -21.11
CA VAL C 43 33.47 -34.71 -19.67
C VAL C 43 33.93 -35.93 -18.87
N GLU C 44 33.77 -37.13 -19.45
CA GLU C 44 34.27 -38.37 -18.89
C GLU C 44 35.80 -38.36 -18.98
N LYS C 45 36.34 -38.11 -20.16
CA LYS C 45 37.76 -37.85 -20.33
C LYS C 45 38.34 -36.83 -19.34
N TYR C 46 37.71 -35.67 -19.23
CA TYR C 46 38.10 -34.66 -18.23
C TYR C 46 38.11 -35.19 -16.77
N LEU C 47 37.07 -35.89 -16.36
CA LEU C 47 36.92 -36.42 -14.99
C LEU C 47 37.99 -37.48 -14.66
N LYS C 48 38.47 -38.17 -15.68
CA LYS C 48 39.56 -39.11 -15.56
C LYS C 48 40.90 -38.36 -15.38
N LEU C 49 41.11 -37.26 -16.13
CA LEU C 49 42.31 -36.40 -15.96
C LEU C 49 42.36 -35.84 -14.56
N LYS C 50 41.20 -35.39 -14.08
CA LYS C 50 41.00 -34.90 -12.71
C LYS C 50 41.32 -35.95 -11.65
N ASP C 51 40.96 -37.22 -11.87
CA ASP C 51 41.33 -38.28 -10.91
C ASP C 51 42.84 -38.52 -10.93
N ILE C 52 43.42 -38.51 -12.12
CA ILE C 52 44.88 -38.67 -12.33
C ILE C 52 45.68 -37.57 -11.60
N ASN C 53 45.14 -36.34 -11.65
CA ASN C 53 45.75 -35.20 -10.96
C ASN C 53 45.77 -35.34 -9.45
N ASN C 54 44.65 -35.80 -8.91
CA ASN C 54 44.53 -36.01 -7.48
C ASN C 54 45.37 -37.17 -6.98
N LEU C 55 45.58 -38.16 -7.85
CA LEU C 55 46.44 -39.30 -7.56
C LEU C 55 47.92 -38.93 -7.59
N THR C 56 48.28 -37.99 -8.47
CA THR C 56 49.62 -37.48 -8.56
C THR C 56 50.00 -36.65 -7.36
N ASP C 57 49.12 -35.77 -6.89
CA ASP C 57 49.53 -35.04 -5.69
C ASP C 57 49.30 -35.80 -4.39
N ASN C 58 48.56 -36.92 -4.46
CA ASN C 58 48.57 -37.90 -3.37
C ASN C 58 49.99 -38.47 -3.19
N TYR C 59 50.63 -38.82 -4.31
CA TYR C 59 52.04 -39.22 -4.31
C TYR C 59 52.92 -38.14 -3.70
N LEU C 60 52.89 -36.94 -4.30
CA LEU C 60 53.62 -35.76 -3.86
C LEU C 60 53.49 -35.46 -2.36
N ASN C 61 52.27 -35.61 -1.84
CA ASN C 61 52.00 -35.41 -0.41
C ASN C 61 52.57 -36.50 0.48
N THR C 62 52.63 -37.72 -0.06
CA THR C 62 53.15 -38.86 0.71
C THR C 62 54.68 -38.90 0.73
N TYR C 63 55.28 -38.53 -0.38
CA TYR C 63 56.73 -38.60 -0.54
C TYR C 63 57.30 -37.24 -0.88
N LYS C 64 57.33 -36.37 0.12
CA LYS C 64 57.76 -34.98 -0.06
C LYS C 64 59.21 -34.82 -0.50
N LYS C 65 60.02 -35.86 -0.32
CA LYS C 65 61.45 -35.79 -0.67
C LYS C 65 61.86 -36.62 -1.88
N SER C 66 60.90 -37.32 -2.51
CA SER C 66 61.18 -38.20 -3.66
C SER C 66 61.83 -37.48 -4.86
N GLY C 67 62.73 -38.22 -5.53
CA GLY C 67 63.29 -37.81 -6.83
C GLY C 67 62.36 -38.03 -8.04
N ARG C 68 61.15 -38.55 -7.83
CA ARG C 68 60.12 -38.59 -8.88
C ARG C 68 59.39 -37.24 -8.98
N ASN C 69 59.41 -36.48 -7.90
CA ASN C 69 58.56 -35.31 -7.72
C ASN C 69 58.60 -34.24 -8.84
N LYS C 70 59.78 -33.83 -9.27
CA LYS C 70 59.92 -32.79 -10.30
C LYS C 70 59.27 -33.18 -11.64
N ALA C 71 59.46 -34.45 -11.99
CA ALA C 71 58.86 -35.05 -13.18
C ALA C 71 57.33 -35.12 -13.07
N LEU C 72 56.84 -35.41 -11.87
CA LEU C 72 55.40 -35.48 -11.59
C LEU C 72 54.70 -34.11 -11.52
N LYS C 73 55.46 -33.06 -11.22
CA LYS C 73 54.95 -31.70 -11.30
C LYS C 73 54.88 -31.22 -12.76
N LYS C 74 55.86 -31.60 -13.56
CA LYS C 74 55.81 -31.45 -15.02
C LYS C 74 54.62 -32.20 -15.59
N PHE C 75 54.39 -33.42 -15.11
CA PHE C 75 53.23 -34.21 -15.51
C PHE C 75 51.92 -33.49 -15.21
N LYS C 76 51.83 -32.86 -14.04
CA LYS C 76 50.62 -32.08 -13.70
C LYS C 76 50.36 -30.96 -14.72
N GLU C 77 51.42 -30.27 -15.14
CA GLU C 77 51.33 -29.29 -16.23
C GLU C 77 50.82 -29.90 -17.52
N TYR C 78 51.25 -31.12 -17.82
CA TYR C 78 50.86 -31.81 -19.05
C TYR C 78 49.36 -32.14 -19.02
N LEU C 79 48.83 -32.43 -17.83
CA LEU C 79 47.43 -32.75 -17.64
C LEU C 79 46.56 -31.52 -17.97
N THR C 80 47.04 -30.35 -17.53
CA THR C 80 46.36 -29.08 -17.69
C THR C 80 46.31 -28.68 -19.17
N MET C 81 47.41 -28.96 -19.88
CA MET C 81 47.48 -28.81 -21.33
C MET C 81 46.51 -29.74 -22.08
N GLU C 82 46.23 -30.89 -21.48
CA GLU C 82 45.35 -31.88 -22.09
C GLU C 82 43.90 -31.43 -21.98
N VAL C 83 43.57 -30.75 -20.88
CA VAL C 83 42.28 -30.04 -20.73
C VAL C 83 41.96 -29.15 -21.95
N LEU C 84 42.87 -28.22 -22.27
CA LEU C 84 42.72 -27.31 -23.40
C LEU C 84 42.65 -28.05 -24.72
N GLU C 85 43.39 -29.14 -24.82
CA GLU C 85 43.33 -30.01 -25.97
C GLU C 85 41.96 -30.68 -26.11
N LEU C 86 41.41 -31.16 -24.98
CA LEU C 86 40.03 -31.71 -24.96
C LEU C 86 39.02 -30.65 -25.43
N LYS C 87 39.11 -29.46 -24.85
CA LYS C 87 38.23 -28.35 -25.18
C LYS C 87 38.25 -28.02 -26.67
N ASN C 88 39.44 -27.90 -27.24
CA ASN C 88 39.63 -27.51 -28.64
C ASN C 88 39.14 -28.58 -29.64
N ASN C 89 39.24 -29.85 -29.25
CA ASN C 89 38.84 -30.90 -30.17
C ASN C 89 37.40 -31.42 -29.91
N SER C 90 36.62 -30.65 -29.14
CA SER C 90 35.27 -31.05 -28.76
C SER C 90 34.24 -30.00 -29.11
N LEU C 91 34.55 -29.16 -30.08
CA LEU C 91 33.67 -28.05 -30.49
C LEU C 91 32.45 -28.57 -31.24
N THR C 92 31.27 -28.06 -30.88
CA THR C 92 30.01 -28.31 -31.59
C THR C 92 29.14 -27.06 -31.48
N PRO C 93 28.32 -26.79 -32.51
CA PRO C 93 27.53 -25.53 -32.48
C PRO C 93 26.55 -25.45 -31.31
N VAL C 94 26.48 -24.27 -30.67
CA VAL C 94 25.50 -24.08 -29.60
C VAL C 94 24.08 -24.16 -30.14
N GLU C 95 23.15 -24.38 -29.21
CA GLU C 95 21.71 -24.24 -29.48
C GLU C 95 21.49 -22.80 -29.93
N LYS C 96 20.58 -22.62 -30.88
CA LYS C 96 20.35 -21.31 -31.48
C LYS C 96 19.27 -20.51 -30.76
N ASN C 97 19.62 -20.16 -29.53
CA ASN C 97 18.84 -19.33 -28.65
C ASN C 97 19.66 -18.11 -28.27
N LEU C 98 19.00 -16.95 -28.29
CA LEU C 98 19.61 -15.71 -27.91
C LEU C 98 18.86 -15.22 -26.67
N HIS C 99 19.59 -14.93 -25.60
CA HIS C 99 19.03 -14.48 -24.33
C HIS C 99 19.39 -13.03 -23.96
N PHE C 100 18.35 -12.29 -23.59
CA PHE C 100 18.44 -10.95 -23.01
C PHE C 100 17.61 -11.00 -21.75
N ILE C 101 17.84 -10.06 -20.83
CA ILE C 101 17.18 -10.05 -19.54
C ILE C 101 16.97 -8.61 -19.19
N TRP C 102 15.72 -8.25 -18.89
CA TRP C 102 15.45 -6.98 -18.25
C TRP C 102 14.42 -7.13 -17.12
N ILE C 103 14.89 -6.97 -15.89
CA ILE C 103 14.05 -7.12 -14.72
C ILE C 103 14.06 -5.83 -13.85
N GLY C 104 12.99 -5.67 -13.06
CA GLY C 104 12.93 -4.64 -12.01
C GLY C 104 12.38 -3.29 -12.41
N GLY C 105 11.80 -3.19 -13.60
CA GLY C 105 11.21 -1.95 -14.11
C GLY C 105 10.90 -2.10 -15.57
N GLN C 106 10.40 -1.03 -16.20
CA GLN C 106 10.02 -1.08 -17.61
C GLN C 106 11.25 -1.12 -18.50
N ILE C 107 11.22 -1.97 -19.52
CA ILE C 107 12.30 -2.02 -20.50
C ILE C 107 12.32 -0.69 -21.27
N ASN C 108 13.51 -0.14 -21.51
CA ASN C 108 13.61 1.18 -22.19
C ASN C 108 13.51 0.97 -23.68
N ASP C 109 13.18 2.03 -24.42
CA ASP C 109 13.21 1.99 -25.89
C ASP C 109 14.60 1.66 -26.42
N THR C 110 15.62 2.29 -25.84
CA THR C 110 17.02 2.02 -26.20
C THR C 110 17.37 0.52 -26.18
N ALA C 111 17.11 -0.17 -25.06
CA ALA C 111 17.23 -1.64 -24.97
C ALA C 111 16.48 -2.38 -26.11
N ILE C 112 15.22 -2.03 -26.32
CA ILE C 112 14.40 -2.65 -27.37
C ILE C 112 15.04 -2.47 -28.74
N ASN C 113 15.53 -1.26 -29.02
CA ASN C 113 16.17 -0.96 -30.32
C ASN C 113 17.40 -1.77 -30.64
N TYR C 114 18.19 -2.02 -29.60
CA TYR C 114 19.41 -2.81 -29.68
C TYR C 114 19.08 -4.30 -29.91
N ILE C 115 18.16 -4.84 -29.14
CA ILE C 115 17.65 -6.22 -29.31
C ILE C 115 17.13 -6.47 -30.73
N ASN C 116 16.37 -5.51 -31.27
CA ASN C 116 15.82 -5.62 -32.62
C ASN C 116 16.89 -5.80 -33.69
N GLN C 117 18.09 -5.29 -33.46
CA GLN C 117 19.16 -5.46 -34.45
C GLN C 117 19.61 -6.91 -34.50
N TRP C 118 19.75 -7.54 -33.34
CA TRP C 118 20.04 -8.98 -33.28
C TRP C 118 18.90 -9.85 -33.87
N LYS C 119 17.65 -9.53 -33.51
CA LYS C 119 16.48 -10.21 -34.10
C LYS C 119 16.51 -10.17 -35.63
N ASP C 120 16.77 -8.99 -36.19
CA ASP C 120 16.71 -8.78 -37.67
C ASP C 120 17.71 -9.61 -38.46
N VAL C 121 18.94 -9.71 -37.94
CA VAL C 121 20.01 -10.44 -38.63
C VAL C 121 20.15 -11.91 -38.17
N ASN C 122 19.34 -12.34 -37.20
CA ASN C 122 19.40 -13.73 -36.74
C ASN C 122 18.05 -14.53 -36.80
N SER C 123 17.54 -14.71 -38.01
CA SER C 123 16.28 -15.46 -38.28
C SER C 123 16.27 -16.84 -37.68
N ASP C 124 17.42 -17.48 -37.74
CA ASP C 124 17.62 -18.84 -37.27
C ASP C 124 17.83 -19.00 -35.75
N TYR C 125 17.81 -17.89 -34.98
CA TYR C 125 17.91 -17.96 -33.52
C TYR C 125 16.55 -17.59 -32.99
N THR C 126 16.15 -18.23 -31.91
CA THR C 126 14.94 -17.86 -31.21
C THR C 126 15.34 -16.86 -30.15
N VAL C 127 14.80 -15.64 -30.21
CA VAL C 127 15.22 -14.57 -29.34
C VAL C 127 14.24 -14.43 -28.18
N LYS C 128 14.75 -14.63 -26.96
CA LYS C 128 13.97 -14.52 -25.72
C LYS C 128 14.43 -13.31 -24.93
N VAL C 129 13.50 -12.48 -24.47
CA VAL C 129 13.79 -11.35 -23.57
C VAL C 129 13.08 -11.57 -22.22
N PHE C 130 13.85 -12.02 -21.24
CA PHE C 130 13.27 -12.41 -19.98
C PHE C 130 12.93 -11.22 -19.10
N TYR C 131 11.83 -11.36 -18.37
CA TYR C 131 11.42 -10.39 -17.40
C TYR C 131 10.74 -11.16 -16.28
N ASP C 132 10.47 -10.46 -15.19
CA ASP C 132 9.83 -11.03 -14.02
C ASP C 132 8.57 -10.21 -13.83
N SER C 133 7.43 -10.81 -14.17
CA SER C 133 6.16 -10.09 -14.15
C SER C 133 5.70 -9.76 -12.74
N ASN C 134 6.34 -10.36 -11.75
CA ASN C 134 5.97 -10.19 -10.36
C ASN C 134 6.74 -9.06 -9.69
N ALA C 135 7.79 -8.58 -10.36
CA ALA C 135 8.75 -7.64 -9.79
C ALA C 135 9.12 -6.46 -10.71
N PHE C 136 8.11 -5.80 -11.28
CA PHE C 136 8.27 -4.54 -12.05
C PHE C 136 8.57 -3.29 -11.19
N LEU C 137 8.37 -3.39 -9.87
CA LEU C 137 8.50 -2.23 -8.96
C LEU C 137 9.80 -2.16 -8.15
N ILE C 138 10.76 -3.04 -8.42
CA ILE C 138 12.04 -3.04 -7.69
C ILE C 138 12.77 -1.69 -7.74
N ASN C 139 12.93 -1.15 -8.95
CA ASN C 139 13.60 0.14 -9.11
C ASN C 139 12.86 1.28 -8.43
N THR C 140 11.54 1.31 -8.55
CA THR C 140 10.67 2.29 -7.84
C THR C 140 10.89 2.27 -6.32
N LEU C 141 10.84 1.07 -5.73
CA LEU C 141 11.14 0.89 -4.31
C LEU C 141 12.50 1.49 -3.93
N LYS C 142 13.55 1.09 -4.62
CA LYS C 142 14.89 1.61 -4.36
C LYS C 142 14.99 3.15 -4.46
N LYS C 143 14.51 3.73 -5.56
CA LYS C 143 14.56 5.18 -5.74
C LYS C 143 13.84 5.91 -4.64
N THR C 144 12.72 5.34 -4.18
CA THR C 144 11.91 5.93 -3.12
C THR C 144 12.66 5.96 -1.79
N ILE C 145 13.26 4.84 -1.43
CA ILE C 145 14.01 4.71 -0.19
C ILE C 145 15.26 5.59 -0.25
N VAL C 146 15.99 5.52 -1.36
CA VAL C 146 17.23 6.31 -1.50
C VAL C 146 16.94 7.82 -1.50
N GLU C 147 15.89 8.24 -2.20
CA GLU C 147 15.42 9.63 -2.16
C GLU C 147 15.07 10.06 -0.74
N SER C 148 14.19 9.29 -0.10
CA SER C 148 13.85 9.58 1.28
C SER C 148 15.13 9.79 2.10
N ALA C 149 16.03 8.82 2.06
CA ALA C 149 17.28 8.87 2.81
C ALA C 149 18.20 10.03 2.43
N THR C 150 18.28 10.35 1.14
CA THR C 150 19.00 11.54 0.66
C THR C 150 18.47 12.81 1.33
N ASN C 151 17.16 13.01 1.28
CA ASN C 151 16.53 14.21 1.86
C ASN C 151 16.71 14.32 3.36
N ASN C 152 16.57 13.20 4.07
CA ASN C 152 16.73 13.17 5.52
C ASN C 152 18.11 13.63 5.96
N THR C 153 19.16 13.16 5.27
CA THR C 153 20.51 13.61 5.64
C THR C 153 20.81 15.04 5.15
N LEU C 154 20.26 15.42 3.99
CA LEU C 154 20.37 16.80 3.52
C LEU C 154 19.76 17.81 4.51
N GLU C 155 18.65 17.43 5.15
CA GLU C 155 18.03 18.27 6.18
C GLU C 155 18.72 18.15 7.56
N SER C 156 19.83 17.42 7.63
CA SER C 156 20.65 17.43 8.85
C SER C 156 21.93 18.24 8.61
N PHE C 157 22.19 18.53 7.33
CA PHE C 157 23.31 19.35 6.88
C PHE C 157 22.87 20.81 6.63
N ARG C 158 21.69 21.17 7.13
CA ARG C 158 21.03 22.45 6.84
C ARG C 158 21.80 23.69 7.33
N GLU C 159 22.24 23.65 8.58
CA GLU C 159 22.94 24.79 9.17
C GLU C 159 24.43 24.76 8.84
N ASN C 160 24.87 23.66 8.22
CA ASN C 160 26.28 23.44 7.90
C ASN C 160 26.55 23.26 6.41
N LEU C 161 25.87 24.06 5.59
CA LEU C 161 25.98 24.00 4.13
C LEU C 161 27.32 24.54 3.60
N ASN C 162 27.83 25.60 4.23
CA ASN C 162 29.04 26.27 3.78
C ASN C 162 30.34 25.65 4.36
N ASP C 163 30.38 25.56 5.69
CA ASP C 163 31.49 24.90 6.42
C ASP C 163 30.86 23.82 7.32
N PRO C 164 31.66 22.93 7.95
CA PRO C 164 33.13 22.66 7.86
C PRO C 164 33.48 21.38 7.05
N GLU C 165 33.42 20.21 7.72
CA GLU C 165 33.56 18.91 7.05
C GLU C 165 32.23 18.15 6.87
N PHE C 166 31.20 18.92 6.54
CA PHE C 166 29.96 18.35 6.03
C PHE C 166 30.08 18.27 4.50
N ASP C 167 30.91 17.33 4.04
CA ASP C 167 31.21 17.12 2.62
C ASP C 167 30.51 15.88 2.04
N TYR C 168 30.87 15.57 0.78
CA TYR C 168 30.35 14.38 0.07
C TYR C 168 30.72 13.08 0.75
N ASN C 169 31.84 13.09 1.46
CA ASN C 169 32.32 11.91 2.15
C ASN C 169 31.47 11.61 3.40
N LYS C 170 31.21 12.65 4.18
CA LYS C 170 30.30 12.61 5.34
C LYS C 170 28.88 12.25 4.86
N PHE C 171 28.47 12.82 3.73
CA PHE C 171 27.13 12.63 3.17
C PHE C 171 26.72 11.17 2.95
N TYR C 172 27.52 10.43 2.21
CA TYR C 172 27.25 9.02 1.92
C TYR C 172 27.31 8.10 3.14
N ARG C 173 28.20 8.39 4.09
CA ARG C 173 28.27 7.68 5.36
C ARG C 173 26.93 7.76 6.09
N LYS C 174 26.46 8.99 6.31
CA LYS C 174 25.25 9.25 7.07
C LYS C 174 24.00 8.78 6.33
N ARG C 175 23.96 9.03 5.03
CA ARG C 175 22.92 8.46 4.14
C ARG C 175 22.86 6.95 4.25
N MET C 176 24.01 6.28 4.21
CA MET C 176 24.06 4.81 4.22
C MET C 176 23.40 4.26 5.48
N GLU C 177 23.61 4.93 6.61
CA GLU C 177 22.98 4.57 7.88
C GLU C 177 21.45 4.67 7.82
N ILE C 178 20.94 5.70 7.15
CA ILE C 178 19.50 5.91 6.99
C ILE C 178 18.91 4.86 6.05
N ILE C 179 19.61 4.63 4.93
CA ILE C 179 19.24 3.64 3.95
C ILE C 179 19.15 2.27 4.61
N TYR C 180 20.18 1.89 5.35
CA TYR C 180 20.18 0.59 5.99
C TYR C 180 18.94 0.34 6.84
N ASP C 181 18.56 1.34 7.63
CA ASP C 181 17.37 1.25 8.51
C ASP C 181 16.04 1.09 7.74
N LYS C 182 15.85 1.93 6.72
CA LYS C 182 14.67 1.89 5.85
C LYS C 182 14.60 0.61 5.03
N GLN C 183 15.73 0.22 4.45
CA GLN C 183 15.81 -1.03 3.72
C GLN C 183 15.42 -2.22 4.60
N LYS C 184 16.02 -2.30 5.80
CA LYS C 184 15.74 -3.37 6.75
C LYS C 184 14.25 -3.40 7.16
N HIS C 185 13.69 -2.20 7.35
CA HIS C 185 12.28 -2.05 7.62
C HIS C 185 11.44 -2.65 6.47
N PHE C 186 11.88 -2.45 5.24
CA PHE C 186 11.20 -3.13 4.14
C PHE C 186 11.38 -4.67 4.19
N ILE C 187 12.62 -5.12 4.27
CA ILE C 187 12.90 -6.57 4.34
C ILE C 187 12.10 -7.28 5.46
N ASP C 188 11.97 -6.63 6.62
CA ASP C 188 11.17 -7.18 7.72
C ASP C 188 9.67 -7.28 7.36
N TYR C 189 9.12 -6.25 6.74
CA TYR C 189 7.73 -6.29 6.27
C TYR C 189 7.54 -7.38 5.23
N TYR C 190 8.42 -7.41 4.23
CA TYR C 190 8.38 -8.42 3.19
C TYR C 190 8.44 -9.83 3.76
N LYS C 191 9.41 -10.09 4.64
CA LYS C 191 9.56 -11.40 5.27
C LYS C 191 8.28 -11.84 6.01
N SER C 192 7.63 -10.92 6.72
CA SER C 192 6.44 -11.29 7.47
C SER C 192 5.25 -11.54 6.55
N GLN C 193 5.16 -10.80 5.45
CA GLN C 193 4.12 -11.01 4.45
C GLN C 193 4.19 -12.39 3.78
N ILE C 194 5.40 -12.91 3.59
CA ILE C 194 5.55 -14.18 2.88
C ILE C 194 5.29 -15.41 3.77
N GLU C 195 5.45 -15.24 5.08
CA GLU C 195 5.21 -16.33 6.05
C GLU C 195 3.72 -16.46 6.32
N GLU C 196 3.03 -15.31 6.28
CA GLU C 196 1.58 -15.24 6.42
C GLU C 196 0.96 -15.74 5.12
N ASN C 197 1.31 -15.10 4.01
CA ASN C 197 0.74 -15.44 2.70
C ASN C 197 1.82 -15.72 1.66
N PRO C 198 2.08 -17.01 1.36
CA PRO C 198 3.04 -17.44 0.33
C PRO C 198 2.61 -17.16 -1.13
N GLU C 199 1.31 -16.95 -1.34
CA GLU C 199 0.76 -16.64 -2.68
C GLU C 199 0.91 -15.16 -3.07
N PHE C 200 1.01 -14.25 -2.09
CA PHE C 200 1.31 -12.83 -2.36
C PHE C 200 2.54 -12.65 -3.26
N ILE C 201 2.37 -11.88 -4.32
CA ILE C 201 3.42 -11.58 -5.28
C ILE C 201 4.22 -10.35 -4.85
N ILE C 202 5.51 -10.35 -5.17
CA ILE C 202 6.44 -9.28 -4.84
C ILE C 202 5.88 -7.87 -5.08
N ASP C 203 5.43 -7.57 -6.31
CA ASP C 203 4.84 -6.23 -6.62
C ASP C 203 3.67 -5.84 -5.70
N ASN C 204 2.75 -6.75 -5.38
CA ASN C 204 1.62 -6.43 -4.46
C ASN C 204 2.11 -5.99 -3.07
N ILE C 205 3.11 -6.72 -2.56
CA ILE C 205 3.84 -6.36 -1.35
C ILE C 205 4.52 -4.99 -1.48
N ILE C 206 5.18 -4.72 -2.61
CA ILE C 206 5.89 -3.43 -2.75
C ILE C 206 4.90 -2.27 -2.66
N LYS C 207 3.87 -2.30 -3.50
CA LYS C 207 2.92 -1.18 -3.61
C LYS C 207 2.12 -0.88 -2.34
N THR C 208 1.79 -1.93 -1.59
CA THR C 208 1.17 -1.77 -0.27
C THR C 208 2.12 -1.02 0.65
N TYR C 209 3.39 -1.44 0.65
CA TYR C 209 4.40 -0.82 1.48
C TYR C 209 4.64 0.63 1.03
N LEU C 210 4.75 0.87 -0.27
CA LEU C 210 4.97 2.23 -0.80
C LEU C 210 3.81 3.16 -0.51
N SER C 211 2.60 2.59 -0.52
CA SER C 211 1.35 3.32 -0.26
C SER C 211 1.22 3.59 1.22
N ASN C 212 1.52 2.59 2.04
CA ASN C 212 1.40 2.71 3.49
C ASN C 212 2.48 3.57 4.13
N GLU C 213 3.71 3.47 3.61
CA GLU C 213 4.87 4.08 4.27
C GLU C 213 5.36 5.37 3.61
N TYR C 214 5.26 5.47 2.28
CA TYR C 214 5.77 6.65 1.57
C TYR C 214 4.69 7.41 0.78
N SER C 215 3.43 7.23 1.17
CA SER C 215 2.29 7.92 0.57
C SER C 215 2.31 7.90 -0.97
N LYS C 216 2.67 6.76 -1.52
CA LYS C 216 2.66 6.58 -2.96
C LYS C 216 1.25 6.22 -3.47
N ASP C 217 0.96 6.64 -4.69
CA ASP C 217 -0.36 6.47 -5.30
C ASP C 217 -0.51 5.09 -5.94
N LEU C 218 -1.39 4.27 -5.37
CA LEU C 218 -1.61 2.89 -5.82
C LEU C 218 -2.02 2.83 -7.28
N GLU C 219 -2.91 3.73 -7.67
CA GLU C 219 -3.44 3.73 -9.02
C GLU C 219 -2.29 3.97 -10.00
N ALA C 220 -1.33 4.80 -9.60
CA ALA C 220 -0.18 5.14 -10.45
C ALA C 220 0.84 4.01 -10.52
N LEU C 221 1.03 3.34 -9.38
CA LEU C 221 1.86 2.14 -9.33
C LEU C 221 1.30 1.05 -10.23
N ASN C 222 -0.01 0.81 -10.14
CA ASN C 222 -0.73 -0.17 -10.93
C ASN C 222 -0.64 0.14 -12.41
N LYS C 223 -0.79 1.42 -12.74
CA LYS C 223 -0.65 1.82 -14.13
C LYS C 223 0.74 1.52 -14.65
N TYR C 224 1.77 1.89 -13.88
CA TYR C 224 3.17 1.62 -14.28
C TYR C 224 3.39 0.15 -14.60
N ILE C 225 2.85 -0.73 -13.76
CA ILE C 225 2.95 -2.19 -13.92
C ILE C 225 2.24 -2.62 -15.23
N GLU C 226 1.05 -2.09 -15.46
CA GLU C 226 0.26 -2.36 -16.67
C GLU C 226 1.05 -1.96 -17.89
N GLU C 227 1.58 -0.75 -17.87
CA GLU C 227 2.29 -0.24 -19.04
C GLU C 227 3.59 -0.98 -19.24
N SER C 228 4.19 -1.48 -18.15
CA SER C 228 5.43 -2.27 -18.27
C SER C 228 5.10 -3.65 -18.83
N LEU C 229 4.05 -4.26 -18.32
CA LEU C 229 3.57 -5.53 -18.86
C LEU C 229 3.24 -5.42 -20.35
N ASN C 230 2.50 -4.39 -20.75
CA ASN C 230 2.09 -4.28 -22.16
C ASN C 230 3.27 -4.07 -23.10
N LYS C 231 4.28 -3.31 -22.67
CA LYS C 231 5.48 -3.08 -23.49
C LYS C 231 6.33 -4.33 -23.74
N ILE C 232 6.65 -5.08 -22.69
CA ILE C 232 7.42 -6.33 -22.89
C ILE C 232 6.60 -7.36 -23.66
N THR C 233 5.30 -7.42 -23.35
CA THR C 233 4.37 -8.29 -24.05
C THR C 233 4.29 -7.97 -25.53
N ALA C 234 4.24 -6.68 -25.88
CA ALA C 234 4.24 -6.26 -27.30
C ALA C 234 5.53 -6.64 -28.02
N ASN C 235 6.62 -6.80 -27.28
CA ASN C 235 7.88 -7.23 -27.85
C ASN C 235 8.15 -8.73 -27.73
N ASN C 236 7.08 -9.52 -27.54
CA ASN C 236 7.18 -10.98 -27.35
C ASN C 236 8.22 -11.40 -26.28
N GLY C 237 8.22 -10.71 -25.14
CA GLY C 237 9.07 -11.09 -24.02
C GLY C 237 8.70 -12.43 -23.37
N ASN C 238 9.55 -12.90 -22.46
CA ASN C 238 9.38 -14.21 -21.85
C ASN C 238 9.35 -14.09 -20.32
N ASP C 239 8.22 -14.43 -19.72
CA ASP C 239 8.05 -14.31 -18.29
C ASP C 239 8.78 -15.51 -17.66
N ILE C 240 9.67 -15.25 -16.70
CA ILE C 240 10.32 -16.35 -15.98
C ILE C 240 9.32 -17.02 -15.02
N ARG C 241 8.21 -16.35 -14.76
CA ARG C 241 7.18 -16.86 -13.84
C ARG C 241 6.32 -18.00 -14.41
N ASN C 242 6.67 -18.47 -15.61
CA ASN C 242 6.17 -19.75 -16.11
C ASN C 242 7.14 -20.94 -15.89
N LEU C 243 8.41 -20.83 -16.30
CA LEU C 243 9.23 -22.01 -16.54
C LEU C 243 9.85 -22.48 -15.23
N GLU C 244 10.10 -23.88 -15.20
CA GLU C 244 10.32 -24.59 -13.93
C GLU C 244 11.64 -25.40 -13.75
N LYS C 245 12.41 -25.61 -14.83
CA LYS C 245 13.69 -26.33 -14.71
C LYS C 245 14.89 -25.45 -14.29
N PHE C 246 14.95 -24.23 -14.88
CA PHE C 246 15.89 -23.19 -14.40
C PHE C 246 15.74 -22.89 -12.89
N ALA C 247 14.59 -23.36 -12.34
CA ALA C 247 14.30 -23.09 -10.94
C ALA C 247 14.99 -24.07 -9.98
N ASP C 248 16.33 -24.10 -10.04
CA ASP C 248 17.16 -24.77 -9.05
C ASP C 248 17.06 -23.94 -7.76
N GLU C 249 16.63 -24.57 -6.67
CA GLU C 249 16.09 -23.81 -5.54
C GLU C 249 17.05 -22.93 -4.73
N ASP C 250 18.32 -23.29 -4.65
CA ASP C 250 19.28 -22.40 -4.02
C ASP C 250 19.61 -21.17 -4.88
N LEU C 251 19.68 -21.35 -6.19
CA LEU C 251 19.83 -20.20 -7.11
C LEU C 251 18.60 -19.30 -7.07
N VAL C 252 17.41 -19.89 -7.00
CA VAL C 252 16.15 -19.12 -6.84
C VAL C 252 16.18 -18.24 -5.59
N ARG C 253 16.54 -18.83 -4.46
CA ARG C 253 16.74 -18.09 -3.24
C ARG C 253 17.70 -16.92 -3.47
N LEU C 254 18.89 -17.21 -4.01
CA LEU C 254 19.89 -16.18 -4.27
C LEU C 254 19.33 -15.11 -5.21
N TYR C 255 18.68 -15.52 -6.29
CA TYR C 255 18.01 -14.59 -7.21
C TYR C 255 17.07 -13.64 -6.46
N ASN C 256 16.35 -14.19 -5.49
CA ASN C 256 15.29 -13.45 -4.83
C ASN C 256 15.84 -12.48 -3.78
N GLN C 257 16.88 -12.91 -3.07
CA GLN C 257 17.67 -12.04 -2.16
C GLN C 257 18.20 -10.82 -2.92
N GLU C 258 18.80 -11.03 -4.08
CA GLU C 258 19.35 -9.89 -4.80
C GLU C 258 18.24 -9.00 -5.36
N LEU C 259 17.13 -9.61 -5.74
CA LEU C 259 16.01 -8.92 -6.39
C LEU C 259 15.26 -8.07 -5.37
N VAL C 260 14.80 -8.73 -4.29
CA VAL C 260 13.82 -8.12 -3.38
C VAL C 260 14.45 -7.49 -2.15
N GLU C 261 15.57 -8.06 -1.69
CA GLU C 261 16.26 -7.55 -0.51
C GLU C 261 17.31 -6.53 -0.89
N ARG C 262 18.18 -6.88 -1.82
CA ARG C 262 19.36 -6.03 -2.10
C ARG C 262 19.07 -5.01 -3.19
N TRP C 263 17.99 -5.26 -3.95
CA TRP C 263 17.54 -4.39 -5.04
C TRP C 263 18.61 -4.22 -6.11
N ASN C 264 19.45 -5.24 -6.24
CA ASN C 264 20.57 -5.23 -7.18
C ASN C 264 20.21 -6.08 -8.37
N LEU C 265 19.73 -5.42 -9.41
CA LEU C 265 19.21 -6.11 -10.60
C LEU C 265 20.29 -6.65 -11.50
N ALA C 266 21.47 -6.03 -11.49
CA ALA C 266 22.66 -6.57 -12.15
C ALA C 266 23.05 -7.95 -11.59
N ALA C 267 23.13 -8.06 -10.29
CA ALA C 267 23.38 -9.32 -9.61
C ALA C 267 22.26 -10.33 -9.88
N ALA C 268 21.00 -9.92 -9.80
CA ALA C 268 19.91 -10.91 -10.00
C ALA C 268 19.96 -11.46 -11.44
N SER C 269 20.19 -10.56 -12.39
CA SER C 269 20.45 -10.88 -13.79
C SER C 269 21.71 -11.72 -13.98
N ASP C 270 22.77 -11.40 -13.23
CA ASP C 270 23.96 -12.26 -13.18
C ASP C 270 23.59 -13.69 -12.87
N ILE C 271 22.73 -13.87 -11.88
CA ILE C 271 22.37 -15.20 -11.39
C ILE C 271 21.44 -15.90 -12.43
N LEU C 272 20.53 -15.12 -12.97
CA LEU C 272 19.51 -15.65 -13.86
C LEU C 272 20.10 -16.05 -15.23
N ARG C 273 21.10 -15.32 -15.71
CA ARG C 273 21.68 -15.58 -17.02
C ARG C 273 22.36 -16.95 -17.12
N ILE C 274 23.17 -17.31 -16.11
CA ILE C 274 23.86 -18.58 -16.13
C ILE C 274 22.88 -19.73 -15.93
N SER C 275 21.81 -19.47 -15.19
CA SER C 275 20.82 -20.49 -15.01
C SER C 275 20.07 -20.74 -16.33
N MET C 276 19.76 -19.69 -17.09
CA MET C 276 19.03 -19.91 -18.32
C MET C 276 19.89 -20.58 -19.38
N LEU C 277 21.18 -20.22 -19.44
CA LEU C 277 22.10 -20.85 -20.39
C LEU C 277 22.30 -22.33 -20.09
N LYS C 278 22.36 -22.68 -18.80
CA LYS C 278 22.49 -24.08 -18.45
C LYS C 278 21.28 -24.89 -18.92
N GLU C 279 20.09 -24.31 -18.81
CA GLU C 279 18.89 -25.09 -19.07
C GLU C 279 18.48 -25.14 -20.52
N ASP C 280 18.89 -24.10 -21.26
CA ASP C 280 18.47 -23.88 -22.65
C ASP C 280 19.66 -23.99 -23.60
N GLY C 281 20.83 -23.53 -23.19
CA GLY C 281 21.93 -23.35 -24.13
C GLY C 281 21.74 -22.13 -25.03
N GLY C 282 22.83 -21.60 -25.55
CA GLY C 282 22.73 -20.47 -26.44
C GLY C 282 23.71 -19.37 -26.10
N VAL C 283 23.29 -18.14 -26.40
CA VAL C 283 24.11 -16.95 -26.34
C VAL C 283 23.38 -15.95 -25.46
N TYR C 284 24.02 -15.52 -24.37
CA TYR C 284 23.49 -14.48 -23.51
C TYR C 284 24.09 -13.13 -23.89
N LEU C 285 23.26 -12.08 -23.96
CA LEU C 285 23.77 -10.73 -24.18
C LEU C 285 23.17 -9.68 -23.26
N ASP C 286 24.00 -8.78 -22.72
CA ASP C 286 23.45 -7.54 -22.07
C ASP C 286 22.71 -6.70 -23.11
N VAL C 287 21.65 -6.00 -22.68
CA VAL C 287 20.82 -5.23 -23.63
C VAL C 287 21.55 -4.09 -24.33
N ASP C 288 22.78 -3.79 -23.85
CA ASP C 288 23.58 -2.67 -24.38
C ASP C 288 24.63 -3.12 -25.40
N MET C 289 24.55 -4.40 -25.79
CA MET C 289 25.44 -5.01 -26.77
C MET C 289 24.81 -4.96 -28.17
N LEU C 290 25.64 -4.73 -29.18
CA LEU C 290 25.18 -4.75 -30.57
C LEU C 290 25.90 -5.85 -31.41
N PRO C 291 25.32 -6.26 -32.56
CA PRO C 291 26.00 -7.25 -33.42
C PRO C 291 27.35 -6.75 -33.91
N GLY C 292 28.31 -7.67 -34.10
CA GLY C 292 29.52 -7.33 -34.80
C GLY C 292 29.21 -6.76 -36.19
N ILE C 293 30.18 -6.05 -36.77
CA ILE C 293 30.04 -5.47 -38.09
C ILE C 293 30.67 -6.44 -39.10
N GLN C 294 30.11 -6.55 -40.30
CA GLN C 294 30.71 -7.37 -41.37
C GLN C 294 32.13 -6.92 -41.62
N PRO C 295 33.13 -7.81 -41.43
CA PRO C 295 34.55 -7.43 -41.52
C PRO C 295 34.97 -6.69 -42.81
N ASP C 296 34.25 -6.91 -43.91
CA ASP C 296 34.57 -6.36 -45.21
C ASP C 296 33.88 -5.00 -45.44
N LEU C 297 32.86 -4.69 -44.64
CA LEU C 297 32.08 -3.46 -44.82
C LEU C 297 32.95 -2.20 -44.82
N PHE C 298 33.78 -2.03 -43.79
CA PHE C 298 34.68 -0.88 -43.74
C PHE C 298 36.18 -1.15 -43.93
N LYS C 299 36.53 -2.32 -44.48
CA LYS C 299 37.95 -2.73 -44.60
C LYS C 299 38.80 -1.85 -45.53
N SER C 300 38.14 -1.11 -46.42
CA SER C 300 38.85 -0.31 -47.43
C SER C 300 39.21 1.10 -46.91
N ILE C 301 38.54 1.52 -45.84
CA ILE C 301 38.72 2.85 -45.26
C ILE C 301 39.81 2.73 -44.20
N ASN C 302 40.92 3.42 -44.41
CA ASN C 302 42.03 3.36 -43.47
C ASN C 302 41.79 4.30 -42.27
N LYS C 303 41.97 3.79 -41.06
CA LYS C 303 41.92 4.62 -39.86
C LYS C 303 43.00 5.72 -39.91
N PRO C 304 42.60 7.01 -39.76
CA PRO C 304 43.64 8.03 -39.57
C PRO C 304 44.56 7.62 -38.40
N ASP C 305 45.86 7.78 -38.60
CA ASP C 305 46.87 7.36 -37.62
C ASP C 305 46.60 7.78 -36.17
N SER C 306 46.17 9.03 -35.98
CA SER C 306 45.94 9.60 -34.65
C SER C 306 44.74 9.04 -33.87
N ILE C 307 43.85 8.36 -34.57
CA ILE C 307 42.65 7.82 -33.92
C ILE C 307 42.99 6.47 -33.27
N THR C 308 42.59 6.26 -32.02
CA THR C 308 42.83 4.97 -31.36
C THR C 308 41.93 3.90 -31.97
N ASN C 309 42.33 2.63 -31.84
CA ASN C 309 41.53 1.52 -32.34
C ASN C 309 40.11 1.52 -31.79
N THR C 310 40.03 1.86 -30.51
CA THR C 310 38.82 1.85 -29.74
C THR C 310 37.85 2.88 -30.28
N SER C 311 38.33 4.08 -30.55
CA SER C 311 37.50 5.14 -31.10
C SER C 311 37.06 4.84 -32.52
N TRP C 312 37.90 4.18 -33.30
CA TRP C 312 37.54 3.75 -34.66
C TRP C 312 36.37 2.77 -34.64
N GLU C 313 36.37 1.86 -33.68
CA GLU C 313 35.28 0.90 -33.50
C GLU C 313 33.96 1.61 -33.21
N MET C 314 34.02 2.54 -32.28
CA MET C 314 32.91 3.45 -31.96
C MET C 314 32.38 4.21 -33.19
N ILE C 315 33.30 4.76 -33.97
CA ILE C 315 32.97 5.54 -35.17
C ILE C 315 32.26 4.68 -36.25
N LYS C 316 32.63 3.40 -36.32
CA LYS C 316 32.03 2.46 -37.26
C LYS C 316 30.52 2.27 -37.00
N LEU C 317 30.16 2.16 -35.72
CA LEU C 317 28.77 2.07 -35.33
C LEU C 317 28.03 3.38 -35.56
N GLU C 318 28.71 4.52 -35.36
CA GLU C 318 28.08 5.82 -35.59
C GLU C 318 27.85 6.13 -37.06
N ALA C 319 28.74 5.64 -37.92
CA ALA C 319 28.60 5.76 -39.35
C ALA C 319 27.35 4.99 -39.78
N ILE C 320 27.24 3.75 -39.28
CA ILE C 320 26.11 2.88 -39.62
C ILE C 320 24.81 3.56 -39.28
N MET C 321 24.76 4.14 -38.09
CA MET C 321 23.53 4.75 -37.58
C MET C 321 23.20 6.09 -38.22
N LYS C 322 24.22 6.81 -38.72
CA LYS C 322 24.03 8.07 -39.41
C LYS C 322 23.31 7.87 -40.75
N TYR C 323 23.68 6.82 -41.46
CA TYR C 323 23.25 6.65 -42.84
C TYR C 323 22.12 5.64 -43.01
N LYS C 324 22.01 4.69 -42.08
CA LYS C 324 20.87 3.76 -42.05
C LYS C 324 19.76 4.13 -41.06
N GLU C 325 20.13 4.82 -39.96
CA GLU C 325 19.20 5.24 -38.92
C GLU C 325 18.40 4.05 -38.33
N TYR C 326 19.07 2.91 -38.15
CA TYR C 326 18.45 1.71 -37.56
C TYR C 326 18.02 1.97 -36.11
N ILE C 327 18.76 2.84 -35.43
CA ILE C 327 18.47 3.21 -34.06
C ILE C 327 18.34 4.74 -33.98
N PRO C 328 17.12 5.24 -33.77
CA PRO C 328 16.93 6.69 -33.65
C PRO C 328 17.60 7.25 -32.40
N GLY C 329 18.22 8.42 -32.55
CA GLY C 329 18.91 9.08 -31.45
C GLY C 329 20.34 8.62 -31.23
N TYR C 330 20.84 7.73 -32.08
CA TYR C 330 22.19 7.25 -31.88
C TYR C 330 23.18 8.39 -32.10
N THR C 331 24.07 8.57 -31.14
CA THR C 331 25.04 9.63 -31.21
C THR C 331 25.82 9.57 -32.51
N SER C 332 26.21 10.73 -33.03
CA SER C 332 27.24 10.79 -34.07
C SER C 332 28.36 11.75 -33.68
N LYS C 333 28.48 12.02 -32.38
CA LYS C 333 29.47 12.96 -31.81
C LYS C 333 30.90 12.79 -32.33
N ASN C 334 31.35 11.55 -32.42
CA ASN C 334 32.70 11.25 -32.85
C ASN C 334 32.83 11.16 -34.38
N PHE C 335 31.84 10.56 -35.04
CA PHE C 335 31.74 10.58 -36.50
C PHE C 335 31.81 12.02 -37.04
N ASP C 336 31.09 12.93 -36.41
CA ASP C 336 31.00 14.31 -36.93
C ASP C 336 32.35 15.04 -36.92
N MET C 337 33.32 14.52 -36.18
CA MET C 337 34.65 15.12 -36.10
C MET C 337 35.65 14.57 -37.12
N LEU C 338 35.26 13.57 -37.90
CA LEU C 338 36.11 13.07 -38.99
C LEU C 338 36.18 14.09 -40.13
N ASP C 339 37.31 14.09 -40.84
CA ASP C 339 37.51 14.90 -42.05
C ASP C 339 36.45 14.54 -43.10
N GLU C 340 35.95 15.58 -43.78
CA GLU C 340 34.93 15.49 -44.83
C GLU C 340 35.10 14.26 -45.73
N GLU C 341 36.33 14.04 -46.19
CA GLU C 341 36.62 12.93 -47.12
C GLU C 341 36.47 11.55 -46.48
N VAL C 342 36.71 11.47 -45.18
CA VAL C 342 36.57 10.21 -44.46
C VAL C 342 35.09 9.90 -44.18
N GLN C 343 34.31 10.92 -43.82
CA GLN C 343 32.86 10.77 -43.68
C GLN C 343 32.19 10.29 -44.96
N ARG C 344 32.67 10.78 -46.10
CA ARG C 344 32.16 10.38 -47.41
C ARG C 344 32.60 8.95 -47.74
N SER C 345 33.80 8.58 -47.31
CA SER C 345 34.22 7.17 -47.35
C SER C 345 33.18 6.27 -46.71
N PHE C 346 32.70 6.63 -45.51
CA PHE C 346 31.71 5.82 -44.80
C PHE C 346 30.36 5.80 -45.51
N GLU C 347 29.92 6.97 -45.99
CA GLU C 347 28.65 7.15 -46.70
C GLU C 347 28.62 6.31 -47.98
N SER C 348 29.73 6.37 -48.71
CA SER C 348 29.89 5.62 -49.96
C SER C 348 29.87 4.11 -49.73
N ALA C 349 30.45 3.67 -48.61
CA ALA C 349 30.50 2.27 -48.22
C ALA C 349 29.10 1.73 -47.86
N LEU C 350 28.28 2.58 -47.28
CA LEU C 350 26.93 2.21 -46.84
C LEU C 350 25.86 2.42 -47.94
N SER C 351 26.27 2.98 -49.08
CA SER C 351 25.38 3.23 -50.23
C SER C 351 24.87 1.94 -50.86
N SER C 352 25.80 1.02 -51.11
CA SER C 352 25.53 -0.18 -51.90
C SER C 352 24.98 -1.35 -51.12
N LYS C 353 24.61 -1.13 -49.85
CA LYS C 353 24.09 -2.20 -48.99
C LYS C 353 22.69 -1.85 -48.47
N SER C 354 21.67 -2.58 -48.96
CA SER C 354 20.30 -2.39 -48.48
C SER C 354 19.86 -3.45 -47.47
N ASP C 355 20.60 -4.55 -47.40
CA ASP C 355 20.28 -5.66 -46.48
C ASP C 355 21.07 -5.58 -45.17
N LYS C 356 20.37 -5.53 -44.05
CA LYS C 356 21.00 -5.41 -42.74
C LYS C 356 22.05 -6.51 -42.44
N SER C 357 21.89 -7.68 -43.07
CA SER C 357 22.84 -8.78 -42.92
C SER C 357 24.13 -8.58 -43.73
N GLU C 358 24.15 -7.58 -44.61
CA GLU C 358 25.37 -7.19 -45.32
C GLU C 358 26.11 -6.14 -44.48
N ILE C 359 25.48 -5.70 -43.39
CA ILE C 359 26.02 -4.64 -42.54
C ILE C 359 26.46 -5.22 -41.18
N PHE C 360 25.52 -5.85 -40.48
CA PHE C 360 25.83 -6.57 -39.25
C PHE C 360 26.14 -8.03 -39.59
N LEU C 361 26.92 -8.66 -38.72
CA LEU C 361 27.32 -10.03 -38.93
C LEU C 361 26.41 -10.95 -38.12
N PRO C 362 25.69 -11.85 -38.83
CA PRO C 362 24.88 -12.90 -38.20
C PRO C 362 25.74 -13.89 -37.43
N LEU C 363 25.19 -14.43 -36.35
CA LEU C 363 25.92 -15.36 -35.53
C LEU C 363 26.17 -16.68 -36.26
N ASP C 364 25.21 -17.11 -37.06
CA ASP C 364 25.21 -18.42 -37.71
C ASP C 364 25.62 -19.57 -36.75
N ASP C 365 26.59 -20.40 -37.14
CA ASP C 365 27.08 -21.43 -36.24
C ASP C 365 28.22 -20.89 -35.37
N ILE C 366 28.04 -21.03 -34.06
CA ILE C 366 29.08 -20.78 -33.07
C ILE C 366 29.44 -22.10 -32.41
N LYS C 367 30.64 -22.58 -32.69
CA LYS C 367 31.08 -23.86 -32.13
C LYS C 367 31.64 -23.65 -30.73
N VAL C 368 31.27 -24.54 -29.81
CA VAL C 368 31.71 -24.46 -28.42
C VAL C 368 31.88 -25.87 -27.84
N SER C 369 32.67 -25.95 -26.76
CA SER C 369 32.95 -27.21 -26.07
C SER C 369 32.03 -27.38 -24.87
N PRO C 370 31.61 -28.64 -24.55
CA PRO C 370 30.87 -28.94 -23.31
C PRO C 370 31.62 -28.54 -22.06
N LEU C 371 32.94 -28.38 -22.19
CA LEU C 371 33.80 -28.06 -21.09
C LEU C 371 33.87 -26.58 -20.76
N GLU C 372 33.26 -25.71 -21.58
CA GLU C 372 33.47 -24.27 -21.42
C GLU C 372 32.22 -23.41 -21.40
N VAL C 373 32.41 -22.18 -20.96
CA VAL C 373 31.47 -21.10 -21.19
C VAL C 373 32.37 -20.01 -21.81
N LYS C 374 32.02 -19.58 -23.04
CA LYS C 374 32.75 -18.49 -23.66
C LYS C 374 32.28 -17.15 -23.05
N ILE C 375 33.16 -16.15 -23.02
CA ILE C 375 32.92 -14.90 -22.31
C ILE C 375 33.61 -13.73 -23.01
N ALA C 376 32.97 -12.57 -22.96
CA ALA C 376 33.54 -11.33 -23.49
C ALA C 376 34.77 -10.86 -22.68
N PHE C 377 35.57 -10.00 -23.31
CA PHE C 377 36.74 -9.40 -22.68
C PHE C 377 36.65 -7.88 -22.78
N ALA C 378 36.85 -7.21 -21.66
CA ALA C 378 37.05 -5.77 -21.67
C ALA C 378 38.39 -5.53 -21.01
N ASN C 379 39.28 -4.83 -21.71
CA ASN C 379 40.54 -4.36 -21.14
C ASN C 379 41.34 -5.46 -20.50
N ASN C 380 41.63 -6.50 -21.28
CA ASN C 380 42.45 -7.63 -20.82
C ASN C 380 41.82 -8.44 -19.68
N SER C 381 40.54 -8.20 -19.39
CA SER C 381 39.83 -8.95 -18.35
C SER C 381 38.48 -9.44 -18.84
N VAL C 382 38.02 -10.58 -18.29
CA VAL C 382 36.69 -11.10 -18.61
C VAL C 382 35.57 -10.22 -18.07
N ILE C 383 34.46 -10.18 -18.81
CA ILE C 383 33.27 -9.44 -18.42
C ILE C 383 32.03 -10.24 -18.89
N ASN C 384 31.10 -10.52 -18.00
CA ASN C 384 30.05 -11.48 -18.32
C ASN C 384 28.89 -10.83 -19.09
N GLN C 385 29.18 -9.75 -19.80
CA GLN C 385 28.17 -9.03 -20.59
C GLN C 385 27.72 -9.77 -21.86
N ALA C 386 28.45 -10.85 -22.20
CA ALA C 386 28.17 -11.78 -23.30
C ALA C 386 28.80 -13.12 -22.91
N LEU C 387 28.02 -14.18 -23.14
CA LEU C 387 28.33 -15.56 -22.74
C LEU C 387 27.75 -16.51 -23.77
N ILE C 388 28.47 -17.61 -23.99
CA ILE C 388 28.02 -18.73 -24.84
C ILE C 388 28.22 -20.03 -24.10
N SER C 389 27.17 -20.85 -24.06
CA SER C 389 27.19 -22.14 -23.42
C SER C 389 26.25 -23.15 -24.06
N LEU C 390 26.75 -24.36 -24.27
CA LEU C 390 25.89 -25.53 -24.49
C LEU C 390 24.98 -25.74 -23.32
N LYS C 391 23.79 -26.22 -23.62
CA LYS C 391 22.86 -26.65 -22.59
C LYS C 391 23.59 -27.70 -21.75
N ASP C 392 23.52 -27.56 -20.40
CA ASP C 392 24.15 -28.44 -19.42
C ASP C 392 25.66 -28.62 -19.57
N SER C 393 26.38 -27.60 -20.01
CA SER C 393 27.84 -27.68 -20.09
C SER C 393 28.48 -27.90 -18.69
N TYR C 394 29.63 -28.58 -18.68
CA TYR C 394 30.41 -28.76 -17.45
C TYR C 394 30.73 -27.42 -16.76
N CYS C 395 31.15 -26.45 -17.55
CA CYS C 395 31.56 -25.16 -17.00
C CYS C 395 30.44 -24.31 -16.37
N SER C 396 29.25 -24.36 -16.95
CA SER C 396 28.09 -23.65 -16.40
C SER C 396 27.76 -24.13 -15.01
N ASP C 397 28.01 -25.42 -14.76
CA ASP C 397 27.91 -26.03 -13.43
C ASP C 397 29.01 -25.53 -12.48
N LEU C 398 30.23 -25.38 -12.98
CA LEU C 398 31.31 -24.80 -12.22
C LEU C 398 31.03 -23.35 -11.86
N VAL C 399 30.42 -22.60 -12.79
CA VAL C 399 30.15 -21.17 -12.51
C VAL C 399 29.11 -21.11 -11.44
N ILE C 400 28.05 -21.90 -11.64
CA ILE C 400 26.96 -22.04 -10.68
C ILE C 400 27.43 -22.50 -9.31
N ASN C 401 28.34 -23.48 -9.26
CA ASN C 401 28.96 -23.82 -7.98
C ASN C 401 29.80 -22.70 -7.31
N GLN C 402 30.40 -21.82 -8.10
CA GLN C 402 31.16 -20.70 -7.56
C GLN C 402 30.25 -19.71 -6.89
N ILE C 403 29.11 -19.44 -7.56
CA ILE C 403 28.12 -18.50 -7.05
C ILE C 403 27.61 -18.94 -5.69
N LYS C 404 27.11 -20.18 -5.62
CA LYS C 404 26.64 -20.83 -4.39
C LYS C 404 27.66 -20.85 -3.25
N ASN C 405 28.91 -21.24 -3.54
CA ASN C 405 29.96 -21.35 -2.52
C ASN C 405 30.37 -19.99 -1.98
N ARG C 406 30.38 -19.00 -2.85
CA ARG C 406 30.70 -17.62 -2.45
C ARG C 406 29.56 -17.06 -1.61
N TYR C 407 28.32 -17.28 -2.06
CA TYR C 407 27.17 -16.76 -1.31
C TYR C 407 26.95 -17.46 0.03
N LYS C 408 27.39 -18.71 0.17
CA LYS C 408 27.33 -19.41 1.46
C LYS C 408 28.16 -18.67 2.50
N ILE C 409 29.41 -18.36 2.13
CA ILE C 409 30.30 -17.57 2.98
C ILE C 409 29.66 -16.24 3.38
N LEU C 410 29.21 -15.46 2.39
CA LEU C 410 28.60 -14.17 2.66
C LEU C 410 27.43 -14.32 3.63
N ASN C 411 26.49 -15.22 3.30
CA ASN C 411 25.22 -15.31 4.03
C ASN C 411 25.36 -15.90 5.44
N ASP C 412 26.12 -16.99 5.56
CA ASP C 412 26.39 -17.59 6.86
C ASP C 412 26.99 -16.61 7.83
N ASN C 413 27.64 -15.55 7.32
CA ASN C 413 28.27 -14.57 8.19
C ASN C 413 27.46 -13.29 8.29
N LEU C 414 26.86 -12.86 7.17
CA LEU C 414 26.08 -11.63 7.20
C LEU C 414 24.75 -11.78 7.95
N ASN C 415 24.08 -12.92 7.77
CA ASN C 415 22.78 -13.13 8.41
C ASN C 415 22.79 -12.99 9.93
N PRO C 416 23.68 -13.74 10.63
CA PRO C 416 23.82 -13.58 12.08
C PRO C 416 24.17 -12.14 12.48
N SER C 417 24.99 -11.47 11.67
CA SER C 417 25.40 -10.09 11.94
C SER C 417 24.17 -9.19 11.91
N ILE C 418 23.34 -9.37 10.89
CA ILE C 418 22.11 -8.58 10.72
C ILE C 418 21.18 -8.71 11.94
N ASN C 419 21.14 -9.92 12.51
CA ASN C 419 20.33 -10.24 13.71
C ASN C 419 20.79 -9.58 15.01
N GLU C 420 22.10 -9.54 15.21
CA GLU C 420 22.61 -8.70 16.27
C GLU C 420 23.14 -7.37 15.73
N GLY C 421 22.21 -6.44 15.57
CA GLY C 421 22.54 -5.07 15.22
C GLY C 421 21.35 -4.23 15.62
N THR C 422 21.65 -3.01 16.09
CA THR C 422 20.62 -1.98 16.27
C THR C 422 20.58 -1.09 15.05
N ASP C 423 21.63 -1.16 14.23
CA ASP C 423 21.91 -0.16 13.20
C ASP C 423 22.91 -0.66 12.17
N PHE C 424 23.33 0.23 11.28
CA PHE C 424 24.28 -0.11 10.24
C PHE C 424 25.71 -0.40 10.75
N ASN C 425 26.22 0.46 11.62
CA ASN C 425 27.59 0.36 12.11
C ASN C 425 27.88 -0.85 13.00
N THR C 426 26.98 -1.14 13.94
CA THR C 426 27.02 -2.37 14.73
C THR C 426 27.01 -3.64 13.84
N THR C 427 26.07 -3.69 12.89
CA THR C 427 25.98 -4.83 11.97
C THR C 427 27.30 -5.02 11.21
N MET C 428 27.81 -3.91 10.65
CA MET C 428 29.07 -3.94 9.87
C MET C 428 30.29 -4.44 10.64
N LYS C 429 30.44 -4.02 11.90
CA LYS C 429 31.57 -4.42 12.74
C LYS C 429 31.51 -5.91 13.05
N ILE C 430 30.38 -6.37 13.57
CA ILE C 430 30.13 -7.82 13.73
C ILE C 430 30.45 -8.58 12.42
N PHE C 431 30.01 -8.04 11.29
CA PHE C 431 30.23 -8.71 10.00
C PHE C 431 31.71 -8.80 9.61
N SER C 432 32.41 -7.67 9.57
CA SER C 432 33.83 -7.70 9.18
C SER C 432 34.69 -8.48 10.19
N ASP C 433 34.37 -8.34 11.49
CA ASP C 433 34.99 -9.17 12.54
C ASP C 433 34.81 -10.66 12.23
N LYS C 434 33.56 -11.06 11.92
CA LYS C 434 33.26 -12.46 11.58
C LYS C 434 34.07 -12.93 10.38
N LEU C 435 34.27 -12.06 9.41
CA LEU C 435 35.02 -12.40 8.18
C LEU C 435 36.52 -12.49 8.43
N ALA C 436 37.03 -11.54 9.21
CA ALA C 436 38.42 -11.54 9.64
C ALA C 436 38.80 -12.86 10.32
N SER C 437 37.89 -13.42 11.10
CA SER C 437 38.15 -14.61 11.91
C SER C 437 38.35 -15.91 11.14
N ILE C 438 37.96 -15.91 9.86
CA ILE C 438 38.02 -17.10 9.00
C ILE C 438 38.81 -16.86 7.70
N SER C 439 39.51 -15.73 7.68
CA SER C 439 40.31 -15.33 6.53
C SER C 439 41.71 -15.97 6.55
N ASN C 440 42.32 -16.02 5.37
CA ASN C 440 43.61 -16.64 5.14
C ASN C 440 44.13 -16.20 3.78
N GLU C 441 45.36 -16.62 3.45
CA GLU C 441 46.05 -16.15 2.24
C GLU C 441 45.25 -16.46 0.99
N ASP C 442 44.61 -17.62 1.01
CA ASP C 442 43.87 -18.12 -0.13
C ASP C 442 42.59 -17.31 -0.43
N ASN C 443 41.88 -16.92 0.63
CA ASN C 443 40.59 -16.22 0.48
C ASN C 443 40.54 -14.74 0.88
N MET C 444 41.70 -14.17 1.24
CA MET C 444 41.78 -12.82 1.82
C MET C 444 41.15 -11.74 0.98
N MET C 445 41.45 -11.75 -0.32
CA MET C 445 40.94 -10.75 -1.26
C MET C 445 39.44 -10.87 -1.48
N PHE C 446 38.89 -12.08 -1.44
CA PHE C 446 37.44 -12.29 -1.49
C PHE C 446 36.80 -11.66 -0.25
N MET C 447 37.40 -11.93 0.91
CA MET C 447 36.89 -11.43 2.21
C MET C 447 36.83 -9.91 2.23
N ILE C 448 37.85 -9.28 1.69
CA ILE C 448 37.97 -7.84 1.65
C ILE C 448 36.89 -7.27 0.71
N LYS C 449 36.79 -7.85 -0.48
CA LYS C 449 35.92 -7.34 -1.54
C LYS C 449 34.45 -7.51 -1.17
N ILE C 450 34.21 -8.53 -0.36
CA ILE C 450 32.89 -8.88 0.07
C ILE C 450 32.43 -8.08 1.29
N THR C 451 33.39 -7.48 2.01
CA THR C 451 33.12 -6.77 3.27
C THR C 451 32.04 -5.67 3.15
N ASN C 452 32.04 -4.96 2.02
CA ASN C 452 31.15 -3.80 1.89
C ASN C 452 29.82 -4.10 1.19
N TYR C 453 29.44 -5.38 1.20
CA TYR C 453 28.21 -5.86 0.54
C TYR C 453 26.96 -4.98 0.70
N LEU C 454 26.69 -4.53 1.93
CA LEU C 454 25.45 -3.82 2.23
C LEU C 454 25.39 -2.43 1.58
N LYS C 455 26.53 -1.98 1.06
CA LYS C 455 26.66 -0.65 0.46
C LYS C 455 26.46 -0.67 -1.05
N VAL C 456 26.43 -1.85 -1.65
CA VAL C 456 26.28 -1.99 -3.10
C VAL C 456 25.09 -1.16 -3.60
N GLY C 457 25.37 -0.27 -4.55
CA GLY C 457 24.34 0.58 -5.14
C GLY C 457 24.17 1.93 -4.44
N PHE C 458 24.72 2.07 -3.23
CA PHE C 458 24.41 3.19 -2.34
C PHE C 458 25.60 4.08 -2.09
N ALA C 459 26.79 3.53 -2.24
CA ALA C 459 28.03 4.25 -1.95
C ALA C 459 29.06 4.00 -3.05
N PRO C 460 29.99 4.96 -3.27
CA PRO C 460 31.01 4.83 -4.32
C PRO C 460 32.10 3.77 -4.05
N ASP C 461 32.67 3.24 -5.14
CA ASP C 461 33.79 2.29 -5.11
C ASP C 461 33.51 0.99 -4.34
N VAL C 462 32.44 0.29 -4.70
CA VAL C 462 32.07 -0.96 -4.03
C VAL C 462 32.12 -2.11 -5.03
N ARG C 463 32.85 -3.15 -4.66
CA ARG C 463 33.35 -4.14 -5.61
C ARG C 463 32.75 -5.54 -5.45
N SER C 464 31.72 -5.65 -4.60
CA SER C 464 31.25 -6.95 -4.13
C SER C 464 30.59 -7.80 -5.21
N THR C 465 29.79 -7.17 -6.05
CA THR C 465 29.09 -7.88 -7.13
C THR C 465 30.01 -8.71 -8.05
N ILE C 466 31.11 -8.11 -8.49
CA ILE C 466 32.08 -8.75 -9.40
C ILE C 466 32.58 -10.09 -8.84
N ASN C 467 32.69 -10.15 -7.52
CA ASN C 467 33.27 -11.27 -6.82
C ASN C 467 32.27 -12.26 -6.28
N LEU C 468 30.97 -11.93 -6.31
CA LEU C 468 29.90 -12.84 -5.88
C LEU C 468 29.09 -13.50 -7.01
N SER C 469 28.79 -12.73 -8.07
CA SER C 469 27.93 -13.18 -9.22
C SER C 469 28.50 -12.80 -10.61
N GLY C 470 29.46 -11.88 -10.64
CA GLY C 470 30.01 -11.35 -11.89
C GLY C 470 31.30 -12.00 -12.40
N PRO C 471 32.11 -11.22 -13.15
CA PRO C 471 33.34 -11.71 -13.74
C PRO C 471 34.21 -12.63 -12.86
N GLY C 472 34.33 -12.32 -11.56
CA GLY C 472 35.19 -13.13 -10.69
C GLY C 472 34.72 -14.56 -10.54
N VAL C 473 33.42 -14.78 -10.75
CA VAL C 473 32.94 -16.15 -10.67
C VAL C 473 33.35 -16.99 -11.91
N TYR C 474 33.58 -16.30 -13.04
CA TYR C 474 33.96 -16.97 -14.28
C TYR C 474 35.43 -17.39 -14.28
N THR C 475 36.30 -16.46 -13.88
CA THR C 475 37.73 -16.72 -13.74
C THR C 475 37.96 -17.84 -12.72
N GLY C 476 37.17 -17.86 -11.65
CA GLY C 476 37.18 -18.95 -10.67
C GLY C 476 36.88 -20.29 -11.31
N ALA C 477 35.75 -20.36 -12.02
CA ALA C 477 35.34 -21.56 -12.75
C ALA C 477 36.41 -22.03 -13.72
N TYR C 478 37.06 -21.09 -14.43
CA TYR C 478 38.13 -21.43 -15.39
C TYR C 478 39.41 -22.01 -14.75
N GLN C 479 39.81 -21.47 -13.60
CA GLN C 479 40.88 -22.08 -12.81
C GLN C 479 40.47 -23.46 -12.33
N ASP C 480 39.23 -23.57 -11.81
CA ASP C 480 38.66 -24.84 -11.39
C ASP C 480 38.82 -25.86 -12.51
N LEU C 481 38.44 -25.47 -13.72
CA LEU C 481 38.56 -26.35 -14.89
C LEU C 481 40.03 -26.80 -15.13
N LEU C 482 40.90 -25.81 -15.39
CA LEU C 482 42.28 -26.11 -15.81
C LEU C 482 43.14 -26.69 -14.70
N MET C 483 42.83 -26.38 -13.44
CA MET C 483 43.65 -26.89 -12.33
C MET C 483 43.01 -28.06 -11.59
N PHE C 484 41.86 -28.54 -12.09
CA PHE C 484 41.13 -29.68 -11.52
C PHE C 484 40.73 -29.44 -10.08
N LYS C 485 40.22 -28.24 -9.80
CA LYS C 485 39.75 -27.81 -8.48
C LYS C 485 38.25 -27.55 -8.49
N ASP C 486 37.71 -27.22 -7.32
CA ASP C 486 36.29 -26.90 -7.17
C ASP C 486 36.06 -25.72 -6.21
N ASN C 487 37.15 -25.06 -5.82
CA ASN C 487 37.09 -24.00 -4.82
C ASN C 487 37.91 -22.74 -5.15
N SER C 488 38.41 -22.62 -6.39
CA SER C 488 39.27 -21.50 -6.80
C SER C 488 38.78 -20.11 -6.39
N THR C 489 39.54 -19.45 -5.52
CA THR C 489 39.33 -18.02 -5.19
C THR C 489 40.55 -17.14 -5.52
N ASN C 490 41.77 -17.67 -5.32
CA ASN C 490 43.00 -16.90 -5.60
C ASN C 490 43.49 -17.18 -7.01
N ILE C 491 43.17 -16.24 -7.91
CA ILE C 491 43.40 -16.45 -9.34
C ILE C 491 44.85 -16.18 -9.71
N HIS C 492 45.49 -17.20 -10.26
CA HIS C 492 46.86 -17.10 -10.72
C HIS C 492 46.88 -17.21 -12.24
N LEU C 493 45.71 -17.51 -12.84
CA LEU C 493 45.58 -17.58 -14.30
C LEU C 493 45.83 -16.22 -14.92
N LEU C 494 46.59 -16.22 -16.00
CA LEU C 494 46.94 -15.02 -16.72
C LEU C 494 46.14 -14.86 -18.02
N GLU C 495 46.19 -13.66 -18.59
CA GLU C 495 45.35 -13.29 -19.70
C GLU C 495 45.40 -14.26 -20.88
N PRO C 496 46.62 -14.67 -21.32
CA PRO C 496 46.72 -15.65 -22.41
C PRO C 496 45.97 -16.95 -22.16
N GLU C 497 45.93 -17.40 -20.90
CA GLU C 497 45.25 -18.64 -20.56
C GLU C 497 43.74 -18.39 -20.50
N LEU C 498 43.36 -17.19 -20.06
CA LEU C 498 41.95 -16.85 -20.01
C LEU C 498 41.37 -16.60 -21.38
N ARG C 499 42.23 -16.27 -22.35
CA ARG C 499 41.75 -15.98 -23.70
C ARG C 499 41.29 -17.20 -24.47
N ASN C 500 41.66 -18.39 -23.95
CA ASN C 500 41.14 -19.68 -24.43
C ASN C 500 39.63 -19.77 -24.36
N PHE C 501 39.01 -18.94 -23.51
CA PHE C 501 37.58 -18.89 -23.32
C PHE C 501 36.89 -17.62 -23.87
N GLU C 502 37.56 -16.84 -24.74
CA GLU C 502 36.93 -15.58 -25.21
C GLU C 502 35.80 -15.75 -26.25
N PHE C 503 34.75 -14.94 -26.07
CA PHE C 503 33.68 -14.74 -27.05
C PHE C 503 34.36 -14.45 -28.40
N PRO C 504 33.94 -15.10 -29.51
CA PRO C 504 34.48 -14.75 -30.85
C PRO C 504 34.35 -13.25 -31.20
N LYS C 505 35.50 -12.58 -31.28
CA LYS C 505 35.59 -11.13 -31.48
C LYS C 505 34.74 -10.52 -32.58
N THR C 506 34.63 -11.20 -33.73
CA THR C 506 33.90 -10.64 -34.88
C THR C 506 32.38 -10.64 -34.69
N LYS C 507 31.93 -11.37 -33.69
CA LYS C 507 30.50 -11.62 -33.59
C LYS C 507 29.78 -10.77 -32.54
N ILE C 508 30.43 -9.68 -32.12
CA ILE C 508 29.89 -8.76 -31.16
C ILE C 508 30.52 -7.38 -31.26
N SER C 509 29.72 -6.34 -31.01
CA SER C 509 30.23 -4.98 -30.86
C SER C 509 29.95 -4.47 -29.43
N GLN C 510 31.00 -4.36 -28.61
CA GLN C 510 30.80 -3.94 -27.20
C GLN C 510 30.86 -2.42 -27.02
N LEU C 511 31.50 -1.74 -27.97
CA LEU C 511 31.73 -0.31 -27.90
C LEU C 511 30.55 0.51 -28.44
N THR C 512 29.38 0.24 -27.89
CA THR C 512 28.14 0.95 -28.26
C THR C 512 27.94 2.20 -27.42
N GLU C 513 27.12 3.14 -27.89
CA GLU C 513 26.89 4.35 -27.15
C GLU C 513 26.43 4.04 -25.74
N GLN C 514 25.42 3.16 -25.63
CA GLN C 514 24.81 2.79 -24.34
C GLN C 514 25.80 2.14 -23.36
N GLU C 515 26.67 1.26 -23.85
CA GLU C 515 27.70 0.67 -22.99
C GLU C 515 28.74 1.70 -22.54
N ILE C 516 29.18 2.59 -23.45
CA ILE C 516 30.16 3.64 -23.10
C ILE C 516 29.62 4.46 -21.92
N THR C 517 28.37 4.92 -22.08
CA THR C 517 27.58 5.57 -21.03
C THR C 517 27.48 4.79 -19.69
N SER C 518 27.22 3.48 -19.77
CA SER C 518 27.12 2.64 -18.57
C SER C 518 28.49 2.34 -17.95
N LEU C 519 29.57 2.66 -18.67
CA LEU C 519 30.89 2.21 -18.23
C LEU C 519 31.56 3.28 -17.36
N TRP C 520 30.83 4.21 -16.81
CA TRP C 520 31.39 5.23 -15.92
C TRP C 520 30.99 4.98 -14.45
N ALA C 525 37.20 7.68 -10.97
CA ALA C 525 35.93 6.97 -11.11
C ALA C 525 34.97 7.29 -9.95
N ARG C 526 35.00 8.52 -9.46
CA ARG C 526 34.19 8.90 -8.30
C ARG C 526 33.61 10.33 -8.36
N ALA C 527 32.29 10.38 -8.46
CA ALA C 527 31.51 11.62 -8.54
C ALA C 527 31.10 12.14 -7.16
N LYS C 528 31.75 13.23 -6.77
CA LYS C 528 31.32 14.07 -5.65
C LYS C 528 30.41 15.18 -6.18
N SER C 529 30.22 15.19 -7.49
CA SER C 529 29.40 16.19 -8.17
C SER C 529 27.90 15.97 -7.94
N GLN C 530 27.50 14.73 -7.71
CA GLN C 530 26.09 14.42 -7.41
C GLN C 530 25.70 14.90 -6.02
N PHE C 531 26.68 14.99 -5.12
CA PHE C 531 26.48 15.60 -3.81
C PHE C 531 26.15 17.09 -3.95
N GLU C 532 26.87 17.75 -4.86
CA GLU C 532 26.63 19.15 -5.20
C GLU C 532 25.28 19.30 -5.89
N GLU C 533 24.97 18.35 -6.78
CA GLU C 533 23.71 18.32 -7.53
C GLU C 533 22.49 18.20 -6.61
N TYR C 534 22.64 17.46 -5.51
CA TYR C 534 21.58 17.29 -4.52
C TYR C 534 21.33 18.57 -3.72
N LYS C 535 22.41 19.26 -3.37
CA LYS C 535 22.32 20.52 -2.64
C LYS C 535 21.68 21.63 -3.49
N LYS C 536 21.95 21.61 -4.80
CA LYS C 536 21.34 22.54 -5.76
C LYS C 536 19.83 22.30 -5.94
N GLY C 537 19.34 21.16 -5.43
CA GLY C 537 17.92 20.83 -5.47
C GLY C 537 17.10 21.50 -4.38
N TYR C 538 17.67 22.54 -3.77
CA TYR C 538 16.99 23.33 -2.74
C TYR C 538 16.83 24.82 -3.13
N PHE C 539 17.38 25.18 -4.30
CA PHE C 539 17.19 26.51 -4.88
C PHE C 539 16.27 26.46 -6.12
N GLU C 540 16.13 25.27 -6.71
CA GLU C 540 15.37 25.09 -7.94
C GLU C 540 13.88 24.78 -7.73
N GLY C 541 13.39 24.97 -6.50
CA GLY C 541 11.99 24.73 -6.15
C GLY C 541 11.69 23.26 -5.90
#